data_1GKR
#
_entry.id   1GKR
#
_cell.length_a   111.500
_cell.length_b   74.300
_cell.length_c   146.900
_cell.angle_alpha   90.00
_cell.angle_beta   106.57
_cell.angle_gamma   90.00
#
_symmetry.space_group_name_H-M   'P 1 21 1'
#
loop_
_entity.id
_entity.type
_entity.pdbx_description
1 polymer 'NON-ATP DEPENDENT L-SELECTIVE HYDANTOINASE'
2 non-polymer 'ZINC ION'
3 water water
#
_entity_poly.entity_id   1
_entity_poly.type   'polypeptide(L)'
_entity_poly.pdbx_seq_one_letter_code
;MFDVIVKNCRLVSSDGITEADILVKDGKVAAISADTSDVEASRTIDAGGKFVMPGVVDEHVHIIDMDLKNRYGRFELDSE
SAAVGGITTIIEMPITFPPTTTLDAFLEKKKQAGQRLKVDFALYGGGVPGNLPEIRKMHDAGAVGF(KCX)SMMAASVPG
MFDAVSDGELFEIFQEIAACGSVIVVHAENETIIQALQKQIKAAGGKDMAAYEASQPVFQENEAIQRALLLQKEAGCRLI
VLHVSNPDGVELIHQAQSEGQDVHCESGPQYLNITTDDAERIGPYMKVAPPVRSAEMNIRLWEQLENGLIDTLGSDHGGH
PVEDKEPGWKDVWKAGNGALGLETSLPMMLTNGVNKGRLSLERLVEVMCEKPAKLFGIYPQKGTLQVGSDADLLILDLDI
DTKVDASQFRSLHKYSPFDGMPVTGAPVLTMVRGTVVAEKGEVLVEQGFGQFVTRRNYEASK
;
_entity_poly.pdbx_strand_id   A,B,C,D
#
# COMPACT_ATOMS: atom_id res chain seq x y z
N MET A 1 43.25 -35.84 20.97
CA MET A 1 43.65 -34.71 20.08
C MET A 1 42.56 -34.43 19.05
N PHE A 2 42.92 -33.75 17.96
CA PHE A 2 41.95 -33.40 16.94
C PHE A 2 42.12 -34.19 15.64
N ASP A 3 41.00 -34.52 15.01
CA ASP A 3 41.05 -35.29 13.77
C ASP A 3 41.65 -34.46 12.65
N VAL A 4 41.26 -33.20 12.56
CA VAL A 4 41.79 -32.33 11.52
C VAL A 4 41.70 -30.87 11.91
N ILE A 5 42.64 -30.09 11.42
CA ILE A 5 42.69 -28.66 11.67
C ILE A 5 42.85 -27.95 10.33
N VAL A 6 41.94 -27.02 10.06
CA VAL A 6 42.00 -26.25 8.83
C VAL A 6 42.48 -24.90 9.32
N LYS A 7 43.70 -24.52 8.97
CA LYS A 7 44.18 -23.24 9.45
C LYS A 7 44.36 -22.14 8.44
N ASN A 8 44.38 -20.92 8.96
CA ASN A 8 44.52 -19.71 8.16
C ASN A 8 43.31 -19.57 7.29
N CYS A 9 42.14 -19.64 7.92
CA CYS A 9 40.89 -19.53 7.20
C CYS A 9 40.41 -18.11 7.30
N ARG A 10 39.79 -17.62 6.22
CA ARG A 10 39.19 -16.31 6.25
C ARG A 10 37.74 -16.80 6.17
N LEU A 11 37.25 -17.18 7.33
CA LEU A 11 35.93 -17.75 7.54
C LEU A 11 34.76 -16.79 7.31
N VAL A 12 33.88 -17.11 6.36
CA VAL A 12 32.76 -16.21 6.08
C VAL A 12 31.39 -16.71 6.52
N SER A 13 30.63 -15.79 7.11
CA SER A 13 29.27 -16.07 7.58
C SER A 13 28.43 -14.94 7.01
N SER A 14 27.13 -14.98 7.25
CA SER A 14 26.28 -13.94 6.69
C SER A 14 26.62 -12.56 7.23
N ASP A 15 27.22 -12.47 8.40
CA ASP A 15 27.52 -11.14 8.89
C ASP A 15 29.00 -10.74 9.04
N GLY A 16 29.86 -11.23 8.17
CA GLY A 16 31.26 -10.84 8.26
C GLY A 16 32.29 -11.93 8.12
N ILE A 17 33.52 -11.53 7.84
CA ILE A 17 34.63 -12.46 7.69
C ILE A 17 35.48 -12.43 8.96
N THR A 18 35.75 -13.57 9.56
CA THR A 18 36.63 -13.56 10.73
C THR A 18 37.81 -14.50 10.47
N GLU A 19 39.01 -14.04 10.86
CA GLU A 19 40.21 -14.83 10.65
C GLU A 19 40.49 -15.80 11.78
N ALA A 20 40.41 -17.10 11.49
CA ALA A 20 40.66 -18.10 12.51
C ALA A 20 40.98 -19.48 11.95
N ASP A 21 41.15 -20.43 12.85
CA ASP A 21 41.42 -21.81 12.47
C ASP A 21 40.28 -22.66 12.99
N ILE A 22 39.95 -23.72 12.24
CA ILE A 22 38.88 -24.63 12.64
C ILE A 22 39.43 -25.96 13.06
N LEU A 23 39.03 -26.38 14.25
CA LEU A 23 39.44 -27.64 14.85
C LEU A 23 38.23 -28.55 14.78
N VAL A 24 38.38 -29.68 14.09
CA VAL A 24 37.27 -30.61 13.99
C VAL A 24 37.57 -31.95 14.63
N LYS A 25 36.57 -32.48 15.32
CA LYS A 25 36.68 -33.76 15.97
C LYS A 25 35.33 -34.49 15.90
N ASP A 26 35.40 -35.77 15.58
CA ASP A 26 34.23 -36.63 15.46
C ASP A 26 33.22 -36.05 14.48
N GLY A 27 33.74 -35.51 13.36
CA GLY A 27 32.90 -34.96 12.31
C GLY A 27 32.26 -33.61 12.53
N LYS A 28 32.50 -32.98 13.67
CA LYS A 28 31.90 -31.69 13.91
C LYS A 28 32.94 -30.67 14.32
N VAL A 29 32.57 -29.40 14.25
CA VAL A 29 33.49 -28.35 14.65
C VAL A 29 33.64 -28.45 16.17
N ALA A 30 34.87 -28.66 16.62
CA ALA A 30 35.12 -28.79 18.05
C ALA A 30 35.57 -27.44 18.62
N ALA A 31 36.17 -26.61 17.76
CA ALA A 31 36.64 -25.30 18.19
C ALA A 31 37.01 -24.39 17.04
N ILE A 32 36.98 -23.10 17.33
CA ILE A 32 37.37 -22.07 16.37
C ILE A 32 38.31 -21.20 17.18
N SER A 33 39.54 -21.05 16.72
CA SER A 33 40.46 -20.25 17.50
C SER A 33 41.41 -19.41 16.67
N ALA A 34 41.88 -18.33 17.28
CA ALA A 34 42.77 -17.40 16.60
C ALA A 34 44.11 -18.01 16.27
N ASP A 35 44.58 -18.91 17.11
CA ASP A 35 45.88 -19.53 16.91
C ASP A 35 45.90 -20.99 17.39
N THR A 36 46.41 -21.89 16.55
CA THR A 36 46.48 -23.30 16.90
C THR A 36 47.93 -23.84 16.94
N SER A 37 48.89 -22.93 16.99
CA SER A 37 50.31 -23.26 17.05
C SER A 37 50.69 -24.51 17.83
N ASP A 38 50.06 -24.70 18.99
CA ASP A 38 50.42 -25.86 19.77
C ASP A 38 49.34 -26.88 20.08
N VAL A 39 48.69 -27.37 19.03
CA VAL A 39 47.66 -28.40 19.19
C VAL A 39 47.97 -29.46 18.17
N GLU A 40 47.70 -30.72 18.51
CA GLU A 40 47.97 -31.80 17.58
C GLU A 40 46.73 -32.31 16.90
N ALA A 41 46.86 -32.56 15.61
CA ALA A 41 45.76 -33.06 14.80
C ALA A 41 46.30 -34.13 13.87
N SER A 42 45.51 -35.18 13.63
CA SER A 42 45.94 -36.26 12.75
C SER A 42 46.24 -35.73 11.36
N ARG A 43 45.42 -34.81 10.89
CA ARG A 43 45.56 -34.23 9.57
C ARG A 43 45.51 -32.71 9.67
N THR A 44 46.27 -32.02 8.83
CA THR A 44 46.27 -30.58 8.84
C THR A 44 46.09 -30.00 7.44
N ILE A 45 45.15 -29.07 7.31
CA ILE A 45 44.88 -28.44 6.04
C ILE A 45 45.20 -26.96 6.19
N ASP A 46 46.00 -26.42 5.28
CA ASP A 46 46.33 -25.01 5.34
C ASP A 46 45.52 -24.32 4.26
N ALA A 47 44.60 -23.44 4.67
CA ALA A 47 43.78 -22.72 3.70
C ALA A 47 44.59 -21.59 3.08
N GLY A 48 45.72 -21.27 3.70
CA GLY A 48 46.59 -20.22 3.20
C GLY A 48 45.92 -18.88 3.08
N GLY A 49 44.92 -18.64 3.91
CA GLY A 49 44.22 -17.37 3.89
C GLY A 49 43.13 -17.23 2.85
N LYS A 50 42.73 -18.33 2.22
CA LYS A 50 41.65 -18.25 1.25
C LYS A 50 40.33 -18.21 2.02
N PHE A 51 39.26 -17.83 1.35
CA PHE A 51 37.97 -17.80 2.00
C PHE A 51 37.45 -19.21 2.27
N VAL A 52 36.93 -19.41 3.47
CA VAL A 52 36.36 -20.69 3.83
C VAL A 52 34.90 -20.42 4.17
N MET A 53 33.98 -21.21 3.61
CA MET A 53 32.55 -21.03 3.87
C MET A 53 31.90 -22.36 4.20
N PRO A 54 30.67 -22.33 4.76
CA PRO A 54 30.00 -23.59 5.08
C PRO A 54 29.60 -24.28 3.79
N GLY A 55 29.41 -25.59 3.84
CA GLY A 55 29.01 -26.30 2.66
C GLY A 55 27.68 -25.73 2.20
N VAL A 56 27.48 -25.67 0.89
CA VAL A 56 26.22 -25.15 0.36
C VAL A 56 25.09 -26.15 0.62
N VAL A 57 23.93 -25.65 1.02
CA VAL A 57 22.77 -26.48 1.28
C VAL A 57 21.77 -26.17 0.19
N ASP A 58 21.58 -27.10 -0.75
CA ASP A 58 20.65 -26.90 -1.85
C ASP A 58 19.32 -27.60 -1.56
N GLU A 59 18.28 -26.80 -1.35
CA GLU A 59 16.94 -27.26 -1.02
C GLU A 59 16.12 -27.67 -2.24
N HIS A 60 16.67 -27.50 -3.43
CA HIS A 60 15.90 -27.82 -4.62
C HIS A 60 16.64 -28.71 -5.62
N VAL A 61 16.65 -30.01 -5.33
CA VAL A 61 17.34 -30.95 -6.17
C VAL A 61 16.43 -32.06 -6.70
N HIS A 62 16.59 -32.35 -8.00
CA HIS A 62 15.83 -33.41 -8.66
C HIS A 62 16.79 -34.43 -9.29
N ILE A 63 17.46 -35.23 -8.46
CA ILE A 63 18.33 -36.25 -9.01
C ILE A 63 17.38 -37.31 -9.57
N ILE A 64 16.19 -37.38 -8.97
CA ILE A 64 15.11 -38.30 -9.37
C ILE A 64 15.37 -39.74 -8.99
N ASP A 65 16.30 -40.38 -9.70
CA ASP A 65 16.72 -41.76 -9.47
C ASP A 65 15.54 -42.74 -9.49
N MET A 66 15.61 -43.74 -8.63
CA MET A 66 14.57 -44.77 -8.52
C MET A 66 14.34 -45.48 -9.86
N ASP A 67 13.10 -45.86 -10.14
CA ASP A 67 12.80 -46.58 -11.38
C ASP A 67 13.19 -45.84 -12.66
N LEU A 68 13.49 -44.56 -12.55
CA LEU A 68 13.86 -43.79 -13.71
C LEU A 68 15.33 -43.41 -13.69
N LYS A 69 16.11 -44.07 -12.85
CA LYS A 69 17.50 -43.71 -12.74
C LYS A 69 18.31 -43.72 -14.04
N ASN A 70 18.01 -44.59 -14.98
CA ASN A 70 18.79 -44.60 -16.22
C ASN A 70 18.35 -43.55 -17.21
N ARG A 71 17.35 -42.76 -16.86
CA ARG A 71 16.86 -41.75 -17.77
C ARG A 71 17.07 -40.30 -17.30
N TYR A 72 17.01 -40.08 -15.99
CA TYR A 72 17.16 -38.73 -15.43
C TYR A 72 18.40 -38.47 -14.60
N GLY A 73 18.64 -39.30 -13.58
CA GLY A 73 19.81 -39.14 -12.73
C GLY A 73 20.03 -40.28 -11.76
N ARG A 74 21.29 -40.50 -11.38
CA ARG A 74 21.65 -41.57 -10.45
C ARG A 74 22.26 -40.94 -9.18
N PHE A 75 21.88 -41.42 -8.01
CA PHE A 75 22.44 -40.86 -6.79
C PHE A 75 23.97 -40.85 -6.79
N GLU A 76 24.61 -41.97 -7.17
CA GLU A 76 26.07 -42.04 -7.15
C GLU A 76 26.75 -41.21 -8.22
N LEU A 77 26.01 -40.78 -9.23
CA LEU A 77 26.65 -39.96 -10.25
C LEU A 77 26.47 -38.48 -9.98
N ASP A 78 25.22 -38.03 -9.94
CA ASP A 78 24.91 -36.63 -9.69
C ASP A 78 25.41 -36.11 -8.34
N SER A 79 25.42 -36.96 -7.32
CA SER A 79 25.91 -36.49 -6.04
C SER A 79 27.41 -36.16 -6.16
N GLU A 80 28.07 -36.65 -7.18
CA GLU A 80 29.48 -36.32 -7.34
C GLU A 80 29.56 -34.90 -7.88
N SER A 81 28.56 -34.52 -8.67
CA SER A 81 28.53 -33.16 -9.21
C SER A 81 28.36 -32.20 -8.05
N ALA A 82 27.52 -32.58 -7.08
CA ALA A 82 27.31 -31.76 -5.91
C ALA A 82 28.64 -31.60 -5.19
N ALA A 83 29.28 -32.72 -4.89
CA ALA A 83 30.56 -32.69 -4.20
C ALA A 83 31.55 -31.75 -4.83
N VAL A 84 31.78 -31.82 -6.14
CA VAL A 84 32.76 -30.91 -6.70
C VAL A 84 32.21 -29.51 -6.76
N GLY A 85 30.88 -29.41 -6.82
CA GLY A 85 30.25 -28.09 -6.87
C GLY A 85 30.17 -27.41 -5.52
N GLY A 86 30.65 -28.07 -4.47
CA GLY A 86 30.62 -27.48 -3.15
C GLY A 86 29.29 -27.60 -2.40
N ILE A 87 28.37 -28.40 -2.94
CA ILE A 87 27.08 -28.61 -2.31
C ILE A 87 27.18 -29.83 -1.42
N THR A 88 27.28 -29.61 -0.12
CA THR A 88 27.44 -30.70 0.84
C THR A 88 26.17 -31.38 1.33
N THR A 89 25.03 -30.71 1.24
CA THR A 89 23.80 -31.39 1.60
C THR A 89 22.68 -30.96 0.65
N ILE A 90 21.92 -31.94 0.19
CA ILE A 90 20.83 -31.71 -0.75
C ILE A 90 19.52 -32.19 -0.15
N ILE A 91 18.43 -31.66 -0.66
CA ILE A 91 17.13 -32.10 -0.22
C ILE A 91 16.44 -32.53 -1.52
N GLU A 92 16.27 -33.84 -1.72
CA GLU A 92 15.65 -34.40 -2.93
C GLU A 92 14.16 -34.15 -2.98
N MET A 93 13.69 -33.62 -4.10
CA MET A 93 12.26 -33.38 -4.29
C MET A 93 11.60 -34.76 -4.43
N PRO A 94 10.26 -34.82 -4.32
CA PRO A 94 9.62 -36.13 -4.45
C PRO A 94 9.08 -36.44 -5.82
N ILE A 95 9.56 -35.76 -6.85
CA ILE A 95 9.08 -36.00 -8.20
C ILE A 95 9.93 -37.11 -8.79
N THR A 96 9.41 -38.31 -8.82
CA THR A 96 10.13 -39.45 -9.36
C THR A 96 9.14 -40.59 -9.48
N PHE A 97 9.59 -41.76 -9.92
CA PHE A 97 8.69 -42.89 -9.98
C PHE A 97 9.32 -44.10 -9.35
N PRO A 98 8.62 -44.69 -8.36
CA PRO A 98 7.33 -44.21 -7.91
C PRO A 98 7.43 -42.86 -7.19
N PRO A 99 6.35 -42.08 -7.17
CA PRO A 99 6.29 -40.77 -6.53
C PRO A 99 6.51 -40.91 -5.04
N THR A 100 7.29 -40.02 -4.45
CA THR A 100 7.52 -40.10 -3.01
C THR A 100 6.31 -39.46 -2.30
N THR A 101 5.15 -40.09 -2.45
CA THR A 101 3.91 -39.60 -1.85
C THR A 101 3.32 -40.57 -0.84
N THR A 102 4.14 -41.53 -0.42
CA THR A 102 3.72 -42.56 0.52
C THR A 102 4.80 -42.88 1.53
N LEU A 103 4.40 -43.32 2.72
CA LEU A 103 5.37 -43.66 3.74
C LEU A 103 6.33 -44.71 3.19
N ASP A 104 5.77 -45.70 2.48
CA ASP A 104 6.57 -46.77 1.90
C ASP A 104 7.54 -46.22 0.89
N ALA A 105 7.02 -45.47 -0.08
CA ALA A 105 7.89 -44.91 -1.11
C ALA A 105 9.02 -44.10 -0.49
N PHE A 106 8.68 -43.42 0.60
CA PHE A 106 9.62 -42.57 1.32
C PHE A 106 10.71 -43.40 1.98
N LEU A 107 10.29 -44.42 2.74
CA LEU A 107 11.26 -45.30 3.41
C LEU A 107 12.20 -45.98 2.43
N GLU A 108 11.67 -46.32 1.25
CA GLU A 108 12.48 -46.97 0.24
C GLU A 108 13.50 -46.02 -0.34
N LYS A 109 13.08 -44.79 -0.64
CA LYS A 109 14.00 -43.80 -1.21
C LYS A 109 15.10 -43.48 -0.21
N LYS A 110 14.75 -43.43 1.07
CA LYS A 110 15.72 -43.13 2.11
C LYS A 110 16.81 -44.21 2.18
N LYS A 111 16.36 -45.45 2.06
CA LYS A 111 17.26 -46.60 2.11
C LYS A 111 18.22 -46.52 0.94
N GLN A 112 17.67 -46.35 -0.25
CA GLN A 112 18.46 -46.25 -1.46
C GLN A 112 19.44 -45.09 -1.43
N ALA A 113 18.89 -43.89 -1.21
CA ALA A 113 19.67 -42.66 -1.14
C ALA A 113 20.85 -42.82 -0.18
N GLY A 114 20.59 -43.44 0.96
CA GLY A 114 21.63 -43.64 1.95
C GLY A 114 22.75 -44.58 1.50
N GLN A 115 22.43 -45.47 0.58
CA GLN A 115 23.43 -46.42 0.10
C GLN A 115 24.22 -45.92 -1.09
N ARG A 116 23.69 -44.95 -1.82
CA ARG A 116 24.42 -44.50 -2.99
C ARG A 116 24.87 -43.06 -3.07
N LEU A 117 24.29 -42.18 -2.25
CA LEU A 117 24.66 -40.77 -2.26
C LEU A 117 26.06 -40.53 -1.71
N LYS A 118 26.72 -39.51 -2.22
CA LYS A 118 28.07 -39.20 -1.76
C LYS A 118 28.14 -37.93 -0.90
N VAL A 119 27.07 -37.15 -0.86
CA VAL A 119 27.02 -35.97 0.00
C VAL A 119 25.82 -36.20 0.92
N ASP A 120 25.66 -35.42 1.97
CA ASP A 120 24.53 -35.66 2.87
C ASP A 120 23.21 -35.24 2.27
N PHE A 121 22.10 -35.74 2.81
CA PHE A 121 20.81 -35.43 2.24
C PHE A 121 19.64 -35.40 3.22
N ALA A 122 18.60 -34.68 2.82
CA ALA A 122 17.36 -34.58 3.56
C ALA A 122 16.31 -34.90 2.51
N LEU A 123 15.10 -35.30 2.92
CA LEU A 123 14.08 -35.64 1.96
C LEU A 123 12.75 -34.93 2.09
N TYR A 124 12.16 -34.67 0.93
CA TYR A 124 10.84 -34.05 0.81
C TYR A 124 9.86 -35.19 0.65
N GLY A 125 8.62 -34.91 1.00
CA GLY A 125 7.56 -35.87 0.80
C GLY A 125 6.72 -35.15 -0.24
N GLY A 126 5.79 -35.83 -0.87
CA GLY A 126 4.96 -35.15 -1.85
C GLY A 126 3.56 -34.90 -1.32
N GLY A 127 2.99 -33.79 -1.74
CA GLY A 127 1.64 -33.46 -1.33
C GLY A 127 0.85 -33.40 -2.61
N VAL A 128 0.18 -34.49 -2.94
CA VAL A 128 -0.62 -34.57 -4.16
C VAL A 128 -2.09 -34.85 -3.83
N PRO A 129 -2.98 -34.71 -4.81
CA PRO A 129 -4.38 -34.97 -4.47
C PRO A 129 -4.62 -36.38 -3.95
N GLY A 130 -5.33 -36.43 -2.81
CA GLY A 130 -5.69 -37.70 -2.20
C GLY A 130 -4.71 -38.37 -1.26
N ASN A 131 -3.55 -37.79 -0.99
CA ASN A 131 -2.61 -38.47 -0.10
C ASN A 131 -2.44 -37.76 1.23
N LEU A 132 -3.40 -36.89 1.54
CA LEU A 132 -3.36 -36.10 2.76
C LEU A 132 -2.85 -36.82 4.03
N PRO A 133 -3.39 -38.01 4.33
CA PRO A 133 -2.94 -38.72 5.53
C PRO A 133 -1.52 -39.25 5.51
N GLU A 134 -0.90 -39.34 4.33
CA GLU A 134 0.47 -39.83 4.25
C GLU A 134 1.46 -38.77 4.74
N ILE A 135 1.05 -37.50 4.65
CA ILE A 135 1.91 -36.40 5.07
C ILE A 135 2.37 -36.52 6.52
N ARG A 136 1.43 -36.77 7.41
CA ARG A 136 1.74 -36.93 8.82
C ARG A 136 2.76 -38.07 8.98
N LYS A 137 2.55 -39.14 8.21
CA LYS A 137 3.42 -40.31 8.27
C LYS A 137 4.85 -40.03 7.86
N MET A 138 5.02 -39.33 6.73
CA MET A 138 6.34 -39.01 6.24
C MET A 138 7.03 -38.03 7.19
N HIS A 139 6.26 -37.11 7.75
CA HIS A 139 6.78 -36.14 8.70
C HIS A 139 7.44 -36.89 9.84
N ASP A 140 6.69 -37.85 10.40
CA ASP A 140 7.18 -38.67 11.51
C ASP A 140 8.36 -39.55 11.12
N ALA A 141 8.49 -39.85 9.83
CA ALA A 141 9.61 -40.68 9.39
C ALA A 141 10.84 -39.82 9.08
N GLY A 142 10.74 -38.52 9.27
CA GLY A 142 11.89 -37.67 9.03
C GLY A 142 11.89 -36.69 7.88
N ALA A 143 10.81 -36.63 7.11
CA ALA A 143 10.77 -35.67 5.99
C ALA A 143 10.94 -34.27 6.57
N VAL A 144 11.74 -33.42 5.91
CA VAL A 144 11.90 -32.06 6.42
C VAL A 144 10.81 -31.15 5.90
N GLY A 145 10.24 -31.51 4.77
CA GLY A 145 9.19 -30.69 4.19
C GLY A 145 8.45 -31.42 3.08
N PHE A 146 7.55 -30.71 2.41
CA PHE A 146 6.76 -31.27 1.34
C PHE A 146 6.59 -30.34 0.17
N SER A 148 4.16 -29.39 -3.35
CA SER A 148 2.87 -29.52 -4.03
C SER A 148 2.99 -28.63 -5.26
N MET A 149 2.28 -28.97 -6.33
CA MET A 149 2.37 -28.14 -7.52
C MET A 149 1.02 -27.54 -7.85
N MET A 150 1.05 -26.28 -8.30
CA MET A 150 -0.16 -25.60 -8.67
C MET A 150 -0.33 -25.71 -10.17
N ALA A 151 0.73 -26.15 -10.83
CA ALA A 151 0.75 -26.36 -12.27
C ALA A 151 1.64 -27.60 -12.44
N ALA A 152 1.10 -28.64 -13.08
CA ALA A 152 1.82 -29.90 -13.25
C ALA A 152 2.97 -29.78 -14.21
N SER A 153 3.61 -30.90 -14.48
CA SER A 153 4.72 -30.95 -15.41
C SER A 153 4.86 -32.40 -15.88
N VAL A 154 4.52 -33.32 -14.97
CA VAL A 154 4.57 -34.75 -15.25
C VAL A 154 3.25 -35.36 -14.83
N PRO A 155 2.16 -35.05 -15.56
CA PRO A 155 0.83 -35.59 -15.25
C PRO A 155 0.83 -37.11 -15.11
N GLY A 156 0.00 -37.61 -14.18
CA GLY A 156 -0.07 -39.04 -13.91
C GLY A 156 0.90 -39.45 -12.81
N MET A 157 2.15 -39.00 -12.95
CA MET A 157 3.22 -39.26 -12.00
C MET A 157 3.07 -38.32 -10.78
N PHE A 158 3.11 -37.01 -11.01
CA PHE A 158 2.94 -36.04 -9.93
C PHE A 158 1.89 -35.03 -10.40
N ASP A 159 0.73 -35.00 -9.75
CA ASP A 159 -0.33 -34.09 -10.16
C ASP A 159 -0.42 -32.78 -9.39
N ALA A 160 -1.01 -31.78 -10.05
CA ALA A 160 -1.20 -30.50 -9.40
C ALA A 160 -2.40 -30.62 -8.47
N VAL A 161 -2.46 -29.77 -7.46
CA VAL A 161 -3.59 -29.78 -6.54
C VAL A 161 -4.49 -28.58 -6.81
N SER A 162 -5.75 -28.68 -6.42
CA SER A 162 -6.64 -27.55 -6.62
C SER A 162 -6.49 -26.66 -5.39
N ASP A 163 -7.10 -25.49 -5.40
CA ASP A 163 -6.97 -24.60 -4.25
C ASP A 163 -7.45 -25.26 -2.96
N GLY A 164 -8.51 -26.05 -3.04
CA GLY A 164 -9.03 -26.74 -1.86
C GLY A 164 -8.05 -27.77 -1.36
N GLU A 165 -7.49 -28.56 -2.26
CA GLU A 165 -6.55 -29.59 -1.84
C GLU A 165 -5.30 -28.91 -1.29
N LEU A 166 -4.86 -27.85 -1.99
CA LEU A 166 -3.70 -27.10 -1.55
C LEU A 166 -3.95 -26.51 -0.17
N PHE A 167 -5.16 -26.01 0.05
CA PHE A 167 -5.50 -25.45 1.35
C PHE A 167 -5.47 -26.49 2.45
N GLU A 168 -5.98 -27.69 2.17
CA GLU A 168 -5.98 -28.75 3.17
C GLU A 168 -4.55 -29.18 3.49
N ILE A 169 -3.69 -29.15 2.48
CA ILE A 169 -2.30 -29.52 2.66
C ILE A 169 -1.65 -28.48 3.56
N PHE A 170 -1.95 -27.20 3.32
CA PHE A 170 -1.39 -26.11 4.12
C PHE A 170 -1.76 -26.32 5.58
N GLN A 171 -3.01 -26.68 5.85
CA GLN A 171 -3.42 -26.91 7.23
C GLN A 171 -2.67 -28.08 7.85
N GLU A 172 -2.52 -29.19 7.13
CA GLU A 172 -1.78 -30.30 7.71
C GLU A 172 -0.35 -29.87 8.02
N ILE A 173 0.31 -29.23 7.06
CA ILE A 173 1.67 -28.77 7.23
C ILE A 173 1.83 -27.88 8.46
N ALA A 174 0.86 -26.99 8.67
CA ALA A 174 0.91 -26.10 9.81
C ALA A 174 0.82 -26.88 11.10
N ALA A 175 -0.06 -27.87 11.12
CA ALA A 175 -0.27 -28.70 12.30
C ALA A 175 0.94 -29.58 12.63
N CYS A 176 1.74 -29.93 11.64
CA CYS A 176 2.92 -30.77 11.84
C CYS A 176 4.12 -29.90 12.15
N GLY A 177 4.02 -28.63 11.81
CA GLY A 177 5.11 -27.70 12.02
C GLY A 177 6.20 -27.97 11.00
N SER A 178 5.78 -28.40 9.81
CA SER A 178 6.71 -28.72 8.75
C SER A 178 6.85 -27.51 7.84
N VAL A 179 7.30 -27.76 6.61
CA VAL A 179 7.47 -26.70 5.61
C VAL A 179 6.81 -27.19 4.33
N ILE A 180 6.17 -26.29 3.61
CA ILE A 180 5.56 -26.66 2.33
C ILE A 180 6.16 -25.71 1.28
N VAL A 181 6.63 -26.27 0.17
CA VAL A 181 7.17 -25.44 -0.89
C VAL A 181 6.22 -25.72 -2.05
N VAL A 182 6.01 -24.74 -2.92
CA VAL A 182 5.12 -24.97 -4.05
C VAL A 182 5.70 -24.42 -5.32
N HIS A 183 5.23 -24.95 -6.44
CA HIS A 183 5.62 -24.48 -7.76
C HIS A 183 4.41 -23.61 -8.08
N ALA A 184 4.58 -22.30 -8.11
CA ALA A 184 3.43 -21.45 -8.36
C ALA A 184 3.23 -20.90 -9.75
N GLU A 185 2.32 -21.51 -10.49
CA GLU A 185 1.93 -21.05 -11.82
C GLU A 185 0.47 -21.39 -11.97
N ASN A 186 -0.19 -20.78 -12.95
CA ASN A 186 -1.61 -21.07 -13.15
C ASN A 186 -1.74 -22.07 -14.30
N GLU A 187 -1.99 -23.32 -13.93
CA GLU A 187 -2.12 -24.40 -14.90
C GLU A 187 -3.07 -24.12 -16.05
N THR A 188 -4.27 -23.73 -15.69
CA THR A 188 -5.34 -23.45 -16.63
C THR A 188 -5.10 -22.33 -17.61
N ILE A 189 -4.43 -21.27 -17.17
CA ILE A 189 -4.15 -20.14 -18.04
C ILE A 189 -3.03 -20.52 -18.99
N ILE A 190 -2.06 -21.26 -18.49
CA ILE A 190 -0.97 -21.70 -19.34
C ILE A 190 -1.54 -22.52 -20.48
N GLN A 191 -2.47 -23.43 -20.18
CA GLN A 191 -3.08 -24.23 -21.24
C GLN A 191 -3.77 -23.36 -22.28
N ALA A 192 -4.57 -22.40 -21.83
CA ALA A 192 -5.28 -21.51 -22.74
C ALA A 192 -4.29 -20.75 -23.61
N LEU A 193 -3.28 -20.17 -22.99
CA LEU A 193 -2.30 -19.42 -23.76
C LEU A 193 -1.54 -20.34 -24.74
N GLN A 194 -1.23 -21.56 -24.34
CA GLN A 194 -0.53 -22.47 -25.23
C GLN A 194 -1.30 -22.67 -26.52
N LYS A 195 -2.61 -22.88 -26.38
CA LYS A 195 -3.46 -23.09 -27.54
C LYS A 195 -3.47 -21.86 -28.42
N GLN A 196 -3.66 -20.69 -27.82
CA GLN A 196 -3.68 -19.47 -28.64
C GLN A 196 -2.35 -19.33 -29.37
N ILE A 197 -1.24 -19.42 -28.64
CA ILE A 197 0.09 -19.28 -29.23
C ILE A 197 0.44 -20.34 -30.27
N LYS A 198 0.10 -21.59 -30.00
CA LYS A 198 0.38 -22.65 -30.95
C LYS A 198 -0.42 -22.38 -32.22
N ALA A 199 -1.68 -22.02 -32.07
CA ALA A 199 -2.53 -21.73 -33.21
C ALA A 199 -1.93 -20.65 -34.11
N ALA A 200 -1.33 -19.62 -33.49
CA ALA A 200 -0.72 -18.55 -34.27
C ALA A 200 0.60 -19.03 -34.83
N GLY A 201 0.89 -20.32 -34.69
CA GLY A 201 2.12 -20.87 -35.20
C GLY A 201 3.42 -20.53 -34.48
N GLY A 202 3.35 -20.35 -33.16
CA GLY A 202 4.57 -20.06 -32.42
C GLY A 202 5.27 -21.34 -32.04
N LYS A 203 6.58 -21.42 -32.30
CA LYS A 203 7.36 -22.61 -31.96
C LYS A 203 8.69 -22.19 -31.34
N ASP A 204 8.81 -20.89 -31.10
CA ASP A 204 9.97 -20.20 -30.51
C ASP A 204 10.24 -20.54 -29.06
N MET A 205 11.31 -19.96 -28.55
CA MET A 205 11.64 -20.07 -27.14
C MET A 205 10.81 -18.86 -26.67
N ALA A 206 10.76 -17.85 -27.52
CA ALA A 206 9.99 -16.65 -27.25
C ALA A 206 8.53 -17.02 -27.11
N ALA A 207 8.06 -17.89 -27.99
CA ALA A 207 6.69 -18.35 -27.94
C ALA A 207 6.42 -19.08 -26.62
N TYR A 208 7.41 -19.84 -26.17
CA TYR A 208 7.29 -20.57 -24.92
C TYR A 208 7.09 -19.60 -23.76
N GLU A 209 8.05 -18.69 -23.58
CA GLU A 209 8.00 -17.71 -22.51
C GLU A 209 6.64 -17.02 -22.45
N ALA A 210 6.11 -16.66 -23.62
CA ALA A 210 4.82 -15.98 -23.69
C ALA A 210 3.67 -16.84 -23.25
N SER A 211 3.81 -18.17 -23.36
CA SER A 211 2.74 -19.08 -22.97
C SER A 211 2.62 -19.23 -21.44
N GLN A 212 3.65 -18.80 -20.73
CA GLN A 212 3.66 -18.86 -19.27
C GLN A 212 4.19 -17.52 -18.79
N PRO A 213 3.51 -16.41 -19.14
CA PRO A 213 3.89 -15.04 -18.77
C PRO A 213 3.99 -14.77 -17.28
N VAL A 214 4.57 -13.63 -16.92
CA VAL A 214 4.73 -13.30 -15.51
C VAL A 214 3.40 -13.08 -14.81
N PHE A 215 2.43 -12.50 -15.51
CA PHE A 215 1.16 -12.22 -14.87
C PHE A 215 0.51 -13.48 -14.30
N GLN A 216 0.70 -14.62 -14.94
CA GLN A 216 0.10 -15.83 -14.39
C GLN A 216 0.98 -16.40 -13.29
N GLU A 217 2.30 -16.24 -13.40
CA GLU A 217 3.17 -16.74 -12.35
C GLU A 217 2.87 -15.94 -11.09
N ASN A 218 2.73 -14.64 -11.26
CA ASN A 218 2.46 -13.77 -10.14
C ASN A 218 1.07 -13.95 -9.55
N GLU A 219 0.12 -14.36 -10.36
CA GLU A 219 -1.23 -14.59 -9.84
C GLU A 219 -1.15 -15.79 -8.88
N ALA A 220 -0.43 -16.83 -9.31
CA ALA A 220 -0.30 -18.02 -8.48
C ALA A 220 0.40 -17.69 -7.17
N ILE A 221 1.41 -16.82 -7.24
CA ILE A 221 2.12 -16.46 -6.03
C ILE A 221 1.13 -15.75 -5.10
N GLN A 222 0.35 -14.83 -5.66
CA GLN A 222 -0.64 -14.07 -4.91
C GLN A 222 -1.64 -15.00 -4.23
N ARG A 223 -2.07 -16.03 -4.97
CA ARG A 223 -3.01 -17.01 -4.47
C ARG A 223 -2.44 -17.85 -3.32
N ALA A 224 -1.22 -18.34 -3.51
CA ALA A 224 -0.58 -19.14 -2.46
C ALA A 224 -0.45 -18.29 -1.21
N LEU A 225 -0.04 -17.03 -1.42
CA LEU A 225 0.12 -16.09 -0.33
C LEU A 225 -1.19 -15.93 0.48
N LEU A 226 -2.32 -15.73 -0.21
CA LEU A 226 -3.60 -15.57 0.45
C LEU A 226 -4.01 -16.79 1.25
N LEU A 227 -3.67 -17.97 0.74
CA LEU A 227 -4.02 -19.20 1.43
C LEU A 227 -3.10 -19.46 2.62
N GLN A 228 -1.84 -19.08 2.53
CA GLN A 228 -0.96 -19.32 3.67
C GLN A 228 -1.37 -18.33 4.75
N LYS A 229 -1.71 -17.13 4.32
CA LYS A 229 -2.16 -16.08 5.22
C LYS A 229 -3.21 -16.64 6.17
N GLU A 230 -4.04 -17.54 5.65
CA GLU A 230 -5.11 -18.16 6.42
C GLU A 230 -4.70 -19.43 7.15
N ALA A 231 -3.78 -20.20 6.57
CA ALA A 231 -3.34 -21.46 7.18
C ALA A 231 -2.22 -21.31 8.21
N GLY A 232 -1.29 -20.38 7.97
CA GLY A 232 -0.19 -20.14 8.89
C GLY A 232 1.02 -21.07 8.83
N CYS A 233 1.11 -21.88 7.78
CA CYS A 233 2.22 -22.82 7.62
C CYS A 233 3.43 -22.13 7.00
N ARG A 234 4.63 -22.62 7.30
CA ARG A 234 5.83 -22.03 6.71
C ARG A 234 5.77 -22.38 5.22
N LEU A 235 5.85 -21.37 4.38
CA LEU A 235 5.76 -21.55 2.94
C LEU A 235 6.95 -20.98 2.18
N ILE A 236 7.49 -21.75 1.23
CA ILE A 236 8.59 -21.23 0.44
C ILE A 236 8.15 -21.29 -1.01
N VAL A 237 8.12 -20.16 -1.70
CA VAL A 237 7.75 -20.22 -3.11
C VAL A 237 9.03 -20.52 -3.88
N LEU A 238 9.04 -21.66 -4.57
CA LEU A 238 10.19 -22.13 -5.34
C LEU A 238 10.41 -21.33 -6.60
N HIS A 239 11.65 -21.41 -7.09
CA HIS A 239 12.08 -20.72 -8.32
C HIS A 239 11.20 -19.58 -8.81
N VAL A 240 11.32 -18.42 -8.16
CA VAL A 240 10.58 -17.22 -8.56
C VAL A 240 11.44 -16.59 -9.65
N SER A 241 10.88 -16.44 -10.84
CA SER A 241 11.61 -15.93 -11.99
C SER A 241 11.65 -14.43 -12.25
N ASN A 242 10.77 -13.66 -11.62
CA ASN A 242 10.71 -12.24 -11.90
C ASN A 242 10.68 -11.32 -10.68
N PRO A 243 11.18 -10.09 -10.83
CA PRO A 243 11.26 -9.07 -9.79
C PRO A 243 9.95 -8.78 -9.07
N ASP A 244 8.87 -8.66 -9.82
CA ASP A 244 7.58 -8.37 -9.22
C ASP A 244 7.08 -9.45 -8.27
N GLY A 245 7.39 -10.70 -8.59
CA GLY A 245 6.97 -11.79 -7.73
C GLY A 245 7.78 -11.76 -6.44
N VAL A 246 9.06 -11.44 -6.57
CA VAL A 246 9.91 -11.37 -5.41
C VAL A 246 9.32 -10.32 -4.48
N GLU A 247 8.97 -9.16 -5.04
CA GLU A 247 8.39 -8.10 -4.22
C GLU A 247 7.10 -8.51 -3.51
N LEU A 248 6.19 -9.16 -4.23
CA LEU A 248 4.94 -9.62 -3.65
C LEU A 248 5.18 -10.45 -2.40
N ILE A 249 6.12 -11.38 -2.49
CA ILE A 249 6.44 -12.25 -1.36
C ILE A 249 7.11 -11.46 -0.25
N HIS A 250 8.08 -10.64 -0.63
CA HIS A 250 8.79 -9.82 0.35
C HIS A 250 7.80 -8.96 1.14
N GLN A 251 6.93 -8.28 0.41
CA GLN A 251 5.93 -7.43 1.04
C GLN A 251 5.12 -8.23 2.06
N ALA A 252 4.69 -9.42 1.67
CA ALA A 252 3.90 -10.25 2.56
C ALA A 252 4.69 -10.73 3.76
N GLN A 253 5.95 -11.12 3.59
CA GLN A 253 6.68 -11.59 4.76
C GLN A 253 6.91 -10.40 5.66
N SER A 254 7.14 -9.26 5.01
CA SER A 254 7.36 -8.02 5.68
C SER A 254 6.12 -7.62 6.52
N GLU A 255 4.97 -8.21 6.19
CA GLU A 255 3.74 -7.92 6.93
C GLU A 255 3.47 -8.95 8.00
N GLY A 256 4.43 -9.85 8.25
CA GLY A 256 4.21 -10.86 9.28
C GLY A 256 3.98 -12.29 8.81
N GLN A 257 3.79 -12.49 7.50
CA GLN A 257 3.55 -13.85 7.00
C GLN A 257 4.84 -14.67 6.92
N ASP A 258 4.79 -15.92 7.40
CA ASP A 258 5.95 -16.81 7.41
C ASP A 258 6.14 -17.38 6.00
N VAL A 259 6.39 -16.51 5.04
CA VAL A 259 6.57 -16.91 3.66
C VAL A 259 7.94 -16.48 3.18
N HIS A 260 8.53 -17.24 2.26
CA HIS A 260 9.88 -16.92 1.77
C HIS A 260 10.04 -17.10 0.28
N CYS A 261 11.04 -16.42 -0.25
CA CYS A 261 11.25 -16.47 -1.68
C CYS A 261 12.54 -17.18 -2.13
N GLU A 262 12.37 -18.11 -3.05
CA GLU A 262 13.52 -18.83 -3.58
C GLU A 262 13.69 -18.50 -5.04
N SER A 263 14.93 -18.35 -5.48
CA SER A 263 15.19 -18.16 -6.89
C SER A 263 16.43 -18.98 -7.13
N GLY A 264 16.99 -18.95 -8.33
CA GLY A 264 18.15 -19.77 -8.56
C GLY A 264 19.09 -19.22 -9.61
N PRO A 265 20.30 -19.77 -9.68
CA PRO A 265 21.29 -19.30 -10.65
C PRO A 265 20.83 -19.29 -12.10
N GLN A 266 19.84 -20.09 -12.46
CA GLN A 266 19.35 -20.11 -13.85
C GLN A 266 18.65 -18.80 -14.19
N TYR A 267 17.97 -18.23 -13.20
CA TYR A 267 17.23 -17.00 -13.41
C TYR A 267 18.10 -15.77 -13.29
N LEU A 268 19.20 -15.87 -12.55
CA LEU A 268 20.11 -14.74 -12.37
C LEU A 268 21.17 -14.67 -13.45
N ASN A 269 21.65 -15.82 -13.92
CA ASN A 269 22.71 -15.88 -14.92
C ASN A 269 22.30 -16.13 -16.35
N ILE A 270 20.99 -16.13 -16.64
CA ILE A 270 20.53 -16.35 -18.00
C ILE A 270 19.41 -15.37 -18.28
N THR A 271 19.32 -14.95 -19.54
CA THR A 271 18.32 -13.97 -19.94
C THR A 271 17.62 -14.43 -21.19
N THR A 272 16.46 -13.86 -21.48
CA THR A 272 15.77 -14.27 -22.68
C THR A 272 16.60 -13.95 -23.92
N ASP A 273 17.47 -12.94 -23.90
CA ASP A 273 18.23 -12.76 -25.11
C ASP A 273 19.41 -13.71 -25.25
N ASP A 274 19.27 -14.89 -24.64
CA ASP A 274 20.27 -15.96 -24.73
C ASP A 274 19.48 -17.12 -25.33
N ALA A 275 18.17 -16.91 -25.43
CA ALA A 275 17.26 -17.93 -25.94
C ALA A 275 17.70 -18.49 -27.28
N GLU A 276 18.10 -17.61 -28.19
CA GLU A 276 18.50 -18.07 -29.51
C GLU A 276 19.71 -18.97 -29.57
N ARG A 277 20.77 -18.68 -28.83
CA ARG A 277 21.94 -19.55 -28.88
C ARG A 277 21.86 -20.75 -27.97
N ILE A 278 21.14 -20.66 -26.85
CA ILE A 278 21.04 -21.78 -25.91
C ILE A 278 19.83 -22.66 -26.19
N GLY A 279 18.81 -22.05 -26.80
CA GLY A 279 17.62 -22.80 -27.14
C GLY A 279 16.96 -23.59 -26.02
N PRO A 280 16.52 -24.82 -26.32
CA PRO A 280 15.86 -25.72 -25.37
C PRO A 280 16.61 -26.05 -24.10
N TYR A 281 17.91 -25.83 -24.08
CA TYR A 281 18.69 -26.14 -22.89
C TYR A 281 18.50 -25.10 -21.80
N MET A 282 17.68 -24.13 -22.11
CA MET A 282 17.37 -23.03 -21.23
C MET A 282 15.88 -23.07 -20.93
N LYS A 283 15.19 -24.02 -21.53
CA LYS A 283 13.76 -24.14 -21.31
C LYS A 283 13.51 -24.72 -19.94
N VAL A 284 12.99 -23.88 -19.04
CA VAL A 284 12.73 -24.31 -17.69
C VAL A 284 11.37 -23.70 -17.26
N ALA A 285 10.81 -24.14 -16.13
CA ALA A 285 9.52 -23.59 -15.71
C ALA A 285 9.56 -23.23 -14.25
N PRO A 286 9.23 -21.98 -13.91
CA PRO A 286 8.83 -20.88 -14.79
C PRO A 286 9.93 -20.49 -15.77
N PRO A 287 9.55 -19.85 -16.88
CA PRO A 287 10.51 -19.41 -17.91
C PRO A 287 11.51 -18.38 -17.41
N VAL A 288 12.68 -18.36 -18.05
CA VAL A 288 13.69 -17.38 -17.71
C VAL A 288 13.10 -16.09 -18.27
N ARG A 289 13.28 -15.00 -17.54
CA ARG A 289 12.70 -13.74 -17.97
C ARG A 289 13.64 -12.78 -18.72
N SER A 290 13.15 -11.57 -18.98
CA SER A 290 13.91 -10.56 -19.73
C SER A 290 15.14 -9.97 -19.04
N ALA A 291 16.02 -9.39 -19.88
CA ALA A 291 17.25 -8.77 -19.41
C ALA A 291 16.95 -7.64 -18.42
N GLU A 292 15.89 -6.88 -18.70
CA GLU A 292 15.51 -5.78 -17.83
C GLU A 292 15.14 -6.31 -16.45
N MET A 293 14.36 -7.39 -16.41
CA MET A 293 13.96 -7.95 -15.12
C MET A 293 15.16 -8.54 -14.43
N ASN A 294 16.09 -9.06 -15.22
CA ASN A 294 17.30 -9.65 -14.68
C ASN A 294 18.06 -8.64 -13.80
N ILE A 295 18.18 -7.39 -14.26
CA ILE A 295 18.87 -6.38 -13.47
C ILE A 295 18.23 -6.25 -12.09
N ARG A 296 16.91 -6.08 -12.06
CA ARG A 296 16.16 -5.95 -10.82
C ARG A 296 16.45 -7.12 -9.89
N LEU A 297 16.35 -8.33 -10.44
CA LEU A 297 16.60 -9.53 -9.68
C LEU A 297 17.92 -9.47 -8.93
N TRP A 298 18.98 -9.06 -9.63
CA TRP A 298 20.29 -8.96 -9.00
C TRP A 298 20.35 -7.96 -7.87
N GLU A 299 19.58 -6.88 -7.97
CA GLU A 299 19.54 -5.88 -6.90
C GLU A 299 18.82 -6.49 -5.70
N GLN A 300 17.69 -7.12 -5.97
CA GLN A 300 16.92 -7.73 -4.91
C GLN A 300 17.73 -8.77 -4.16
N LEU A 301 18.59 -9.47 -4.89
CA LEU A 301 19.42 -10.51 -4.28
C LEU A 301 20.35 -9.90 -3.25
N GLU A 302 21.19 -8.97 -3.70
CA GLU A 302 22.14 -8.33 -2.79
C GLU A 302 21.44 -7.56 -1.69
N ASN A 303 20.24 -7.07 -1.96
CA ASN A 303 19.52 -6.31 -0.97
C ASN A 303 18.69 -7.09 0.04
N GLY A 304 18.66 -8.40 -0.10
CA GLY A 304 17.92 -9.20 0.87
C GLY A 304 16.48 -9.59 0.57
N LEU A 305 15.96 -9.29 -0.62
CA LEU A 305 14.59 -9.67 -0.93
C LEU A 305 14.46 -11.12 -1.38
N ILE A 306 15.57 -11.75 -1.73
CA ILE A 306 15.54 -13.13 -2.14
C ILE A 306 16.11 -13.94 -0.99
N ASP A 307 15.27 -14.76 -0.38
CA ASP A 307 15.66 -15.55 0.78
C ASP A 307 16.61 -16.71 0.57
N THR A 308 16.39 -17.51 -0.47
CA THR A 308 17.24 -18.65 -0.73
C THR A 308 17.50 -18.86 -2.20
N LEU A 309 18.56 -19.61 -2.49
CA LEU A 309 18.92 -19.93 -3.85
C LEU A 309 18.93 -21.46 -3.94
N GLY A 310 18.28 -21.99 -4.96
CA GLY A 310 18.24 -23.44 -5.14
C GLY A 310 18.54 -23.70 -6.60
N SER A 311 19.26 -24.76 -6.92
CA SER A 311 19.61 -25.02 -8.31
C SER A 311 18.48 -25.52 -9.21
N ASP A 312 17.62 -26.36 -8.64
CA ASP A 312 16.55 -26.99 -9.39
C ASP A 312 17.21 -27.89 -10.44
N HIS A 313 18.31 -28.50 -10.02
CA HIS A 313 19.07 -29.44 -10.83
C HIS A 313 18.12 -30.59 -11.23
N GLY A 314 18.03 -30.87 -12.51
CA GLY A 314 17.15 -31.93 -12.95
C GLY A 314 17.43 -32.30 -14.38
N GLY A 315 17.78 -33.57 -14.58
CA GLY A 315 18.10 -34.04 -15.92
C GLY A 315 16.91 -34.43 -16.76
N HIS A 316 17.16 -34.61 -18.04
CA HIS A 316 16.14 -35.01 -19.00
C HIS A 316 16.96 -35.67 -20.09
N PRO A 317 16.49 -36.82 -20.60
CA PRO A 317 17.29 -37.45 -21.66
C PRO A 317 17.53 -36.44 -22.78
N VAL A 318 18.80 -36.28 -23.16
CA VAL A 318 19.21 -35.32 -24.19
C VAL A 318 18.38 -35.37 -25.49
N GLU A 319 17.73 -36.51 -25.73
CA GLU A 319 16.89 -36.68 -26.93
C GLU A 319 15.52 -36.05 -26.76
N ASP A 320 15.24 -35.54 -25.56
CA ASP A 320 13.96 -34.89 -25.28
C ASP A 320 14.21 -33.40 -25.20
N LYS A 321 15.43 -33.00 -25.55
CA LYS A 321 15.79 -31.60 -25.53
C LYS A 321 16.09 -31.13 -26.94
N GLU A 322 16.91 -31.91 -27.64
CA GLU A 322 17.34 -31.56 -29.00
C GLU A 322 16.20 -31.26 -29.98
N PRO A 323 15.08 -31.99 -29.91
CA PRO A 323 14.00 -31.66 -30.86
C PRO A 323 13.44 -30.27 -30.61
N GLY A 324 13.85 -29.66 -29.50
CA GLY A 324 13.37 -28.34 -29.15
C GLY A 324 13.89 -27.24 -30.05
N TRP A 325 15.01 -27.47 -30.72
CA TRP A 325 15.59 -26.47 -31.62
C TRP A 325 14.63 -26.07 -32.73
N LYS A 326 13.88 -27.04 -33.24
CA LYS A 326 12.95 -26.78 -34.34
C LYS A 326 11.52 -26.55 -33.86
N ASP A 327 11.12 -27.25 -32.81
CA ASP A 327 9.78 -27.11 -32.26
C ASP A 327 9.90 -27.14 -30.74
N VAL A 328 9.82 -25.96 -30.12
CA VAL A 328 9.96 -25.78 -28.68
C VAL A 328 9.03 -26.67 -27.83
N TRP A 329 7.79 -26.83 -28.26
CA TRP A 329 6.82 -27.61 -27.53
C TRP A 329 7.20 -29.09 -27.40
N LYS A 330 8.30 -29.51 -28.02
CA LYS A 330 8.69 -30.91 -27.94
C LYS A 330 9.92 -31.17 -27.09
N ALA A 331 10.35 -30.13 -26.38
CA ALA A 331 11.49 -30.25 -25.50
C ALA A 331 10.96 -30.19 -24.08
N GLY A 332 11.55 -30.96 -23.17
CA GLY A 332 11.10 -30.95 -21.80
C GLY A 332 11.75 -29.86 -20.97
N ASN A 333 11.15 -29.54 -19.83
CA ASN A 333 11.70 -28.52 -18.94
C ASN A 333 12.80 -29.06 -18.03
N GLY A 334 13.75 -28.21 -17.70
CA GLY A 334 14.79 -28.65 -16.80
C GLY A 334 16.18 -28.24 -17.20
N ALA A 335 17.08 -28.23 -16.22
CA ALA A 335 18.46 -27.88 -16.47
C ALA A 335 19.28 -28.41 -15.32
N LEU A 336 20.47 -28.92 -15.62
CA LEU A 336 21.37 -29.43 -14.57
C LEU A 336 21.92 -28.18 -13.91
N GLY A 337 22.36 -28.29 -12.65
CA GLY A 337 22.89 -27.12 -11.98
C GLY A 337 23.72 -27.41 -10.75
N LEU A 338 23.74 -28.68 -10.37
CA LEU A 338 24.48 -29.09 -9.19
C LEU A 338 25.97 -28.79 -9.26
N GLU A 339 26.52 -28.83 -10.47
CA GLU A 339 27.96 -28.60 -10.63
C GLU A 339 28.31 -27.16 -10.99
N THR A 340 27.32 -26.38 -11.40
CA THR A 340 27.54 -24.99 -11.79
C THR A 340 26.93 -23.90 -10.90
N SER A 341 26.14 -24.29 -9.91
CA SER A 341 25.50 -23.33 -9.05
C SER A 341 26.42 -22.37 -8.30
N LEU A 342 27.32 -22.89 -7.48
CA LEU A 342 28.23 -22.03 -6.72
C LEU A 342 29.17 -21.26 -7.64
N PRO A 343 29.90 -21.96 -8.51
CA PRO A 343 30.79 -21.20 -9.38
C PRO A 343 30.11 -20.12 -10.23
N MET A 344 28.87 -20.34 -10.60
CA MET A 344 28.19 -19.33 -11.38
C MET A 344 27.93 -18.10 -10.53
N MET A 345 27.50 -18.30 -9.27
CA MET A 345 27.23 -17.18 -8.36
C MET A 345 28.52 -16.48 -7.97
N LEU A 346 29.55 -17.27 -7.70
CA LEU A 346 30.85 -16.76 -7.33
C LEU A 346 31.41 -15.92 -8.48
N THR A 347 31.31 -16.47 -9.69
CA THR A 347 31.83 -15.83 -10.89
C THR A 347 31.12 -14.55 -11.33
N ASN A 348 29.81 -14.62 -11.55
CA ASN A 348 29.08 -13.45 -12.01
C ASN A 348 28.47 -12.60 -10.93
N GLY A 349 28.58 -13.06 -9.69
CA GLY A 349 28.05 -12.31 -8.56
C GLY A 349 29.16 -11.70 -7.72
N VAL A 350 29.87 -12.54 -6.97
CA VAL A 350 30.94 -12.07 -6.11
C VAL A 350 32.09 -11.43 -6.87
N ASN A 351 32.72 -12.18 -7.77
CA ASN A 351 33.86 -11.67 -8.54
C ASN A 351 33.51 -10.59 -9.55
N LYS A 352 32.25 -10.22 -9.63
CA LYS A 352 31.86 -9.20 -10.58
C LYS A 352 31.31 -8.03 -9.80
N GLY A 353 31.47 -8.12 -8.49
CA GLY A 353 31.05 -7.07 -7.58
C GLY A 353 29.58 -6.82 -7.32
N ARG A 354 28.68 -7.63 -7.85
CA ARG A 354 27.27 -7.38 -7.58
C ARG A 354 26.64 -8.26 -6.48
N LEU A 355 27.47 -8.98 -5.74
CA LEU A 355 27.02 -9.83 -4.65
C LEU A 355 28.13 -9.98 -3.64
N SER A 356 27.83 -9.81 -2.36
CA SER A 356 28.86 -9.96 -1.35
C SER A 356 28.94 -11.40 -0.88
N LEU A 357 30.13 -11.81 -0.46
CA LEU A 357 30.33 -13.16 0.02
C LEU A 357 29.38 -13.43 1.17
N GLU A 358 29.22 -12.44 2.05
CA GLU A 358 28.36 -12.59 3.21
C GLU A 358 26.93 -12.92 2.83
N ARG A 359 26.42 -12.23 1.82
CA ARG A 359 25.05 -12.48 1.39
C ARG A 359 24.92 -13.85 0.72
N LEU A 360 25.93 -14.20 -0.08
CA LEU A 360 25.94 -15.48 -0.77
C LEU A 360 25.82 -16.61 0.24
N VAL A 361 26.60 -16.52 1.31
CA VAL A 361 26.53 -17.56 2.33
C VAL A 361 25.17 -17.60 3.02
N GLU A 362 24.53 -16.44 3.12
CA GLU A 362 23.24 -16.37 3.77
C GLU A 362 22.15 -17.07 2.97
N VAL A 363 22.11 -16.79 1.66
CA VAL A 363 21.08 -17.39 0.80
C VAL A 363 21.37 -18.82 0.31
N MET A 364 22.65 -19.23 0.34
CA MET A 364 23.02 -20.56 -0.14
C MET A 364 23.34 -21.55 0.97
N CYS A 365 23.50 -21.05 2.20
CA CYS A 365 23.83 -21.94 3.31
C CYS A 365 22.93 -21.76 4.53
N GLU A 366 22.97 -20.57 5.12
CA GLU A 366 22.20 -20.30 6.32
C GLU A 366 20.69 -20.40 6.24
N LYS A 367 20.04 -19.56 5.43
CA LYS A 367 18.58 -19.59 5.35
C LYS A 367 18.01 -20.95 4.96
N PRO A 368 18.52 -21.56 3.89
CA PRO A 368 17.90 -22.85 3.60
C PRO A 368 17.94 -23.81 4.81
N ALA A 369 19.09 -23.92 5.48
CA ALA A 369 19.19 -24.78 6.65
C ALA A 369 18.22 -24.33 7.72
N LYS A 370 18.21 -23.03 7.99
CA LYS A 370 17.32 -22.47 8.99
C LYS A 370 15.86 -22.78 8.69
N LEU A 371 15.39 -22.42 7.50
CA LEU A 371 13.98 -22.66 7.16
C LEU A 371 13.53 -24.11 7.33
N PHE A 372 14.40 -25.07 7.10
CA PHE A 372 14.01 -26.47 7.22
C PHE A 372 14.31 -27.10 8.57
N GLY A 373 14.91 -26.31 9.45
CA GLY A 373 15.21 -26.79 10.77
C GLY A 373 16.39 -27.72 10.89
N ILE A 374 17.35 -27.63 9.98
CA ILE A 374 18.53 -28.49 10.09
C ILE A 374 19.71 -27.57 10.40
N TYR A 375 19.38 -26.37 10.84
CA TYR A 375 20.35 -25.32 11.07
C TYR A 375 21.66 -25.53 11.79
N PRO A 376 21.74 -25.22 13.09
CA PRO A 376 23.07 -25.43 13.66
C PRO A 376 23.90 -26.58 13.01
N GLN A 377 23.26 -27.72 12.71
CA GLN A 377 23.98 -28.84 12.10
C GLN A 377 24.60 -28.52 10.73
N LYS A 378 23.79 -28.01 9.80
CA LYS A 378 24.27 -27.63 8.47
C LYS A 378 24.11 -26.12 8.30
N GLY A 379 24.80 -25.53 7.33
CA GLY A 379 24.59 -24.11 7.13
C GLY A 379 25.51 -23.12 7.80
N THR A 380 26.30 -23.54 8.78
CA THR A 380 27.30 -22.65 9.43
C THR A 380 28.40 -23.47 10.05
N LEU A 381 29.45 -22.77 10.44
CA LEU A 381 30.59 -23.39 11.07
C LEU A 381 30.66 -22.86 12.52
N GLN A 382 29.93 -23.49 13.42
CA GLN A 382 29.99 -23.08 14.81
C GLN A 382 30.34 -24.30 15.62
N VAL A 383 30.68 -24.11 16.89
CA VAL A 383 31.00 -25.27 17.70
C VAL A 383 29.74 -26.11 17.77
N GLY A 384 29.86 -27.39 17.40
CA GLY A 384 28.72 -28.28 17.42
C GLY A 384 28.15 -28.66 16.05
N SER A 385 28.43 -27.85 15.03
CA SER A 385 27.94 -28.11 13.67
C SER A 385 28.77 -29.19 12.97
N ASP A 386 28.21 -29.80 11.93
CA ASP A 386 28.97 -30.78 11.18
C ASP A 386 30.07 -29.97 10.48
N ALA A 387 31.27 -30.50 10.42
CA ALA A 387 32.36 -29.79 9.77
C ALA A 387 32.19 -29.87 8.26
N ASP A 388 31.33 -29.02 7.70
CA ASP A 388 31.11 -29.01 6.25
C ASP A 388 31.67 -27.70 5.68
N LEU A 389 32.86 -27.73 5.09
CA LEU A 389 33.43 -26.51 4.54
C LEU A 389 33.81 -26.64 3.10
N LEU A 390 34.16 -25.48 2.56
CA LEU A 390 34.61 -25.33 1.21
C LEU A 390 35.77 -24.34 1.30
N ILE A 391 36.90 -24.68 0.71
CA ILE A 391 38.00 -23.73 0.66
C ILE A 391 37.78 -23.15 -0.73
N LEU A 392 37.62 -21.85 -0.83
CA LEU A 392 37.37 -21.22 -2.11
C LEU A 392 38.61 -20.66 -2.78
N ASP A 393 38.50 -20.40 -4.07
CA ASP A 393 39.58 -19.80 -4.82
C ASP A 393 38.87 -18.85 -5.78
N LEU A 394 38.90 -17.57 -5.44
CA LEU A 394 38.24 -16.57 -6.27
C LEU A 394 39.14 -16.02 -7.38
N ASP A 395 40.25 -16.69 -7.60
CA ASP A 395 41.15 -16.23 -8.64
C ASP A 395 41.49 -17.36 -9.63
N ILE A 396 40.44 -17.90 -10.23
CA ILE A 396 40.54 -19.00 -11.19
C ILE A 396 40.21 -18.47 -12.56
N ASP A 397 40.64 -19.19 -13.57
CA ASP A 397 40.34 -18.84 -14.94
C ASP A 397 40.10 -20.14 -15.66
N THR A 398 38.87 -20.36 -16.07
CA THR A 398 38.50 -21.60 -16.74
C THR A 398 37.09 -21.48 -17.31
N LYS A 399 36.62 -22.55 -17.95
CA LYS A 399 35.28 -22.56 -18.54
C LYS A 399 34.49 -23.74 -18.00
N VAL A 400 33.15 -23.65 -18.02
CA VAL A 400 32.36 -24.77 -17.58
C VAL A 400 32.31 -25.68 -18.81
N ASP A 401 32.65 -26.96 -18.62
CA ASP A 401 32.64 -27.95 -19.70
C ASP A 401 31.65 -29.06 -19.37
N ALA A 402 30.41 -28.92 -19.85
CA ALA A 402 29.36 -29.87 -19.55
C ALA A 402 29.70 -31.34 -19.73
N SER A 403 30.59 -31.64 -20.68
CA SER A 403 30.97 -33.02 -20.96
C SER A 403 31.81 -33.62 -19.84
N GLN A 404 32.32 -32.76 -18.96
CA GLN A 404 33.13 -33.21 -17.83
C GLN A 404 32.27 -33.45 -16.59
N PHE A 405 30.98 -33.12 -16.69
CA PHE A 405 30.05 -33.31 -15.58
C PHE A 405 30.10 -34.72 -15.05
N ARG A 406 29.99 -34.85 -13.75
CA ARG A 406 30.03 -36.15 -13.11
C ARG A 406 28.63 -36.80 -13.07
N SER A 407 27.60 -36.01 -13.36
CA SER A 407 26.23 -36.49 -13.34
C SER A 407 25.89 -37.41 -14.51
N LEU A 408 24.70 -38.00 -14.45
CA LEU A 408 24.25 -38.89 -15.53
C LEU A 408 24.23 -38.13 -16.85
N HIS A 409 23.61 -36.97 -16.88
CA HIS A 409 23.57 -36.19 -18.10
C HIS A 409 24.74 -35.23 -18.23
N LYS A 410 25.11 -34.94 -19.47
CA LYS A 410 26.26 -34.07 -19.73
C LYS A 410 26.02 -32.86 -20.58
N TYR A 411 25.07 -32.00 -20.19
CA TYR A 411 24.82 -30.78 -20.95
C TYR A 411 24.40 -29.69 -19.98
N SER A 412 24.55 -28.43 -20.38
CA SER A 412 24.21 -27.35 -19.47
C SER A 412 24.04 -26.04 -20.19
N PRO A 413 23.12 -25.18 -19.70
CA PRO A 413 22.85 -23.86 -20.29
C PRO A 413 24.10 -22.99 -20.17
N PHE A 414 24.94 -23.32 -19.19
CA PHE A 414 26.16 -22.57 -18.92
C PHE A 414 27.37 -23.13 -19.65
N ASP A 415 27.17 -24.20 -20.40
CA ASP A 415 28.28 -24.81 -21.11
C ASP A 415 29.10 -23.76 -21.85
N GLY A 416 30.42 -23.82 -21.68
CA GLY A 416 31.30 -22.88 -22.35
C GLY A 416 31.56 -21.56 -21.63
N MET A 417 30.67 -21.18 -20.72
CA MET A 417 30.84 -19.94 -19.99
C MET A 417 32.03 -19.95 -19.05
N PRO A 418 32.64 -18.77 -18.86
CA PRO A 418 33.80 -18.64 -17.98
C PRO A 418 33.47 -18.79 -16.50
N VAL A 419 34.46 -19.28 -15.76
CA VAL A 419 34.35 -19.50 -14.32
C VAL A 419 35.59 -18.88 -13.69
N THR A 420 35.40 -17.91 -12.80
CA THR A 420 36.53 -17.26 -12.16
C THR A 420 36.63 -17.56 -10.66
N GLY A 421 35.69 -18.32 -10.14
CA GLY A 421 35.72 -18.66 -8.73
C GLY A 421 35.07 -20.00 -8.51
N ALA A 422 35.59 -20.79 -7.59
CA ALA A 422 35.01 -22.11 -7.35
C ALA A 422 35.57 -22.77 -6.12
N PRO A 423 34.82 -23.73 -5.56
CA PRO A 423 35.35 -24.41 -4.37
C PRO A 423 36.45 -25.32 -4.89
N VAL A 424 37.58 -25.40 -4.18
CA VAL A 424 38.71 -26.23 -4.60
C VAL A 424 38.93 -27.39 -3.63
N LEU A 425 38.11 -27.43 -2.59
CA LEU A 425 38.21 -28.49 -1.58
C LEU A 425 36.84 -28.46 -0.93
N THR A 426 36.24 -29.62 -0.77
CA THR A 426 34.95 -29.64 -0.13
C THR A 426 34.93 -30.82 0.81
N MET A 427 34.56 -30.58 2.06
CA MET A 427 34.50 -31.66 3.02
C MET A 427 33.18 -31.67 3.76
N VAL A 428 32.72 -32.88 4.08
CA VAL A 428 31.49 -33.00 4.84
C VAL A 428 31.82 -33.86 6.05
N ARG A 429 31.35 -33.42 7.21
CA ARG A 429 31.57 -34.10 8.48
C ARG A 429 33.04 -34.45 8.70
N GLY A 430 33.90 -33.47 8.45
CA GLY A 430 35.32 -33.67 8.68
C GLY A 430 36.11 -34.47 7.67
N THR A 431 35.51 -34.95 6.58
CA THR A 431 36.35 -35.70 5.65
C THR A 431 36.30 -35.11 4.24
N VAL A 432 37.46 -35.03 3.60
CA VAL A 432 37.54 -34.44 2.26
C VAL A 432 36.85 -35.35 1.26
N VAL A 433 35.75 -34.87 0.67
CA VAL A 433 35.02 -35.68 -0.31
C VAL A 433 35.41 -35.28 -1.72
N ALA A 434 35.92 -34.08 -1.88
CA ALA A 434 36.34 -33.65 -3.21
C ALA A 434 37.46 -32.69 -3.04
N GLU A 435 38.49 -32.89 -3.82
CA GLU A 435 39.64 -32.02 -3.77
C GLU A 435 40.05 -31.79 -5.21
N LYS A 436 40.14 -30.51 -5.57
CA LYS A 436 40.49 -30.09 -6.91
C LYS A 436 39.98 -31.02 -8.02
N GLY A 437 38.65 -31.12 -8.10
CA GLY A 437 38.00 -31.93 -9.12
C GLY A 437 37.90 -33.44 -8.97
N GLU A 438 38.42 -33.97 -7.88
CA GLU A 438 38.40 -35.40 -7.65
C GLU A 438 37.51 -35.82 -6.51
N VAL A 439 36.58 -36.73 -6.76
CA VAL A 439 35.76 -37.18 -5.65
C VAL A 439 36.59 -38.27 -5.00
N LEU A 440 36.74 -38.22 -3.68
CA LEU A 440 37.56 -39.18 -2.96
C LEU A 440 36.76 -40.07 -2.02
N VAL A 441 35.45 -40.10 -2.17
CA VAL A 441 34.68 -40.90 -1.23
C VAL A 441 33.78 -41.91 -1.97
N GLU A 442 33.54 -43.07 -1.35
CA GLU A 442 32.71 -44.10 -1.98
C GLU A 442 31.22 -43.87 -1.84
N GLN A 443 30.45 -44.48 -2.73
CA GLN A 443 29.01 -44.30 -2.68
C GLN A 443 28.44 -44.80 -1.36
N GLY A 444 27.52 -44.04 -0.80
CA GLY A 444 26.92 -44.43 0.46
C GLY A 444 27.47 -43.61 1.62
N PHE A 445 28.55 -42.87 1.34
CA PHE A 445 29.16 -42.03 2.36
C PHE A 445 28.15 -41.03 2.94
N GLY A 446 27.23 -40.55 2.10
CA GLY A 446 26.23 -39.59 2.53
C GLY A 446 25.27 -40.09 3.61
N GLN A 447 25.00 -39.23 4.58
CA GLN A 447 24.09 -39.56 5.68
C GLN A 447 22.78 -38.81 5.52
N PHE A 448 21.75 -39.38 6.10
CA PHE A 448 20.42 -38.80 6.10
C PHE A 448 20.46 -37.70 7.16
N VAL A 449 19.92 -36.52 6.87
CA VAL A 449 19.89 -35.48 7.89
C VAL A 449 18.45 -35.06 8.08
N THR A 450 18.10 -34.65 9.29
CA THR A 450 16.73 -34.27 9.55
C THR A 450 16.56 -33.28 10.71
N ARG A 451 15.35 -33.23 11.25
CA ARG A 451 14.91 -32.39 12.36
C ARG A 451 14.13 -31.18 11.84
N MET B 1 49.80 -19.03 27.39
CA MET B 1 48.49 -19.63 27.81
C MET B 1 47.38 -18.60 27.69
N PHE B 2 46.27 -18.85 28.38
CA PHE B 2 45.12 -17.95 28.31
C PHE B 2 44.89 -17.15 29.59
N ASP B 3 44.46 -15.90 29.44
CA ASP B 3 44.24 -15.06 30.60
C ASP B 3 43.05 -15.55 31.40
N VAL B 4 41.98 -15.95 30.72
CA VAL B 4 40.81 -16.45 31.43
C VAL B 4 39.98 -17.35 30.54
N ILE B 5 39.32 -18.32 31.17
CA ILE B 5 38.44 -19.25 30.49
C ILE B 5 37.11 -19.27 31.20
N VAL B 6 36.04 -19.03 30.45
CA VAL B 6 34.70 -19.06 31.02
C VAL B 6 34.16 -20.36 30.47
N LYS B 7 33.94 -21.34 31.34
CA LYS B 7 33.44 -22.61 30.82
C LYS B 7 32.02 -22.98 31.19
N ASN B 8 31.48 -23.89 30.39
CA ASN B 8 30.12 -24.39 30.54
C ASN B 8 29.17 -23.25 30.30
N CYS B 9 29.35 -22.58 29.17
CA CYS B 9 28.51 -21.47 28.81
C CYS B 9 27.42 -21.95 27.89
N ARG B 10 26.24 -21.39 28.03
CA ARG B 10 25.15 -21.69 27.12
C ARG B 10 25.11 -20.33 26.44
N LEU B 11 26.03 -20.18 25.49
CA LEU B 11 26.26 -18.96 24.74
C LEU B 11 25.13 -18.57 23.79
N VAL B 12 24.54 -17.39 23.98
CA VAL B 12 23.45 -16.97 23.12
C VAL B 12 23.76 -15.84 22.14
N SER B 13 23.29 -16.02 20.91
CA SER B 13 23.48 -15.04 19.84
C SER B 13 22.10 -14.85 19.25
N SER B 14 21.96 -13.96 18.27
CA SER B 14 20.64 -13.73 17.70
C SER B 14 20.06 -14.95 17.03
N ASP B 15 20.90 -15.88 16.61
CA ASP B 15 20.32 -17.05 15.95
C ASP B 15 20.49 -18.41 16.63
N GLY B 16 20.48 -18.44 17.95
CA GLY B 16 20.59 -19.72 18.63
C GLY B 16 21.54 -19.81 19.81
N ILE B 17 21.36 -20.85 20.61
CA ILE B 17 22.20 -21.06 21.78
C ILE B 17 23.19 -22.18 21.45
N THR B 18 24.48 -21.96 21.66
CA THR B 18 25.44 -23.04 21.43
C THR B 18 26.23 -23.28 22.72
N GLU B 19 26.44 -24.55 23.04
CA GLU B 19 27.15 -24.91 24.25
C GLU B 19 28.66 -24.99 24.06
N ALA B 20 29.40 -24.08 24.69
CA ALA B 20 30.84 -24.07 24.56
C ALA B 20 31.55 -23.32 25.67
N ASP B 21 32.87 -23.24 25.54
CA ASP B 21 33.69 -22.51 26.50
C ASP B 21 34.37 -21.37 25.75
N ILE B 22 34.58 -20.27 26.46
CA ILE B 22 35.23 -19.11 25.87
C ILE B 22 36.62 -18.90 26.45
N LEU B 23 37.59 -18.81 25.55
CA LEU B 23 38.98 -18.61 25.91
C LEU B 23 39.32 -17.19 25.53
N VAL B 24 39.73 -16.40 26.51
CA VAL B 24 40.07 -15.02 26.25
C VAL B 24 41.54 -14.72 26.53
N LYS B 25 42.12 -13.94 25.63
CA LYS B 25 43.50 -13.53 25.75
C LYS B 25 43.67 -12.10 25.23
N ASP B 26 44.41 -11.29 25.98
CA ASP B 26 44.67 -9.91 25.65
C ASP B 26 43.37 -9.13 25.44
N GLY B 27 42.40 -9.40 26.31
CA GLY B 27 41.12 -8.71 26.26
C GLY B 27 40.12 -9.09 25.19
N LYS B 28 40.46 -10.04 24.34
CA LYS B 28 39.52 -10.44 23.29
C LYS B 28 39.31 -11.93 23.29
N VAL B 29 38.24 -12.35 22.61
CA VAL B 29 37.96 -13.77 22.52
C VAL B 29 39.05 -14.38 21.65
N ALA B 30 39.79 -15.33 22.20
CA ALA B 30 40.86 -15.98 21.46
C ALA B 30 40.34 -17.28 20.84
N ALA B 31 39.33 -17.88 21.48
CA ALA B 31 38.78 -19.13 20.98
C ALA B 31 37.47 -19.49 21.63
N ILE B 32 36.70 -20.31 20.92
CA ILE B 32 35.44 -20.83 21.42
C ILE B 32 35.54 -22.32 21.14
N SER B 33 35.43 -23.14 22.17
CA SER B 33 35.57 -24.56 21.92
C SER B 33 34.65 -25.42 22.75
N ALA B 34 34.37 -26.61 22.23
CA ALA B 34 33.46 -27.54 22.88
C ALA B 34 34.01 -28.05 24.20
N ASP B 35 35.33 -28.20 24.28
CA ASP B 35 35.95 -28.71 25.49
C ASP B 35 37.33 -28.09 25.74
N THR B 36 37.56 -27.64 26.97
CA THR B 36 38.84 -27.01 27.34
C THR B 36 39.59 -27.79 28.42
N SER B 37 39.20 -29.04 28.65
CA SER B 37 39.81 -29.91 29.65
C SER B 37 41.30 -29.76 29.84
N ASP B 38 42.05 -29.63 28.75
CA ASP B 38 43.48 -29.52 28.89
C ASP B 38 44.16 -28.26 28.39
N VAL B 39 43.69 -27.12 28.87
CA VAL B 39 44.29 -25.84 28.50
C VAL B 39 44.48 -25.07 29.80
N GLU B 40 45.54 -24.29 29.88
CA GLU B 40 45.80 -23.54 31.09
C GLU B 40 45.43 -22.08 30.96
N ALA B 41 44.81 -21.55 32.00
CA ALA B 41 44.40 -20.16 32.04
C ALA B 41 44.70 -19.60 33.42
N SER B 42 45.12 -18.34 33.48
CA SER B 42 45.43 -17.71 34.76
C SER B 42 44.23 -17.73 35.68
N ARG B 43 43.06 -17.48 35.11
CA ARG B 43 41.84 -17.41 35.87
C ARG B 43 40.78 -18.27 35.18
N THR B 44 39.91 -18.92 35.96
CA THR B 44 38.87 -19.75 35.40
C THR B 44 37.51 -19.42 35.99
N ILE B 45 36.52 -19.20 35.12
CA ILE B 45 35.18 -18.91 35.56
C ILE B 45 34.28 -20.04 35.09
N ASP B 46 33.49 -20.59 36.00
CA ASP B 46 32.58 -21.65 35.62
C ASP B 46 31.19 -21.06 35.56
N ALA B 47 30.60 -21.03 34.37
CA ALA B 47 29.26 -20.48 34.22
C ALA B 47 28.23 -21.49 34.71
N GLY B 48 28.67 -22.74 34.89
CA GLY B 48 27.80 -23.77 35.38
C GLY B 48 26.58 -24.01 34.51
N GLY B 49 26.70 -23.72 33.22
CA GLY B 49 25.59 -23.93 32.31
C GLY B 49 24.57 -22.80 32.25
N LYS B 50 24.86 -21.65 32.84
CA LYS B 50 23.92 -20.55 32.78
C LYS B 50 24.08 -19.89 31.41
N PHE B 51 23.12 -19.07 31.03
CA PHE B 51 23.20 -18.38 29.76
C PHE B 51 24.28 -17.30 29.80
N VAL B 52 25.08 -17.24 28.74
CA VAL B 52 26.10 -16.23 28.63
C VAL B 52 25.78 -15.43 27.37
N MET B 53 25.78 -14.11 27.46
CA MET B 53 25.48 -13.26 26.31
C MET B 53 26.48 -12.13 26.20
N PRO B 54 26.53 -11.47 25.03
CA PRO B 54 27.51 -10.38 24.88
C PRO B 54 27.06 -9.20 25.75
N GLY B 55 28.01 -8.35 26.10
CA GLY B 55 27.67 -7.20 26.91
C GLY B 55 26.65 -6.38 26.16
N VAL B 56 25.70 -5.79 26.88
CA VAL B 56 24.69 -4.95 26.23
C VAL B 56 25.32 -3.66 25.73
N VAL B 57 24.94 -3.24 24.53
CA VAL B 57 25.43 -2.02 23.94
C VAL B 57 24.27 -1.04 23.91
N ASP B 58 24.30 -0.04 24.78
CA ASP B 58 23.22 0.94 24.84
C ASP B 58 23.60 2.21 24.07
N GLU B 59 22.90 2.44 22.97
CA GLU B 59 23.13 3.57 22.07
C GLU B 59 22.45 4.85 22.52
N HIS B 60 21.69 4.79 23.61
CA HIS B 60 20.96 5.98 24.04
C HIS B 60 21.14 6.31 25.51
N VAL B 61 22.27 6.92 25.83
CA VAL B 61 22.59 7.27 27.20
C VAL B 61 22.83 8.77 27.40
N HIS B 62 22.24 9.30 28.48
CA HIS B 62 22.41 10.71 28.84
C HIS B 62 22.97 10.82 30.26
N ILE B 63 24.25 10.47 30.45
CA ILE B 63 24.84 10.61 31.77
C ILE B 63 25.01 12.12 31.95
N ILE B 64 25.18 12.82 30.82
CA ILE B 64 25.33 14.28 30.76
C ILE B 64 26.69 14.77 31.22
N ASP B 65 26.91 14.70 32.54
CA ASP B 65 28.16 15.11 33.18
C ASP B 65 28.59 16.52 32.82
N MET B 66 29.89 16.73 32.68
CA MET B 66 30.46 18.03 32.34
C MET B 66 30.05 19.11 33.35
N ASP B 67 29.85 20.34 32.90
CA ASP B 67 29.50 21.42 33.82
C ASP B 67 28.24 21.20 34.64
N LEU B 68 27.45 20.20 34.26
CA LEU B 68 26.22 19.92 34.98
C LEU B 68 26.31 18.62 35.76
N LYS B 69 27.52 18.11 35.94
CA LYS B 69 27.65 16.84 36.62
C LYS B 69 27.02 16.73 38.00
N ASN B 70 26.97 17.81 38.78
CA ASN B 70 26.37 17.69 40.09
C ASN B 70 24.86 17.78 40.08
N ARG B 71 24.28 17.94 38.91
CA ARG B 71 22.84 18.06 38.82
C ARG B 71 22.14 16.91 38.08
N TYR B 72 22.80 16.34 37.07
CA TYR B 72 22.22 15.26 36.27
C TYR B 72 22.88 13.89 36.41
N GLY B 73 24.19 13.81 36.20
CA GLY B 73 24.89 12.54 36.32
C GLY B 73 26.40 12.67 36.25
N ARG B 74 27.11 11.74 36.88
CA ARG B 74 28.57 11.73 36.89
C ARG B 74 29.07 10.45 36.19
N PHE B 75 30.09 10.57 35.34
CA PHE B 75 30.60 9.40 34.67
C PHE B 75 30.96 8.26 35.64
N GLU B 76 31.68 8.57 36.72
CA GLU B 76 32.09 7.53 37.68
C GLU B 76 30.96 6.96 38.50
N LEU B 77 29.81 7.62 38.54
CA LEU B 77 28.72 7.07 39.31
C LEU B 77 27.77 6.25 38.45
N ASP B 78 27.17 6.91 37.45
CA ASP B 78 26.24 6.25 36.55
C ASP B 78 26.86 5.09 35.77
N SER B 79 28.14 5.19 35.42
CA SER B 79 28.72 4.09 34.68
C SER B 79 28.78 2.83 35.59
N GLU B 80 28.63 3.02 36.90
CA GLU B 80 28.63 1.85 37.77
C GLU B 80 27.26 1.18 37.62
N SER B 81 26.23 1.99 37.38
CA SER B 81 24.89 1.44 37.19
C SER B 81 24.91 0.59 35.93
N ALA B 82 25.60 1.06 34.91
CA ALA B 82 25.71 0.31 33.66
C ALA B 82 26.37 -1.02 33.97
N ALA B 83 27.53 -0.97 34.60
CA ALA B 83 28.26 -2.18 34.94
C ALA B 83 27.41 -3.21 35.63
N VAL B 84 26.67 -2.85 36.67
CA VAL B 84 25.88 -3.88 37.33
C VAL B 84 24.70 -4.25 36.48
N GLY B 85 24.26 -3.32 35.64
CA GLY B 85 23.13 -3.57 34.77
C GLY B 85 23.48 -4.41 33.55
N GLY B 86 24.75 -4.77 33.40
CA GLY B 86 25.16 -5.57 32.27
C GLY B 86 25.43 -4.81 30.98
N ILE B 87 25.43 -3.48 31.06
CA ILE B 87 25.69 -2.64 29.89
C ILE B 87 27.18 -2.34 29.84
N THR B 88 27.88 -3.03 28.95
CA THR B 88 29.32 -2.88 28.83
C THR B 88 29.83 -1.75 27.95
N THR B 89 29.02 -1.26 27.02
CA THR B 89 29.45 -0.08 26.27
C THR B 89 28.25 0.83 26.02
N ILE B 90 28.49 2.12 26.24
CA ILE B 90 27.47 3.13 26.08
C ILE B 90 27.89 4.14 25.03
N ILE B 91 26.91 4.85 24.47
CA ILE B 91 27.19 5.88 23.52
C ILE B 91 26.51 7.11 24.12
N GLU B 92 27.29 8.05 24.65
CA GLU B 92 26.77 9.27 25.29
C GLU B 92 26.22 10.25 24.29
N MET B 93 24.99 10.71 24.52
CA MET B 93 24.36 11.69 23.64
C MET B 93 25.11 13.02 23.85
N PRO B 94 24.91 13.99 22.96
CA PRO B 94 25.62 15.25 23.13
C PRO B 94 24.84 16.34 23.82
N ILE B 95 23.79 15.98 24.56
CA ILE B 95 22.99 16.98 25.25
C ILE B 95 23.61 17.19 26.62
N THR B 96 24.35 18.28 26.76
CA THR B 96 24.99 18.59 28.02
C THR B 96 25.50 20.01 27.92
N PHE B 97 26.18 20.49 28.94
CA PHE B 97 26.74 21.83 28.85
C PHE B 97 28.19 21.81 29.29
N PRO B 98 29.09 22.30 28.43
CA PRO B 98 28.72 22.82 27.10
C PRO B 98 28.23 21.71 26.17
N PRO B 99 27.41 22.06 25.18
CA PRO B 99 26.86 21.11 24.20
C PRO B 99 27.98 20.48 23.39
N THR B 100 27.90 19.18 23.15
CA THR B 100 28.93 18.53 22.37
C THR B 100 28.65 18.79 20.88
N THR B 101 28.73 20.05 20.49
CA THR B 101 28.46 20.46 19.11
C THR B 101 29.68 21.07 18.44
N THR B 102 30.84 20.87 19.05
CA THR B 102 32.10 21.40 18.55
C THR B 102 33.24 20.42 18.68
N LEU B 103 34.22 20.53 17.79
CA LEU B 103 35.36 19.63 17.87
C LEU B 103 36.00 19.73 19.25
N ASP B 104 36.13 20.96 19.74
CA ASP B 104 36.72 21.20 21.05
C ASP B 104 35.90 20.55 22.14
N ALA B 105 34.61 20.85 22.16
CA ALA B 105 33.75 20.28 23.19
C ALA B 105 33.83 18.77 23.18
N PHE B 106 33.95 18.22 21.97
CA PHE B 106 34.02 16.78 21.76
C PHE B 106 35.31 16.21 22.34
N LEU B 107 36.45 16.81 21.95
CA LEU B 107 37.74 16.36 22.45
C LEU B 107 37.82 16.42 23.97
N GLU B 108 37.19 17.43 24.55
CA GLU B 108 37.21 17.59 25.99
C GLU B 108 36.38 16.51 26.66
N LYS B 109 35.19 16.23 26.12
CA LYS B 109 34.33 15.21 26.70
C LYS B 109 35.00 13.83 26.62
N LYS B 110 35.71 13.59 25.52
CA LYS B 110 36.40 12.32 25.33
C LYS B 110 37.48 12.11 26.38
N LYS B 111 38.20 13.20 26.66
CA LYS B 111 39.28 13.17 27.63
C LYS B 111 38.69 12.85 29.00
N GLN B 112 37.68 13.60 29.38
CA GLN B 112 37.00 13.41 30.66
C GLN B 112 36.41 12.01 30.80
N ALA B 113 35.56 11.65 29.85
CA ALA B 113 34.89 10.36 29.84
C ALA B 113 35.90 9.24 30.00
N GLY B 114 37.03 9.35 29.30
CA GLY B 114 38.06 8.34 29.39
C GLY B 114 38.72 8.21 30.76
N GLN B 115 38.70 9.29 31.52
CA GLN B 115 39.32 9.29 32.83
C GLN B 115 38.38 8.84 33.93
N ARG B 116 37.07 8.96 33.72
CA ARG B 116 36.17 8.61 34.79
C ARG B 116 35.17 7.48 34.57
N LEU B 117 34.92 7.11 33.32
CA LEU B 117 33.97 6.04 33.01
C LEU B 117 34.49 4.67 33.44
N LYS B 118 33.58 3.78 33.82
CA LYS B 118 33.97 2.45 34.24
C LYS B 118 33.62 1.35 33.22
N VAL B 119 32.82 1.69 32.22
CA VAL B 119 32.50 0.73 31.16
C VAL B 119 32.99 1.41 29.87
N ASP B 120 33.06 0.69 28.76
CA ASP B 120 33.55 1.33 27.54
C ASP B 120 32.52 2.28 26.93
N PHE B 121 32.99 3.18 26.07
CA PHE B 121 32.09 4.16 25.50
C PHE B 121 32.42 4.65 24.10
N ALA B 122 31.39 5.14 23.42
CA ALA B 122 31.51 5.72 22.10
C ALA B 122 30.81 7.08 22.26
N LEU B 123 31.07 8.02 21.37
CA LEU B 123 30.46 9.32 21.49
C LEU B 123 29.71 9.85 20.28
N TYR B 124 28.64 10.57 20.59
CA TYR B 124 27.80 11.22 19.59
C TYR B 124 28.28 12.66 19.51
N GLY B 125 28.01 13.28 18.39
CA GLY B 125 28.33 14.68 18.22
C GLY B 125 26.93 15.26 18.10
N GLY B 126 26.80 16.58 18.18
CA GLY B 126 25.48 17.15 18.06
C GLY B 126 25.31 17.85 16.72
N GLY B 127 24.09 17.79 16.20
CA GLY B 127 23.80 18.45 14.96
C GLY B 127 22.73 19.46 15.28
N VAL B 128 23.16 20.70 15.50
CA VAL B 128 22.25 21.79 15.83
C VAL B 128 22.31 22.90 14.78
N PRO B 129 21.36 23.84 14.82
CA PRO B 129 21.44 24.89 13.81
C PRO B 129 22.74 25.68 13.84
N GLY B 130 23.35 25.81 12.66
CA GLY B 130 24.57 26.55 12.51
C GLY B 130 25.90 25.87 12.76
N ASN B 131 25.92 24.59 13.10
CA ASN B 131 27.22 23.96 13.35
C ASN B 131 27.60 22.94 12.30
N LEU B 132 26.95 23.04 11.15
CA LEU B 132 27.17 22.10 10.05
C LEU B 132 28.63 21.68 9.81
N PRO B 133 29.55 22.64 9.72
CA PRO B 133 30.95 22.26 9.48
C PRO B 133 31.67 21.52 10.60
N GLU B 134 31.11 21.57 11.81
CA GLU B 134 31.74 20.86 12.93
C GLU B 134 31.53 19.36 12.82
N ILE B 135 30.45 18.96 12.13
CA ILE B 135 30.13 17.56 11.97
C ILE B 135 31.26 16.75 11.34
N ARG B 136 31.79 17.26 10.25
CA ARG B 136 32.88 16.58 9.56
C ARG B 136 34.06 16.44 10.53
N LYS B 137 34.29 17.47 11.33
CA LYS B 137 35.39 17.49 12.30
C LYS B 137 35.26 16.42 13.38
N MET B 138 34.07 16.33 13.97
CA MET B 138 33.83 15.34 15.02
C MET B 138 33.89 13.93 14.44
N HIS B 139 33.39 13.77 13.22
CA HIS B 139 33.42 12.47 12.55
C HIS B 139 34.88 12.00 12.49
N ASP B 140 35.75 12.89 12.00
CA ASP B 140 37.17 12.59 11.89
C ASP B 140 37.84 12.37 13.24
N ALA B 141 37.26 12.91 14.31
CA ALA B 141 37.84 12.73 15.63
C ALA B 141 37.33 11.46 16.29
N GLY B 142 36.47 10.71 15.58
CA GLY B 142 35.98 9.48 16.16
C GLY B 142 34.51 9.35 16.54
N ALA B 143 33.71 10.39 16.35
CA ALA B 143 32.30 10.29 16.70
C ALA B 143 31.68 9.15 15.89
N VAL B 144 30.84 8.33 16.50
CA VAL B 144 30.22 7.24 15.74
C VAL B 144 28.97 7.71 15.04
N GLY B 145 28.35 8.76 15.58
CA GLY B 145 27.14 9.28 14.99
C GLY B 145 26.78 10.65 15.54
N PHE B 146 25.61 11.15 15.14
CA PHE B 146 25.15 12.46 15.57
C PHE B 146 23.68 12.48 15.88
N SER B 148 20.14 15.04 16.33
CA SER B 148 19.50 16.30 16.02
C SER B 148 18.08 16.17 16.57
N MET B 149 17.47 17.27 16.97
CA MET B 149 16.12 17.17 17.49
C MET B 149 15.14 17.94 16.63
N MET B 150 13.95 17.37 16.46
CA MET B 150 12.93 18.02 15.67
C MET B 150 11.99 18.77 16.62
N ALA B 151 12.15 18.47 17.91
CA ALA B 151 11.38 19.11 18.97
C ALA B 151 12.37 19.22 20.12
N ALA B 152 12.59 20.45 20.60
CA ALA B 152 13.57 20.70 21.66
C ALA B 152 13.14 20.14 22.98
N SER B 153 13.94 20.41 24.01
CA SER B 153 13.63 19.96 25.36
C SER B 153 14.42 20.85 26.32
N VAL B 154 15.58 21.29 25.85
CA VAL B 154 16.45 22.17 26.63
C VAL B 154 16.86 23.34 25.74
N PRO B 155 15.91 24.23 25.42
CA PRO B 155 16.18 25.40 24.57
C PRO B 155 17.38 26.21 25.06
N GLY B 156 18.14 26.76 24.11
CA GLY B 156 19.33 27.53 24.43
C GLY B 156 20.57 26.63 24.46
N MET B 157 20.45 25.52 25.19
CA MET B 157 21.51 24.53 25.32
C MET B 157 21.58 23.66 24.05
N PHE B 158 20.49 22.97 23.74
CA PHE B 158 20.43 22.15 22.53
C PHE B 158 19.15 22.51 21.77
N ASP B 159 19.28 23.11 20.60
CA ASP B 159 18.08 23.52 19.85
C ASP B 159 17.61 22.56 18.77
N ALA B 160 16.33 22.67 18.44
CA ALA B 160 15.77 21.84 17.41
C ALA B 160 16.17 22.44 16.07
N VAL B 161 16.19 21.62 15.02
CA VAL B 161 16.53 22.12 13.69
C VAL B 161 15.26 22.21 12.84
N SER B 162 15.29 23.04 11.82
CA SER B 162 14.12 23.13 10.95
C SER B 162 14.30 22.05 9.88
N ASP B 163 13.30 21.84 9.04
CA ASP B 163 13.43 20.81 8.01
C ASP B 163 14.63 21.07 7.10
N GLY B 164 14.90 22.33 6.78
CA GLY B 164 16.03 22.66 5.93
C GLY B 164 17.35 22.34 6.61
N GLU B 165 17.47 22.72 7.87
CA GLU B 165 18.71 22.45 8.60
C GLU B 165 18.87 20.94 8.76
N LEU B 166 17.76 20.27 9.10
CA LEU B 166 17.77 18.83 9.25
C LEU B 166 18.17 18.18 7.94
N PHE B 167 17.66 18.69 6.82
CA PHE B 167 18.00 18.14 5.53
C PHE B 167 19.49 18.31 5.21
N GLU B 168 20.04 19.47 5.54
CA GLU B 168 21.47 19.70 5.28
C GLU B 168 22.33 18.77 6.13
N ILE B 169 21.85 18.50 7.34
CA ILE B 169 22.57 17.62 8.25
C ILE B 169 22.54 16.22 7.66
N PHE B 170 21.39 15.80 7.15
CA PHE B 170 21.25 14.48 6.54
C PHE B 170 22.26 14.32 5.41
N GLN B 171 22.39 15.35 4.58
CA GLN B 171 23.36 15.28 3.48
C GLN B 171 24.78 15.16 3.99
N GLU B 172 25.16 15.95 5.01
CA GLU B 172 26.51 15.82 5.52
C GLU B 172 26.75 14.41 6.05
N ILE B 173 25.81 13.92 6.86
CA ILE B 173 25.92 12.58 7.44
C ILE B 173 26.09 11.51 6.37
N ALA B 174 25.36 11.64 5.27
CA ALA B 174 25.45 10.68 4.19
C ALA B 174 26.84 10.71 3.58
N ALA B 175 27.35 11.91 3.38
CA ALA B 175 28.67 12.09 2.79
C ALA B 175 29.82 11.59 3.67
N CYS B 176 29.61 11.57 4.98
CA CYS B 176 30.64 11.10 5.91
C CYS B 176 30.49 9.62 6.14
N GLY B 177 29.32 9.10 5.80
CA GLY B 177 29.04 7.68 6.00
C GLY B 177 28.84 7.42 7.47
N SER B 178 28.29 8.40 8.17
CA SER B 178 28.06 8.29 9.60
C SER B 178 26.62 7.85 9.84
N VAL B 179 26.12 8.11 11.04
CA VAL B 179 24.76 7.75 11.41
C VAL B 179 24.12 8.99 12.03
N ILE B 180 22.85 9.23 11.77
CA ILE B 180 22.15 10.35 12.36
C ILE B 180 20.93 9.75 13.08
N VAL B 181 20.72 10.14 14.34
CA VAL B 181 19.58 9.66 15.07
C VAL B 181 18.81 10.94 15.36
N VAL B 182 17.49 10.87 15.42
CA VAL B 182 16.71 12.07 15.70
C VAL B 182 15.62 11.79 16.72
N HIS B 183 15.17 12.86 17.37
CA HIS B 183 14.08 12.79 18.32
C HIS B 183 12.95 13.31 17.42
N ALA B 184 12.02 12.45 17.05
CA ALA B 184 10.96 12.90 16.15
C ALA B 184 9.62 13.24 16.75
N GLU B 185 9.38 14.54 16.89
CA GLU B 185 8.09 15.06 17.36
C GLU B 185 7.88 16.38 16.67
N ASN B 186 6.66 16.87 16.66
CA ASN B 186 6.40 18.16 16.01
C ASN B 186 6.35 19.25 17.08
N GLU B 187 7.44 20.02 17.16
CA GLU B 187 7.58 21.08 18.14
C GLU B 187 6.40 22.04 18.20
N THR B 188 6.07 22.57 17.04
CA THR B 188 5.01 23.54 16.89
C THR B 188 3.61 23.10 17.25
N ILE B 189 3.28 21.83 16.99
CA ILE B 189 1.97 21.29 17.30
C ILE B 189 1.90 21.05 18.80
N ILE B 190 2.99 20.58 19.37
CA ILE B 190 3.02 20.34 20.81
C ILE B 190 2.75 21.65 21.52
N GLN B 191 3.37 22.74 21.08
CA GLN B 191 3.14 24.03 21.71
C GLN B 191 1.67 24.42 21.64
N ALA B 192 1.08 24.30 20.45
CA ALA B 192 -0.32 24.65 20.27
C ALA B 192 -1.21 23.82 21.18
N LEU B 193 -1.00 22.52 21.19
CA LEU B 193 -1.79 21.66 22.04
C LEU B 193 -1.58 21.98 23.53
N GLN B 194 -0.37 22.31 23.92
CA GLN B 194 -0.11 22.63 25.32
C GLN B 194 -0.98 23.79 25.77
N LYS B 195 -1.04 24.82 24.93
CA LYS B 195 -1.85 25.99 25.24
C LYS B 195 -3.30 25.62 25.35
N GLN B 196 -3.82 24.87 24.38
CA GLN B 196 -5.23 24.50 24.45
C GLN B 196 -5.51 23.72 25.72
N ILE B 197 -4.70 22.69 25.98
CA ILE B 197 -4.86 21.84 27.16
C ILE B 197 -4.67 22.58 28.48
N LYS B 198 -3.67 23.44 28.56
CA LYS B 198 -3.46 24.18 29.80
C LYS B 198 -4.65 25.08 30.04
N ALA B 199 -5.12 25.75 28.98
CA ALA B 199 -6.28 26.63 29.10
C ALA B 199 -7.49 25.90 29.66
N ALA B 200 -7.69 24.67 29.25
CA ALA B 200 -8.82 23.89 29.73
C ALA B 200 -8.53 23.39 31.14
N GLY B 201 -7.44 23.87 31.72
CA GLY B 201 -7.08 23.46 33.06
C GLY B 201 -6.55 22.05 33.26
N GLY B 202 -5.84 21.51 32.28
CA GLY B 202 -5.29 20.17 32.44
C GLY B 202 -3.93 20.24 33.13
N LYS B 203 -3.74 19.43 34.16
CA LYS B 203 -2.47 19.41 34.88
C LYS B 203 -2.07 17.96 35.16
N ASP B 204 -2.83 17.04 34.57
CA ASP B 204 -2.67 15.58 34.65
C ASP B 204 -1.42 15.04 33.98
N MET B 205 -1.26 13.72 34.09
CA MET B 205 -0.20 13.03 33.41
C MET B 205 -0.96 12.78 32.10
N ALA B 206 -2.27 12.56 32.24
CA ALA B 206 -3.15 12.34 31.11
C ALA B 206 -3.11 13.58 30.23
N ALA B 207 -3.18 14.73 30.86
CA ALA B 207 -3.14 15.99 30.13
C ALA B 207 -1.82 16.10 29.35
N TYR B 208 -0.74 15.65 29.97
CA TYR B 208 0.56 15.70 29.34
C TYR B 208 0.57 14.85 28.07
N GLU B 209 0.24 13.57 28.21
CA GLU B 209 0.22 12.65 27.08
C GLU B 209 -0.58 13.24 25.92
N ALA B 210 -1.72 13.85 26.22
CA ALA B 210 -2.56 14.43 25.19
C ALA B 210 -1.93 15.62 24.49
N SER B 211 -1.00 16.30 25.16
CA SER B 211 -0.34 17.47 24.57
C SER B 211 0.72 17.08 23.54
N GLN B 212 1.12 15.80 23.55
CA GLN B 212 2.10 15.30 22.59
C GLN B 212 1.56 13.97 22.10
N PRO B 213 0.38 13.97 21.47
CA PRO B 213 -0.29 12.77 20.94
C PRO B 213 0.49 11.99 19.89
N VAL B 214 0.04 10.78 19.59
CA VAL B 214 0.75 9.96 18.62
C VAL B 214 0.72 10.55 17.22
N PHE B 215 -0.39 11.20 16.85
CA PHE B 215 -0.48 11.73 15.50
C PHE B 215 0.65 12.71 15.19
N GLN B 216 1.11 13.46 16.19
CA GLN B 216 2.21 14.39 15.91
C GLN B 216 3.54 13.66 15.95
N GLU B 217 3.66 12.64 16.79
CA GLU B 217 4.91 11.89 16.84
C GLU B 217 5.06 11.20 15.50
N ASN B 218 3.98 10.62 15.03
CA ASN B 218 4.01 9.91 13.77
C ASN B 218 4.20 10.81 12.56
N GLU B 219 3.73 12.05 12.65
CA GLU B 219 3.92 12.97 11.54
C GLU B 219 5.42 13.25 11.42
N ALA B 220 6.08 13.46 12.55
CA ALA B 220 7.51 13.75 12.54
C ALA B 220 8.28 12.55 11.99
N ILE B 221 7.84 11.35 12.33
CA ILE B 221 8.52 10.16 11.84
C ILE B 221 8.38 10.15 10.31
N GLN B 222 7.16 10.41 9.85
CA GLN B 222 6.86 10.42 8.42
C GLN B 222 7.74 11.44 7.68
N ARG B 223 7.90 12.61 8.30
CA ARG B 223 8.71 13.68 7.75
C ARG B 223 10.20 13.31 7.67
N ALA B 224 10.74 12.75 8.75
CA ALA B 224 12.13 12.35 8.77
C ALA B 224 12.35 11.31 7.69
N LEU B 225 11.40 10.37 7.60
CA LEU B 225 11.46 9.32 6.61
C LEU B 225 11.55 9.89 5.18
N LEU B 226 10.70 10.86 4.85
CA LEU B 226 10.70 11.46 3.53
C LEU B 226 12.01 12.16 3.20
N LEU B 227 12.62 12.78 4.22
CA LEU B 227 13.87 13.47 3.99
C LEU B 227 15.04 12.51 3.89
N GLN B 228 15.01 11.39 4.61
CA GLN B 228 16.13 10.47 4.50
C GLN B 228 16.01 9.80 3.13
N LYS B 229 14.77 9.53 2.74
CA LYS B 229 14.48 8.93 1.45
C LYS B 229 15.26 9.68 0.36
N GLU B 230 15.38 10.98 0.53
CA GLU B 230 16.07 11.84 -0.43
C GLU B 230 17.56 11.99 -0.16
N ALA B 231 17.97 11.96 1.10
CA ALA B 231 19.38 12.12 1.46
C ALA B 231 20.20 10.85 1.43
N GLY B 232 19.59 9.72 1.81
CA GLY B 232 20.28 8.43 1.81
C GLY B 232 21.19 8.09 2.98
N CYS B 233 21.13 8.88 4.05
CA CYS B 233 21.97 8.66 5.23
C CYS B 233 21.36 7.61 6.14
N ARG B 234 22.20 6.88 6.90
CA ARG B 234 21.67 5.89 7.81
C ARG B 234 20.95 6.69 8.92
N LEU B 235 19.69 6.36 9.14
CA LEU B 235 18.87 7.06 10.11
C LEU B 235 18.26 6.15 11.16
N ILE B 236 18.33 6.54 12.43
CA ILE B 236 17.70 5.73 13.47
C ILE B 236 16.71 6.63 14.18
N VAL B 237 15.43 6.26 14.19
CA VAL B 237 14.48 7.09 14.91
C VAL B 237 14.51 6.60 16.36
N LEU B 238 14.90 7.50 17.26
CA LEU B 238 15.02 7.21 18.69
C LEU B 238 13.68 7.06 19.37
N HIS B 239 13.70 6.38 20.51
CA HIS B 239 12.51 6.12 21.34
C HIS B 239 11.16 6.30 20.66
N VAL B 240 10.77 5.31 19.87
CA VAL B 240 9.47 5.32 19.20
C VAL B 240 8.50 4.72 20.24
N SER B 241 7.49 5.50 20.61
CA SER B 241 6.55 5.09 21.66
C SER B 241 5.31 4.31 21.27
N ASN B 242 4.96 4.29 19.99
CA ASN B 242 3.72 3.62 19.59
C ASN B 242 3.84 2.68 18.40
N PRO B 243 2.96 1.66 18.36
CA PRO B 243 2.91 0.64 17.31
C PRO B 243 2.85 1.17 15.88
N ASP B 244 2.02 2.18 15.66
CA ASP B 244 1.89 2.73 14.32
C ASP B 244 3.18 3.36 13.80
N GLY B 245 3.95 3.97 14.68
CA GLY B 245 5.20 4.57 14.26
C GLY B 245 6.19 3.49 13.90
N VAL B 246 6.19 2.42 14.67
CA VAL B 246 7.09 1.31 14.41
C VAL B 246 6.78 0.81 13.01
N GLU B 247 5.49 0.61 12.71
CA GLU B 247 5.11 0.13 11.40
C GLU B 247 5.56 1.06 10.26
N LEU B 248 5.36 2.35 10.42
CA LEU B 248 5.77 3.33 9.40
C LEU B 248 7.23 3.16 9.03
N ILE B 249 8.08 3.03 10.05
CA ILE B 249 9.51 2.88 9.83
C ILE B 249 9.81 1.52 9.21
N HIS B 250 9.20 0.48 9.78
CA HIS B 250 9.41 -0.87 9.26
C HIS B 250 9.05 -0.93 7.76
N GLN B 251 7.88 -0.40 7.42
CA GLN B 251 7.44 -0.38 6.05
C GLN B 251 8.48 0.28 5.16
N ALA B 252 8.99 1.42 5.61
CA ALA B 252 9.98 2.15 4.83
C ALA B 252 11.28 1.40 4.71
N GLN B 253 11.76 0.76 5.78
CA GLN B 253 13.04 0.06 5.65
C GLN B 253 12.80 -1.12 4.73
N SER B 254 11.61 -1.70 4.87
CA SER B 254 11.20 -2.83 4.07
C SER B 254 11.15 -2.43 2.59
N GLU B 255 11.10 -1.14 2.30
CA GLU B 255 11.06 -0.67 0.91
C GLU B 255 12.45 -0.28 0.41
N GLY B 256 13.48 -0.57 1.20
CA GLY B 256 14.83 -0.22 0.77
C GLY B 256 15.51 0.94 1.49
N GLN B 257 14.78 1.68 2.32
CA GLN B 257 15.38 2.82 3.04
C GLN B 257 16.23 2.36 4.21
N ASP B 258 17.42 2.93 4.34
CA ASP B 258 18.35 2.59 5.42
C ASP B 258 17.91 3.30 6.70
N VAL B 259 16.71 2.96 7.17
CA VAL B 259 16.17 3.58 8.36
C VAL B 259 15.87 2.50 9.39
N HIS B 260 15.97 2.83 10.67
CA HIS B 260 15.74 1.84 11.72
C HIS B 260 14.94 2.37 12.89
N CYS B 261 14.34 1.45 13.62
CA CYS B 261 13.51 1.85 14.74
C CYS B 261 14.05 1.49 16.12
N GLU B 262 14.08 2.47 16.99
CA GLU B 262 14.54 2.23 18.35
C GLU B 262 13.39 2.46 19.32
N SER B 263 13.30 1.62 20.34
CA SER B 263 12.31 1.84 21.38
C SER B 263 13.06 1.50 22.65
N GLY B 264 12.39 1.50 23.79
CA GLY B 264 13.11 1.19 25.00
C GLY B 264 12.26 0.60 26.08
N PRO B 265 12.91 0.04 27.11
CA PRO B 265 12.18 -0.59 28.21
C PRO B 265 11.12 0.27 28.89
N GLN B 266 11.24 1.59 28.80
CA GLN B 266 10.23 2.47 29.42
C GLN B 266 8.90 2.38 28.70
N TYR B 267 8.96 2.18 27.39
CA TYR B 267 7.75 2.10 26.59
C TYR B 267 7.14 0.71 26.59
N LEU B 268 7.96 -0.30 26.83
CA LEU B 268 7.47 -1.68 26.85
C LEU B 268 6.97 -2.11 28.23
N ASN B 269 7.63 -1.63 29.28
CA ASN B 269 7.27 -2.01 30.65
C ASN B 269 6.43 -1.02 31.44
N ILE B 270 5.94 0.03 30.81
CA ILE B 270 5.10 1.00 31.50
C ILE B 270 3.94 1.37 30.60
N THR B 271 2.81 1.68 31.22
CA THR B 271 1.60 1.99 30.49
C THR B 271 0.96 3.23 31.05
N THR B 272 0.10 3.87 30.29
CA THR B 272 -0.56 5.06 30.80
C THR B 272 -1.38 4.72 32.04
N ASP B 273 -1.88 3.50 32.19
CA ASP B 273 -2.64 3.28 33.42
C ASP B 273 -1.75 3.01 34.63
N ASP B 274 -0.54 3.55 34.58
CA ASP B 274 0.42 3.47 35.69
C ASP B 274 0.69 4.92 36.04
N ALA B 275 0.17 5.81 35.19
CA ALA B 275 0.36 7.24 35.34
C ALA B 275 0.00 7.73 36.74
N GLU B 276 -1.13 7.28 37.26
CA GLU B 276 -1.55 7.72 38.58
C GLU B 276 -0.64 7.38 39.74
N ARG B 277 -0.11 6.16 39.79
CA ARG B 277 0.74 5.81 40.92
C ARG B 277 2.20 6.21 40.72
N ILE B 278 2.68 6.28 39.47
CA ILE B 278 4.08 6.65 39.21
C ILE B 278 4.24 8.13 38.97
N GLY B 279 3.17 8.77 38.50
CA GLY B 279 3.22 10.20 38.26
C GLY B 279 4.35 10.71 37.40
N PRO B 280 4.95 11.84 37.79
CA PRO B 280 6.05 12.49 37.08
C PRO B 280 7.30 11.66 36.82
N TYR B 281 7.45 10.57 37.55
CA TYR B 281 8.63 9.73 37.38
C TYR B 281 8.54 8.88 36.13
N MET B 282 7.43 9.04 35.45
CA MET B 282 7.14 8.32 34.22
C MET B 282 7.00 9.33 33.10
N LYS B 283 7.14 10.60 33.43
CA LYS B 283 7.03 11.64 32.42
C LYS B 283 8.27 11.64 31.56
N VAL B 284 8.12 11.21 30.32
CA VAL B 284 9.24 11.14 29.41
C VAL B 284 8.76 11.64 28.03
N ALA B 285 9.66 11.88 27.08
CA ALA B 285 9.24 12.37 25.77
C ALA B 285 9.92 11.59 24.67
N PRO B 286 9.15 11.00 23.76
CA PRO B 286 7.69 10.99 23.66
C PRO B 286 7.04 10.32 24.87
N PRO B 287 5.76 10.64 25.13
CA PRO B 287 5.01 10.08 26.25
C PRO B 287 4.83 8.57 26.17
N VAL B 288 4.68 7.93 27.32
CA VAL B 288 4.42 6.51 27.37
C VAL B 288 3.00 6.41 26.86
N ARG B 289 2.70 5.39 26.07
CA ARG B 289 1.36 5.26 25.51
C ARG B 289 0.41 4.30 26.23
N SER B 290 -0.75 4.07 25.62
CA SER B 290 -1.78 3.22 26.22
C SER B 290 -1.49 1.72 26.31
N ALA B 291 -2.23 1.06 27.20
CA ALA B 291 -2.09 -0.37 27.43
C ALA B 291 -2.34 -1.16 26.15
N GLU B 292 -3.33 -0.71 25.37
CA GLU B 292 -3.65 -1.37 24.12
C GLU B 292 -2.47 -1.31 23.18
N MET B 293 -1.84 -0.15 23.06
CA MET B 293 -0.70 -0.01 22.17
C MET B 293 0.47 -0.81 22.69
N ASN B 294 0.55 -0.90 24.01
CA ASN B 294 1.61 -1.66 24.65
C ASN B 294 1.62 -3.12 24.16
N ILE B 295 0.46 -3.74 24.05
CA ILE B 295 0.39 -5.12 23.57
C ILE B 295 1.03 -5.23 22.19
N ARG B 296 0.61 -4.37 21.27
CA ARG B 296 1.14 -4.35 19.91
C ARG B 296 2.66 -4.24 19.93
N LEU B 297 3.16 -3.29 20.69
CA LEU B 297 4.59 -3.06 20.81
C LEU B 297 5.35 -4.34 21.12
N TRP B 298 4.84 -5.10 22.10
CA TRP B 298 5.49 -6.35 22.49
C TRP B 298 5.51 -7.39 21.37
N GLU B 299 4.47 -7.38 20.54
CA GLU B 299 4.42 -8.32 19.41
C GLU B 299 5.47 -7.89 18.39
N GLN B 300 5.48 -6.61 18.09
CA GLN B 300 6.42 -6.08 17.12
C GLN B 300 7.86 -6.37 17.55
N LEU B 301 8.11 -6.33 18.85
CA LEU B 301 9.45 -6.58 19.36
C LEU B 301 9.89 -7.99 19.04
N GLU B 302 9.13 -8.97 19.51
CA GLU B 302 9.47 -10.37 19.26
C GLU B 302 9.45 -10.70 17.78
N ASN B 303 8.64 -9.98 17.01
CA ASN B 303 8.55 -10.27 15.59
C ASN B 303 9.57 -9.58 14.69
N GLY B 304 10.44 -8.77 15.27
CA GLY B 304 11.46 -8.12 14.47
C GLY B 304 11.21 -6.74 13.90
N LEU B 305 10.10 -6.09 14.26
CA LEU B 305 9.84 -4.74 13.74
C LEU B 305 10.58 -3.65 14.51
N ILE B 306 11.07 -3.99 15.69
CA ILE B 306 11.81 -3.03 16.49
C ILE B 306 13.28 -3.40 16.39
N ASP B 307 14.06 -2.55 15.75
CA ASP B 307 15.48 -2.82 15.54
C ASP B 307 16.41 -2.78 16.72
N THR B 308 16.26 -1.78 17.58
CA THR B 308 17.14 -1.66 18.75
C THR B 308 16.39 -1.19 19.98
N LEU B 309 17.01 -1.43 21.13
CA LEU B 309 16.44 -1.01 22.40
C LEU B 309 17.50 -0.12 23.06
N GLY B 310 17.08 1.04 23.53
CA GLY B 310 18.01 1.96 24.19
C GLY B 310 17.32 2.43 25.45
N SER B 311 18.06 2.62 26.53
CA SER B 311 17.43 3.03 27.79
C SER B 311 16.95 4.47 27.85
N ASP B 312 17.73 5.37 27.25
CA ASP B 312 17.44 6.80 27.31
C ASP B 312 17.57 7.21 28.79
N HIS B 313 18.56 6.59 29.45
CA HIS B 313 18.90 6.87 30.83
C HIS B 313 19.25 8.36 30.93
N GLY B 314 18.61 9.06 31.84
CA GLY B 314 18.88 10.47 31.98
C GLY B 314 18.30 11.01 33.27
N GLY B 315 19.17 11.56 34.11
CA GLY B 315 18.73 12.07 35.39
C GLY B 315 18.18 13.48 35.34
N HIS B 316 17.55 13.89 36.43
CA HIS B 316 16.98 15.20 36.58
C HIS B 316 16.95 15.39 38.08
N PRO B 317 17.35 16.58 38.57
CA PRO B 317 17.30 16.74 40.02
C PRO B 317 15.90 16.40 40.54
N VAL B 318 15.85 15.52 41.54
CA VAL B 318 14.59 15.05 42.13
C VAL B 318 13.60 16.17 42.48
N GLU B 319 14.10 17.38 42.66
CA GLU B 319 13.26 18.54 43.00
C GLU B 319 12.59 19.14 41.77
N ASP B 320 12.92 18.61 40.60
CA ASP B 320 12.33 19.06 39.36
C ASP B 320 11.36 18.01 38.88
N LYS B 321 11.12 17.02 39.73
CA LYS B 321 10.21 15.94 39.42
C LYS B 321 9.04 15.98 40.36
N GLU B 322 9.34 16.08 41.66
CA GLU B 322 8.32 16.07 42.70
C GLU B 322 7.18 17.09 42.51
N PRO B 323 7.50 18.30 42.04
CA PRO B 323 6.40 19.26 41.87
C PRO B 323 5.41 18.80 40.80
N GLY B 324 5.77 17.74 40.09
CA GLY B 324 4.93 17.21 39.04
C GLY B 324 3.67 16.53 39.55
N TRP B 325 3.68 16.09 40.79
CA TRP B 325 2.51 15.43 41.37
C TRP B 325 1.28 16.32 41.36
N LYS B 326 1.47 17.61 41.60
CA LYS B 326 0.36 18.55 41.64
C LYS B 326 0.15 19.30 40.33
N ASP B 327 1.25 19.60 39.63
CA ASP B 327 1.17 20.30 38.36
C ASP B 327 2.21 19.66 37.43
N VAL B 328 1.73 18.82 36.52
CA VAL B 328 2.57 18.09 35.57
C VAL B 328 3.53 18.96 34.75
N TRP B 329 3.08 20.13 34.32
CA TRP B 329 3.89 21.01 33.51
C TRP B 329 5.13 21.52 34.24
N LYS B 330 5.30 21.17 35.51
CA LYS B 330 6.47 21.67 36.25
C LYS B 330 7.49 20.58 36.56
N ALA B 331 7.31 19.42 35.95
CA ALA B 331 8.23 18.32 36.14
C ALA B 331 8.97 18.16 34.82
N GLY B 332 10.25 17.83 34.91
CA GLY B 332 11.03 17.64 33.68
C GLY B 332 10.93 16.23 33.12
N ASN B 333 11.29 16.07 31.85
CA ASN B 333 11.24 14.77 31.22
C ASN B 333 12.49 13.93 31.51
N GLY B 334 12.31 12.62 31.57
CA GLY B 334 13.45 11.77 31.80
C GLY B 334 13.24 10.67 32.79
N ALA B 335 14.06 9.64 32.70
CA ALA B 335 13.98 8.52 33.62
C ALA B 335 15.31 7.79 33.57
N LEU B 336 15.77 7.32 34.72
CA LEU B 336 17.02 6.56 34.77
C LEU B 336 16.68 5.20 34.21
N GLY B 337 17.66 4.48 33.69
CA GLY B 337 17.38 3.17 33.13
C GLY B 337 18.58 2.28 32.94
N LEU B 338 19.75 2.83 33.18
CA LEU B 338 20.98 2.08 33.04
C LEU B 338 21.07 0.85 33.92
N GLU B 339 20.46 0.91 35.08
CA GLU B 339 20.52 -0.20 36.02
C GLU B 339 19.33 -1.15 35.93
N THR B 340 18.27 -0.72 35.27
CA THR B 340 17.06 -1.52 35.14
C THR B 340 16.69 -2.02 33.73
N SER B 341 17.43 -1.60 32.72
CA SER B 341 17.13 -1.99 31.35
C SER B 341 17.13 -3.49 31.08
N LEU B 342 18.26 -4.16 31.31
CA LEU B 342 18.34 -5.59 31.04
C LEU B 342 17.40 -6.38 31.95
N PRO B 343 17.53 -6.19 33.27
CA PRO B 343 16.63 -6.96 34.14
C PRO B 343 15.15 -6.77 33.84
N MET B 344 14.77 -5.58 33.39
CA MET B 344 13.36 -5.38 33.10
C MET B 344 12.96 -6.20 31.87
N MET B 345 13.80 -6.23 30.85
CA MET B 345 13.52 -7.00 29.62
C MET B 345 13.57 -8.51 29.92
N LEU B 346 14.57 -8.90 30.70
CA LEU B 346 14.73 -10.30 31.08
C LEU B 346 13.52 -10.75 31.89
N THR B 347 13.12 -9.92 32.84
CA THR B 347 11.99 -10.22 33.72
C THR B 347 10.61 -10.26 33.08
N ASN B 348 10.21 -9.18 32.42
CA ASN B 348 8.90 -9.14 31.81
C ASN B 348 8.83 -9.57 30.36
N GLY B 349 9.99 -9.86 29.78
CA GLY B 349 10.05 -10.31 28.41
C GLY B 349 10.41 -11.78 28.33
N VAL B 350 11.68 -12.10 28.59
CA VAL B 350 12.14 -13.47 28.52
C VAL B 350 11.46 -14.40 29.51
N ASN B 351 11.58 -14.10 30.80
CA ASN B 351 10.97 -14.95 31.84
C ASN B 351 9.46 -14.93 31.87
N LYS B 352 8.84 -14.19 30.98
CA LYS B 352 7.39 -14.14 30.99
C LYS B 352 6.92 -14.68 29.66
N GLY B 353 7.87 -15.23 28.92
CA GLY B 353 7.58 -15.86 27.64
C GLY B 353 7.23 -15.02 26.44
N ARG B 354 7.25 -13.69 26.54
CA ARG B 354 6.91 -12.89 25.36
C ARG B 354 8.11 -12.34 24.56
N LEU B 355 9.31 -12.83 24.87
CA LEU B 355 10.51 -12.40 24.18
C LEU B 355 11.55 -13.52 24.27
N SER B 356 12.18 -13.86 23.15
CA SER B 356 13.18 -14.90 23.19
C SER B 356 14.55 -14.32 23.48
N LEU B 357 15.40 -15.12 24.12
CA LEU B 357 16.74 -14.66 24.45
C LEU B 357 17.46 -14.24 23.18
N GLU B 358 17.26 -15.01 22.11
CA GLU B 358 17.91 -14.73 20.84
C GLU B 358 17.57 -13.36 20.31
N ARG B 359 16.30 -12.99 20.40
CA ARG B 359 15.88 -11.69 19.90
C ARG B 359 16.41 -10.57 20.80
N LEU B 360 16.39 -10.81 22.11
CA LEU B 360 16.87 -9.84 23.08
C LEU B 360 18.31 -9.49 22.76
N VAL B 361 19.12 -10.49 22.51
CA VAL B 361 20.53 -10.24 22.18
C VAL B 361 20.67 -9.47 20.87
N GLU B 362 19.75 -9.70 19.95
CA GLU B 362 19.80 -9.03 18.66
C GLU B 362 19.53 -7.54 18.78
N VAL B 363 18.48 -7.18 19.52
CA VAL B 363 18.12 -5.76 19.67
C VAL B 363 18.91 -4.98 20.75
N MET B 364 19.53 -5.69 21.69
CA MET B 364 20.29 -5.03 22.76
C MET B 364 21.78 -5.13 22.61
N CYS B 365 22.26 -5.97 21.69
CA CYS B 365 23.69 -6.12 21.49
C CYS B 365 24.13 -6.01 20.04
N GLU B 366 23.66 -6.93 19.22
CA GLU B 366 24.05 -6.97 17.82
C GLU B 366 23.72 -5.77 16.95
N LYS B 367 22.44 -5.48 16.76
CA LYS B 367 22.06 -4.37 15.90
C LYS B 367 22.65 -3.02 16.31
N PRO B 368 22.53 -2.65 17.60
CA PRO B 368 23.14 -1.35 17.90
C PRO B 368 24.62 -1.29 17.47
N ALA B 369 25.41 -2.31 17.80
CA ALA B 369 26.81 -2.33 17.41
C ALA B 369 26.94 -2.27 15.90
N LYS B 370 26.16 -3.10 15.22
CA LYS B 370 26.20 -3.14 13.77
C LYS B 370 25.88 -1.78 13.16
N LEU B 371 24.74 -1.19 13.52
CA LEU B 371 24.36 0.10 12.95
C LEU B 371 25.42 1.19 13.10
N PHE B 372 26.17 1.18 14.19
CA PHE B 372 27.18 2.22 14.40
C PHE B 372 28.57 1.86 13.93
N GLY B 373 28.70 0.65 13.42
CA GLY B 373 29.98 0.21 12.91
C GLY B 373 31.01 -0.18 13.93
N ILE B 374 30.59 -0.59 15.12
CA ILE B 374 31.57 -1.01 16.12
C ILE B 374 31.37 -2.51 16.31
N TYR B 375 30.70 -3.12 15.34
CA TYR B 375 30.32 -4.52 15.40
C TYR B 375 31.25 -5.62 15.83
N PRO B 376 31.88 -6.33 14.88
CA PRO B 376 32.72 -7.41 15.45
C PRO B 376 33.34 -7.12 16.84
N GLN B 377 33.82 -5.90 17.08
CA GLN B 377 34.41 -5.56 18.38
C GLN B 377 33.44 -5.69 19.56
N LYS B 378 32.28 -5.05 19.47
CA LYS B 378 31.26 -5.12 20.53
C LYS B 378 30.01 -5.80 19.96
N GLY B 379 29.12 -6.28 20.81
CA GLY B 379 27.91 -6.86 20.25
C GLY B 379 27.85 -8.34 20.02
N THR B 380 28.98 -9.07 20.02
CA THR B 380 28.99 -10.53 19.88
C THR B 380 30.23 -11.10 20.49
N LEU B 381 30.23 -12.42 20.63
CA LEU B 381 31.36 -13.14 21.16
C LEU B 381 31.93 -14.02 20.05
N GLN B 382 32.79 -13.46 19.21
CA GLN B 382 33.40 -14.26 18.16
C GLN B 382 34.89 -14.13 18.31
N VAL B 383 35.66 -14.94 17.61
CA VAL B 383 37.09 -14.83 17.72
C VAL B 383 37.45 -13.45 17.19
N GLY B 384 38.17 -12.67 18.00
CA GLY B 384 38.57 -11.32 17.61
C GLY B 384 37.81 -10.19 18.31
N SER B 385 36.63 -10.48 18.87
CA SER B 385 35.84 -9.46 19.57
C SER B 385 36.36 -9.20 20.97
N ASP B 386 36.00 -8.06 21.55
CA ASP B 386 36.41 -7.78 22.92
C ASP B 386 35.63 -8.79 23.76
N ALA B 387 36.27 -9.35 24.77
CA ALA B 387 35.59 -10.32 25.63
C ALA B 387 34.63 -9.58 26.56
N ASP B 388 33.45 -9.23 26.06
CA ASP B 388 32.46 -8.55 26.88
C ASP B 388 31.27 -9.49 27.11
N LEU B 389 31.20 -10.12 28.28
CA LEU B 389 30.09 -11.04 28.54
C LEU B 389 29.34 -10.71 29.79
N LEU B 390 28.24 -11.42 29.92
CA LEU B 390 27.36 -11.34 31.06
C LEU B 390 26.98 -12.79 31.35
N ILE B 391 27.11 -13.21 32.60
CA ILE B 391 26.66 -14.54 32.96
C ILE B 391 25.29 -14.19 33.53
N LEU B 392 24.24 -14.78 32.99
CA LEU B 392 22.90 -14.49 33.45
C LEU B 392 22.36 -15.46 34.48
N ASP B 393 21.30 -15.05 35.16
CA ASP B 393 20.64 -15.91 36.13
C ASP B 393 19.17 -15.57 35.94
N LEU B 394 18.45 -16.44 35.25
CA LEU B 394 17.03 -16.22 35.00
C LEU B 394 16.15 -16.78 36.09
N ASP B 395 16.75 -17.15 37.21
CA ASP B 395 15.96 -17.68 38.30
C ASP B 395 16.22 -16.92 39.60
N ILE B 396 15.99 -15.61 39.55
CA ILE B 396 16.19 -14.72 40.68
C ILE B 396 14.84 -14.26 41.18
N ASP B 397 14.81 -13.80 42.41
CA ASP B 397 13.60 -13.27 43.00
C ASP B 397 14.03 -12.09 43.84
N THR B 398 13.63 -10.89 43.40
CA THR B 398 14.01 -9.69 44.11
C THR B 398 13.22 -8.50 43.55
N LYS B 399 13.47 -7.30 44.09
CA LYS B 399 12.78 -6.10 43.63
C LYS B 399 13.79 -5.05 43.21
N VAL B 400 13.39 -4.12 42.35
CA VAL B 400 14.31 -3.05 41.99
C VAL B 400 14.16 -2.04 43.14
N ASP B 401 15.30 -1.63 43.71
CA ASP B 401 15.32 -0.67 44.81
C ASP B 401 16.11 0.57 44.39
N ALA B 402 15.40 1.57 43.86
CA ALA B 402 16.03 2.79 43.35
C ALA B 402 17.07 3.44 44.27
N SER B 403 16.88 3.30 45.58
CA SER B 403 17.80 3.91 46.54
C SER B 403 19.16 3.23 46.56
N GLN B 404 19.22 2.03 45.97
CA GLN B 404 20.46 1.27 45.90
C GLN B 404 21.23 1.58 44.61
N PHE B 405 20.62 2.39 43.74
CA PHE B 405 21.25 2.76 42.47
C PHE B 405 22.63 3.34 42.69
N ARG B 406 23.55 3.00 41.80
CA ARG B 406 24.91 3.49 41.91
C ARG B 406 25.06 4.86 41.25
N SER B 407 24.06 5.27 40.48
CA SER B 407 24.10 6.54 39.77
C SER B 407 23.93 7.75 40.69
N LEU B 408 24.11 8.94 40.13
CA LEU B 408 23.97 10.17 40.91
C LEU B 408 22.56 10.25 41.49
N HIS B 409 21.55 10.06 40.66
CA HIS B 409 20.18 10.10 41.16
C HIS B 409 19.68 8.74 41.61
N LYS B 410 18.76 8.75 42.57
CA LYS B 410 18.24 7.51 43.14
C LYS B 410 16.74 7.32 43.07
N TYR B 411 16.15 7.39 41.89
CA TYR B 411 14.71 7.16 41.77
C TYR B 411 14.44 6.49 40.43
N SER B 412 13.30 5.81 40.31
CA SER B 412 13.02 5.10 39.07
C SER B 412 11.57 4.74 38.93
N PRO B 413 11.04 4.76 37.70
CA PRO B 413 9.64 4.42 37.40
C PRO B 413 9.38 2.96 37.79
N PHE B 414 10.45 2.16 37.79
CA PHE B 414 10.39 0.75 38.09
C PHE B 414 10.60 0.45 39.56
N ASP B 415 10.85 1.47 40.35
CA ASP B 415 11.10 1.28 41.78
C ASP B 415 10.05 0.35 42.38
N GLY B 416 10.51 -0.65 43.13
CA GLY B 416 9.61 -1.59 43.77
C GLY B 416 9.18 -2.79 42.95
N MET B 417 9.28 -2.69 41.63
CA MET B 417 8.89 -3.79 40.77
C MET B 417 9.77 -5.02 40.90
N PRO B 418 9.20 -6.19 40.70
CA PRO B 418 9.94 -7.45 40.80
C PRO B 418 10.93 -7.66 39.67
N VAL B 419 11.99 -8.39 39.99
CA VAL B 419 13.05 -8.72 39.04
C VAL B 419 13.31 -10.22 39.17
N THR B 420 13.13 -10.95 38.07
CA THR B 420 13.34 -12.41 38.11
C THR B 420 14.55 -12.85 37.29
N GLY B 421 15.22 -11.91 36.64
CA GLY B 421 16.38 -12.27 35.85
C GLY B 421 17.33 -11.10 35.81
N ALA B 422 18.64 -11.38 35.82
CA ALA B 422 19.60 -10.29 35.79
C ALA B 422 21.02 -10.78 35.59
N PRO B 423 21.89 -9.90 35.10
CA PRO B 423 23.27 -10.35 34.91
C PRO B 423 23.86 -10.45 36.31
N VAL B 424 24.64 -11.49 36.59
CA VAL B 424 25.25 -11.68 37.90
C VAL B 424 26.77 -11.55 37.84
N LEU B 425 27.29 -11.31 36.64
CA LEU B 425 28.72 -11.16 36.43
C LEU B 425 28.78 -10.40 35.12
N THR B 426 29.60 -9.36 35.08
CA THR B 426 29.72 -8.64 33.84
C THR B 426 31.17 -8.30 33.66
N MET B 427 31.71 -8.63 32.48
CA MET B 427 33.10 -8.32 32.22
C MET B 427 33.28 -7.63 30.90
N VAL B 428 34.24 -6.71 30.86
CA VAL B 428 34.54 -6.03 29.61
C VAL B 428 36.03 -6.22 29.34
N ARG B 429 36.33 -6.56 28.09
CA ARG B 429 37.69 -6.81 27.64
C ARG B 429 38.46 -7.78 28.57
N GLY B 430 37.78 -8.87 28.91
CA GLY B 430 38.40 -9.87 29.73
C GLY B 430 38.53 -9.63 31.23
N THR B 431 38.04 -8.51 31.75
CA THR B 431 38.18 -8.36 33.20
C THR B 431 36.83 -8.15 33.88
N VAL B 432 36.63 -8.80 35.02
CA VAL B 432 35.36 -8.69 35.73
C VAL B 432 35.21 -7.31 36.32
N VAL B 433 34.22 -6.55 35.83
CA VAL B 433 34.00 -5.20 36.33
C VAL B 433 32.90 -5.19 37.36
N ALA B 434 32.04 -6.18 37.34
CA ALA B 434 30.98 -6.23 38.31
C ALA B 434 30.65 -7.68 38.55
N GLU B 435 30.53 -8.03 39.82
CA GLU B 435 30.20 -9.39 40.17
C GLU B 435 29.21 -9.29 41.30
N LYS B 436 28.07 -9.94 41.11
CA LYS B 436 26.98 -9.95 42.07
C LYS B 436 26.82 -8.63 42.84
N GLY B 437 26.54 -7.57 42.09
CA GLY B 437 26.30 -6.26 42.67
C GLY B 437 27.47 -5.38 43.08
N GLU B 438 28.69 -5.86 42.90
CA GLU B 438 29.87 -5.12 43.29
C GLU B 438 30.69 -4.64 42.12
N VAL B 439 30.97 -3.36 42.04
CA VAL B 439 31.83 -2.91 40.95
C VAL B 439 33.23 -3.15 41.47
N LEU B 440 34.09 -3.75 40.65
CA LEU B 440 35.44 -4.08 41.06
C LEU B 440 36.51 -3.35 40.27
N VAL B 441 36.13 -2.31 39.55
CA VAL B 441 37.13 -1.62 38.75
C VAL B 441 37.17 -0.12 39.07
N GLU B 442 38.35 0.48 38.94
CA GLU B 442 38.50 1.91 39.23
C GLU B 442 38.06 2.82 38.10
N GLN B 443 37.75 4.06 38.44
CA GLN B 443 37.31 5.00 37.43
C GLN B 443 38.39 5.21 36.37
N GLY B 444 37.98 5.26 35.11
CA GLY B 444 38.93 5.44 34.04
C GLY B 444 39.21 4.15 33.31
N PHE B 445 38.75 3.04 33.89
CA PHE B 445 38.94 1.75 33.27
C PHE B 445 38.35 1.70 31.85
N GLY B 446 37.25 2.41 31.65
CA GLY B 446 36.59 2.45 30.35
C GLY B 446 37.42 3.03 29.21
N GLN B 447 37.35 2.38 28.06
CA GLN B 447 38.08 2.82 26.88
C GLN B 447 37.12 3.42 25.86
N PHE B 448 37.66 4.29 25.04
CA PHE B 448 36.93 4.93 23.97
C PHE B 448 36.83 3.90 22.86
N VAL B 449 35.65 3.73 22.26
CA VAL B 449 35.55 2.77 21.16
C VAL B 449 35.02 3.53 19.95
N THR B 450 35.42 3.11 18.76
CA THR B 450 34.99 3.80 17.57
C THR B 450 34.98 2.92 16.30
N ARG B 451 35.00 3.60 15.16
CA ARG B 451 35.00 3.02 13.81
C ARG B 451 33.61 3.11 13.20
N MET C 1 -49.28 19.36 -28.29
CA MET C 1 -49.19 19.58 -26.81
C MET C 1 -48.41 18.44 -26.15
N PHE C 2 -48.58 18.27 -24.84
CA PHE C 2 -47.85 17.24 -24.12
C PHE C 2 -48.73 16.09 -23.66
N ASP C 3 -48.19 14.87 -23.69
CA ASP C 3 -48.95 13.71 -23.30
C ASP C 3 -49.23 13.73 -21.80
N VAL C 4 -48.24 14.10 -21.01
CA VAL C 4 -48.43 14.16 -19.56
C VAL C 4 -47.45 15.11 -18.91
N ILE C 5 -47.89 15.72 -17.82
CA ILE C 5 -47.07 16.64 -17.05
C ILE C 5 -47.13 16.21 -15.59
N VAL C 6 -45.96 16.01 -15.00
CA VAL C 6 -45.88 15.64 -13.60
C VAL C 6 -45.39 16.92 -12.97
N LYS C 7 -46.24 17.56 -12.16
CA LYS C 7 -45.80 18.80 -11.56
C LYS C 7 -45.56 18.80 -10.07
N ASN C 8 -44.78 19.79 -9.64
CA ASN C 8 -44.40 19.97 -8.24
C ASN C 8 -43.57 18.79 -7.81
N CYS C 9 -42.53 18.51 -8.60
CA CYS C 9 -41.65 17.41 -8.30
C CYS C 9 -40.45 17.94 -7.57
N ARG C 10 -39.95 17.14 -6.63
CA ARG C 10 -38.74 17.49 -5.93
C ARG C 10 -37.87 16.39 -6.53
N LEU C 11 -37.41 16.69 -7.74
CA LEU C 11 -36.62 15.80 -8.58
C LEU C 11 -35.22 15.49 -8.05
N VAL C 12 -34.93 14.22 -7.80
CA VAL C 12 -33.60 13.88 -7.28
C VAL C 12 -32.67 13.15 -8.26
N SER C 13 -31.41 13.58 -8.25
CA SER C 13 -30.39 12.99 -9.10
C SER C 13 -29.22 12.74 -8.16
N SER C 14 -28.14 12.15 -8.66
CA SER C 14 -27.02 11.85 -7.79
C SER C 14 -26.40 13.09 -7.19
N ASP C 15 -26.55 14.24 -7.82
CA ASP C 15 -25.94 15.41 -7.22
C ASP C 15 -26.85 16.54 -6.74
N GLY C 16 -28.03 16.19 -6.21
CA GLY C 16 -28.91 17.22 -5.69
C GLY C 16 -30.37 17.14 -6.05
N ILE C 17 -31.19 17.86 -5.29
CA ILE C 17 -32.62 17.89 -5.53
C ILE C 17 -32.97 19.20 -6.21
N THR C 18 -33.69 19.17 -7.34
CA THR C 18 -34.09 20.42 -7.95
C THR C 18 -35.62 20.43 -8.09
N GLU C 19 -36.23 21.57 -7.80
CA GLU C 19 -37.67 21.71 -7.87
C GLU C 19 -38.17 22.10 -9.25
N ALA C 20 -38.89 21.20 -9.90
CA ALA C 20 -39.41 21.49 -11.23
C ALA C 20 -40.55 20.60 -11.65
N ASP C 21 -41.00 20.79 -12.89
CA ASP C 21 -42.07 19.98 -13.45
C ASP C 21 -41.51 19.25 -14.66
N ILE C 22 -42.03 18.03 -14.89
CA ILE C 22 -41.57 17.23 -16.01
C ILE C 22 -42.65 17.13 -17.07
N LEU C 23 -42.28 17.48 -18.29
CA LEU C 23 -43.17 17.44 -19.45
C LEU C 23 -42.72 16.26 -20.28
N VAL C 24 -43.63 15.32 -20.49
CA VAL C 24 -43.29 14.16 -21.29
C VAL C 24 -44.12 14.05 -22.56
N LYS C 25 -43.44 13.68 -23.64
CA LYS C 25 -44.08 13.50 -24.92
C LYS C 25 -43.44 12.34 -25.67
N ASP C 26 -44.29 11.50 -26.25
CA ASP C 26 -43.84 10.33 -27.01
C ASP C 26 -42.95 9.43 -26.16
N GLY C 27 -43.34 9.27 -24.90
CA GLY C 27 -42.62 8.40 -23.99
C GLY C 27 -41.30 8.87 -23.41
N LYS C 28 -40.87 10.08 -23.76
CA LYS C 28 -39.62 10.57 -23.23
C LYS C 28 -39.78 11.94 -22.61
N VAL C 29 -38.81 12.34 -21.81
CA VAL C 29 -38.86 13.66 -21.19
C VAL C 29 -38.68 14.67 -22.31
N ALA C 30 -39.66 15.54 -22.48
CA ALA C 30 -39.59 16.55 -23.52
C ALA C 30 -39.06 17.87 -22.94
N ALA C 31 -39.28 18.06 -21.65
CA ALA C 31 -38.84 19.28 -20.99
C ALA C 31 -38.90 19.20 -19.47
N ILE C 32 -38.08 20.04 -18.84
CA ILE C 32 -38.06 20.16 -17.39
C ILE C 32 -38.13 21.66 -17.17
N SER C 33 -39.14 22.12 -16.45
CA SER C 33 -39.24 23.54 -16.26
C SER C 33 -39.73 23.96 -14.89
N ALA C 34 -39.36 25.17 -14.51
CA ALA C 34 -39.71 25.70 -13.20
C ALA C 34 -41.20 25.91 -13.03
N ASP C 35 -41.87 26.27 -14.12
CA ASP C 35 -43.30 26.52 -14.07
C ASP C 35 -44.01 26.11 -15.36
N THR C 36 -45.11 25.37 -15.23
CA THR C 36 -45.88 24.92 -16.39
C THR C 36 -47.32 25.47 -16.42
N SER C 37 -47.56 26.52 -15.63
CA SER C 37 -48.87 27.16 -15.54
C SER C 37 -49.67 27.24 -16.84
N ASP C 38 -49.01 27.55 -17.93
CA ASP C 38 -49.74 27.67 -19.18
C ASP C 38 -49.37 26.75 -20.32
N VAL C 39 -49.38 25.45 -20.05
CA VAL C 39 -49.09 24.45 -21.08
C VAL C 39 -50.17 23.41 -20.97
N GLU C 40 -50.57 22.84 -22.10
CA GLU C 40 -51.61 21.83 -22.08
C GLU C 40 -51.07 20.43 -22.22
N ALA C 41 -51.61 19.52 -21.42
CA ALA C 41 -51.21 18.13 -21.44
C ALA C 41 -52.46 17.27 -21.34
N SER C 42 -52.47 16.14 -22.05
CA SER C 42 -53.62 15.24 -22.02
C SER C 42 -53.91 14.77 -20.60
N ARG C 43 -52.85 14.48 -19.86
CA ARG C 43 -52.97 14.00 -18.50
C ARG C 43 -52.05 14.81 -17.60
N THR C 44 -52.48 15.04 -16.36
CA THR C 44 -51.68 15.79 -15.42
C THR C 44 -51.55 15.07 -14.08
N ILE C 45 -50.30 14.94 -13.62
CA ILE C 45 -50.05 14.29 -12.34
C ILE C 45 -49.45 15.32 -11.41
N ASP C 46 -50.00 15.43 -10.21
CA ASP C 46 -49.47 16.39 -9.25
C ASP C 46 -48.70 15.59 -8.22
N ALA C 47 -47.39 15.80 -8.16
CA ALA C 47 -46.56 15.08 -7.19
C ALA C 47 -46.73 15.71 -5.80
N GLY C 48 -47.30 16.90 -5.78
CA GLY C 48 -47.54 17.60 -4.52
C GLY C 48 -46.28 17.83 -3.71
N GLY C 49 -45.15 17.96 -4.40
CA GLY C 49 -43.90 18.19 -3.71
C GLY C 49 -43.20 16.98 -3.15
N LYS C 50 -43.64 15.78 -3.51
CA LYS C 50 -42.97 14.58 -3.02
C LYS C 50 -41.72 14.38 -3.86
N PHE C 51 -40.81 13.54 -3.39
CA PHE C 51 -39.60 13.27 -4.15
C PHE C 51 -39.92 12.44 -5.39
N VAL C 52 -39.32 12.82 -6.51
CA VAL C 52 -39.49 12.09 -7.75
C VAL C 52 -38.09 11.65 -8.16
N MET C 53 -37.93 10.37 -8.49
CA MET C 53 -36.63 9.83 -8.90
C MET C 53 -36.77 9.00 -10.17
N PRO C 54 -35.65 8.71 -10.84
CA PRO C 54 -35.74 7.90 -12.05
C PRO C 54 -36.10 6.47 -11.67
N GLY C 55 -36.67 5.74 -12.61
CA GLY C 55 -37.03 4.36 -12.33
C GLY C 55 -35.76 3.62 -11.95
N VAL C 56 -35.88 2.69 -11.02
CA VAL C 56 -34.72 1.91 -10.60
C VAL C 56 -34.31 0.95 -11.71
N VAL C 57 -33.01 0.82 -11.95
CA VAL C 57 -32.48 -0.08 -12.96
C VAL C 57 -31.77 -1.20 -12.22
N ASP C 58 -32.37 -2.39 -12.20
CA ASP C 58 -31.77 -3.52 -11.50
C ASP C 58 -31.04 -4.43 -12.48
N GLU C 59 -29.71 -4.46 -12.35
CA GLU C 59 -28.82 -5.23 -13.22
C GLU C 59 -28.69 -6.68 -12.81
N HIS C 60 -29.31 -7.07 -11.71
CA HIS C 60 -29.17 -8.44 -11.24
C HIS C 60 -30.49 -9.15 -10.94
N VAL C 61 -31.15 -9.61 -11.99
CA VAL C 61 -32.43 -10.27 -11.84
C VAL C 61 -32.44 -11.69 -12.40
N HIS C 62 -33.03 -12.61 -11.63
CA HIS C 62 -33.17 -14.01 -12.03
C HIS C 62 -34.66 -14.41 -12.03
N ILE C 63 -35.43 -13.91 -12.98
CA ILE C 63 -36.83 -14.31 -13.03
C ILE C 63 -36.79 -15.74 -13.55
N ILE C 64 -35.74 -16.06 -14.33
CA ILE C 64 -35.49 -17.38 -14.89
C ILE C 64 -36.41 -17.72 -16.05
N ASP C 65 -37.67 -18.00 -15.73
CA ASP C 65 -38.71 -18.34 -16.70
C ASP C 65 -38.32 -19.50 -17.62
N MET C 66 -38.72 -19.41 -18.88
CA MET C 66 -38.44 -20.45 -19.87
C MET C 66 -38.96 -21.82 -19.43
N ASP C 67 -38.25 -22.89 -19.78
CA ASP C 67 -38.72 -24.23 -19.42
C ASP C 67 -38.93 -24.47 -17.94
N LEU C 68 -38.43 -23.58 -17.10
CA LEU C 68 -38.57 -23.74 -15.67
C LEU C 68 -39.53 -22.72 -15.09
N LYS C 69 -40.32 -22.07 -15.94
CA LYS C 69 -41.20 -21.04 -15.44
C LYS C 69 -42.16 -21.45 -14.32
N ASN C 70 -42.63 -22.68 -14.30
CA ASN C 70 -43.54 -23.05 -13.23
C ASN C 70 -42.86 -23.41 -11.93
N ARG C 71 -41.54 -23.33 -11.91
CA ARG C 71 -40.81 -23.68 -10.71
C ARG C 71 -40.06 -22.51 -10.05
N TYR C 72 -39.57 -21.57 -10.85
CA TYR C 72 -38.81 -20.43 -10.34
C TYR C 72 -39.45 -19.06 -10.47
N GLY C 73 -39.86 -18.69 -11.68
CA GLY C 73 -40.51 -17.40 -11.90
C GLY C 73 -41.08 -17.23 -13.30
N ARG C 74 -42.12 -16.41 -13.41
CA ARG C 74 -42.76 -16.14 -14.70
C ARG C 74 -42.60 -14.65 -15.04
N PHE C 75 -42.28 -14.34 -16.29
CA PHE C 75 -42.13 -12.94 -16.67
C PHE C 75 -43.34 -12.09 -16.29
N GLU C 76 -44.56 -12.55 -16.61
CA GLU C 76 -45.76 -11.78 -16.31
C GLU C 76 -46.10 -11.67 -14.84
N LEU C 77 -45.51 -12.51 -14.00
CA LEU C 77 -45.81 -12.41 -12.58
C LEU C 77 -44.78 -11.57 -11.86
N ASP C 78 -43.53 -12.01 -11.89
CA ASP C 78 -42.45 -11.30 -11.22
C ASP C 78 -42.24 -9.88 -11.73
N SER C 79 -42.47 -9.63 -13.02
CA SER C 79 -42.28 -8.29 -13.50
C SER C 79 -43.32 -7.36 -12.85
N GLU C 80 -44.38 -7.92 -12.28
CA GLU C 80 -45.36 -7.07 -11.61
C GLU C 80 -44.76 -6.65 -10.27
N SER C 81 -43.95 -7.52 -9.69
CA SER C 81 -43.29 -7.19 -8.43
C SER C 81 -42.34 -6.03 -8.68
N ALA C 82 -41.66 -6.07 -9.82
CA ALA C 82 -40.74 -4.98 -10.17
C ALA C 82 -41.55 -3.69 -10.26
N ALA C 83 -42.60 -3.71 -11.06
CA ALA C 83 -43.45 -2.54 -11.22
C ALA C 83 -43.87 -1.91 -9.92
N VAL C 84 -44.39 -2.70 -8.98
CA VAL C 84 -44.82 -2.05 -7.74
C VAL C 84 -43.61 -1.67 -6.91
N GLY C 85 -42.52 -2.39 -7.11
CA GLY C 85 -41.29 -2.11 -6.38
C GLY C 85 -40.53 -0.91 -6.90
N GLY C 86 -41.01 -0.30 -7.99
CA GLY C 86 -40.35 0.85 -8.55
C GLY C 86 -39.19 0.54 -9.48
N ILE C 87 -39.02 -0.73 -9.85
CA ILE C 87 -37.95 -1.13 -10.75
C ILE C 87 -38.51 -1.13 -12.16
N THR C 88 -38.16 -0.11 -12.92
CA THR C 88 -38.64 0.05 -14.28
C THR C 88 -37.89 -0.68 -15.38
N THR C 89 -36.63 -1.03 -15.16
CA THR C 89 -35.94 -1.83 -16.16
C THR C 89 -35.04 -2.85 -15.46
N ILE C 90 -35.09 -4.08 -15.95
CA ILE C 90 -34.33 -5.17 -15.39
C ILE C 90 -33.40 -5.75 -16.46
N ILE C 91 -32.36 -6.43 -16.00
CA ILE C 91 -31.45 -7.08 -16.91
C ILE C 91 -31.46 -8.53 -16.43
N GLU C 92 -32.10 -9.42 -17.19
CA GLU C 92 -32.21 -10.86 -16.83
C GLU C 92 -30.91 -11.58 -16.99
N MET C 93 -30.50 -12.31 -15.95
CA MET C 93 -29.27 -13.10 -16.01
C MET C 93 -29.54 -14.27 -16.96
N PRO C 94 -28.49 -14.97 -17.40
CA PRO C 94 -28.73 -16.08 -18.32
C PRO C 94 -28.79 -17.44 -17.67
N ILE C 95 -29.04 -17.49 -16.37
CA ILE C 95 -29.12 -18.78 -15.67
C ILE C 95 -30.56 -19.25 -15.77
N THR C 96 -30.81 -20.18 -16.68
CA THR C 96 -32.15 -20.72 -16.86
C THR C 96 -32.02 -21.94 -17.75
N PHE C 97 -33.14 -22.57 -18.09
CA PHE C 97 -33.06 -23.70 -19.00
C PHE C 97 -34.08 -23.55 -20.10
N PRO C 98 -33.62 -23.60 -21.36
CA PRO C 98 -32.21 -23.77 -21.68
C PRO C 98 -31.38 -22.55 -21.30
N PRO C 99 -30.07 -22.75 -21.05
CA PRO C 99 -29.15 -21.68 -20.67
C PRO C 99 -29.05 -20.66 -21.79
N THR C 100 -29.03 -19.37 -21.43
CA THR C 100 -28.91 -18.35 -22.46
C THR C 100 -27.43 -18.22 -22.84
N THR C 101 -26.88 -19.30 -23.43
CA THR C 101 -25.49 -19.33 -23.83
C THR C 101 -25.31 -19.50 -25.32
N THR C 102 -26.39 -19.26 -26.06
CA THR C 102 -26.41 -19.40 -27.50
C THR C 102 -27.19 -18.31 -28.18
N LEU C 103 -26.83 -17.98 -29.41
CA LEU C 103 -27.56 -16.95 -30.13
C LEU C 103 -29.03 -17.32 -30.21
N ASP C 104 -29.31 -18.59 -30.48
CA ASP C 104 -30.67 -19.09 -30.57
C ASP C 104 -31.39 -18.93 -29.26
N ALA C 105 -30.80 -19.46 -28.19
CA ALA C 105 -31.42 -19.37 -26.88
C ALA C 105 -31.72 -17.93 -26.52
N PHE C 106 -30.82 -17.04 -26.94
CA PHE C 106 -30.92 -15.61 -26.67
C PHE C 106 -32.09 -15.01 -27.43
N LEU C 107 -32.15 -15.26 -28.74
CA LEU C 107 -33.23 -14.74 -29.56
C LEU C 107 -34.59 -15.22 -29.07
N GLU C 108 -34.65 -16.45 -28.59
CA GLU C 108 -35.89 -17.00 -28.11
C GLU C 108 -36.33 -16.32 -26.81
N LYS C 109 -35.37 -16.13 -25.89
CA LYS C 109 -35.69 -15.48 -24.62
C LYS C 109 -36.16 -14.05 -24.86
N LYS C 110 -35.55 -13.37 -25.83
CA LYS C 110 -35.91 -12.00 -26.14
C LYS C 110 -37.35 -11.91 -26.64
N LYS C 111 -37.72 -12.87 -27.48
CA LYS C 111 -39.05 -12.94 -28.05
C LYS C 111 -40.06 -13.12 -26.93
N GLN C 112 -39.81 -14.13 -26.10
CA GLN C 112 -40.67 -14.42 -24.97
C GLN C 112 -40.79 -13.26 -24.00
N ALA C 113 -39.64 -12.81 -23.49
CA ALA C 113 -39.58 -11.70 -22.56
C ALA C 113 -40.36 -10.51 -23.07
N GLY C 114 -40.22 -10.22 -24.35
CA GLY C 114 -40.94 -9.10 -24.95
C GLY C 114 -42.45 -9.25 -24.97
N GLN C 115 -42.92 -10.49 -24.97
CA GLN C 115 -44.35 -10.74 -25.01
C GLN C 115 -44.99 -10.81 -23.64
N ARG C 116 -44.21 -11.10 -22.62
CA ARG C 116 -44.81 -11.23 -21.30
C ARG C 116 -44.38 -10.29 -20.18
N LEU C 117 -43.25 -9.63 -20.34
CA LEU C 117 -42.76 -8.71 -19.31
C LEU C 117 -43.61 -7.45 -19.23
N LYS C 118 -43.70 -6.88 -18.03
CA LYS C 118 -44.49 -5.67 -17.83
C LYS C 118 -43.63 -4.41 -17.59
N VAL C 119 -42.34 -4.58 -17.37
CA VAL C 119 -41.44 -3.44 -17.22
C VAL C 119 -40.39 -3.63 -18.33
N ASP C 120 -39.57 -2.63 -18.61
CA ASP C 120 -38.60 -2.79 -19.69
C ASP C 120 -37.45 -3.69 -19.29
N PHE C 121 -36.72 -4.22 -20.28
CA PHE C 121 -35.65 -5.15 -19.98
C PHE C 121 -34.48 -5.14 -20.94
N ALA C 122 -33.34 -5.60 -20.43
CA ALA C 122 -32.11 -5.75 -21.20
C ALA C 122 -31.71 -7.20 -20.90
N LEU C 123 -30.87 -7.78 -21.75
CA LEU C 123 -30.47 -9.16 -21.52
C LEU C 123 -28.99 -9.45 -21.47
N TYR C 124 -28.65 -10.41 -20.61
CA TYR C 124 -27.30 -10.89 -20.44
C TYR C 124 -27.18 -12.13 -21.30
N GLY C 125 -25.95 -12.45 -21.67
CA GLY C 125 -25.69 -13.66 -22.41
C GLY C 125 -24.87 -14.43 -21.39
N GLY C 126 -24.64 -15.71 -21.62
CA GLY C 126 -23.85 -16.45 -20.66
C GLY C 126 -22.47 -16.76 -21.22
N GLY C 127 -21.50 -16.79 -20.32
CA GLY C 127 -20.14 -17.09 -20.72
C GLY C 127 -19.78 -18.35 -19.95
N VAL C 128 -19.94 -19.49 -20.60
CA VAL C 128 -19.63 -20.78 -19.97
C VAL C 128 -18.54 -21.51 -20.74
N PRO C 129 -17.99 -22.58 -20.17
CA PRO C 129 -16.93 -23.27 -20.91
C PRO C 129 -17.40 -23.78 -22.27
N GLY C 130 -16.60 -23.46 -23.28
CA GLY C 130 -16.86 -23.90 -24.64
C GLY C 130 -17.79 -23.10 -25.51
N ASN C 131 -18.33 -21.98 -25.04
CA ASN C 131 -19.24 -21.22 -25.91
C ASN C 131 -18.66 -19.89 -26.35
N LEU C 132 -17.34 -19.78 -26.24
CA LEU C 132 -16.64 -18.54 -26.59
C LEU C 132 -17.15 -17.81 -27.84
N PRO C 133 -17.30 -18.51 -28.97
CA PRO C 133 -17.77 -17.85 -30.18
C PRO C 133 -19.21 -17.34 -30.17
N GLU C 134 -20.02 -17.82 -29.24
CA GLU C 134 -21.41 -17.36 -29.17
C GLU C 134 -21.48 -15.94 -28.60
N ILE C 135 -20.49 -15.58 -27.80
CA ILE C 135 -20.46 -14.27 -27.18
C ILE C 135 -20.54 -13.13 -28.18
N ARG C 136 -19.71 -13.19 -29.22
CA ARG C 136 -19.72 -12.18 -30.25
C ARG C 136 -21.11 -12.10 -30.87
N LYS C 137 -21.73 -13.25 -31.07
CA LYS C 137 -23.06 -13.35 -31.66
C LYS C 137 -24.14 -12.68 -30.84
N MET C 138 -24.15 -12.96 -29.54
CA MET C 138 -25.15 -12.38 -28.65
C MET C 138 -24.94 -10.87 -28.53
N HIS C 139 -23.67 -10.47 -28.51
CA HIS C 139 -23.32 -9.06 -28.43
C HIS C 139 -23.99 -8.33 -29.60
N ASP C 140 -23.79 -8.87 -30.80
CA ASP C 140 -24.37 -8.30 -32.01
C ASP C 140 -25.89 -8.36 -32.03
N ALA C 141 -26.48 -9.27 -31.26
CA ALA C 141 -27.93 -9.37 -31.22
C ALA C 141 -28.52 -8.45 -30.15
N GLY C 142 -27.65 -7.71 -29.46
CA GLY C 142 -28.16 -6.79 -28.45
C GLY C 142 -27.89 -7.04 -26.98
N ALA C 143 -27.18 -8.11 -26.64
CA ALA C 143 -26.89 -8.38 -25.24
C ALA C 143 -26.11 -7.19 -24.69
N VAL C 144 -26.43 -6.74 -23.47
CA VAL C 144 -25.69 -5.61 -22.90
C VAL C 144 -24.43 -6.09 -22.21
N GLY C 145 -24.45 -7.33 -21.76
CA GLY C 145 -23.30 -7.87 -21.07
C GLY C 145 -23.38 -9.38 -20.92
N PHE C 146 -22.43 -9.96 -20.19
CA PHE C 146 -22.37 -11.39 -19.99
C PHE C 146 -21.99 -11.76 -18.58
N SER C 148 -20.37 -14.93 -16.01
CA SER C 148 -19.59 -16.16 -15.92
C SER C 148 -19.47 -16.44 -14.43
N MET C 149 -19.36 -17.70 -14.05
CA MET C 149 -19.25 -18.00 -12.64
C MET C 149 -17.92 -18.66 -12.32
N MET C 150 -17.36 -18.30 -11.18
CA MET C 150 -16.09 -18.86 -10.75
C MET C 150 -16.38 -19.99 -9.79
N ALA C 151 -17.64 -20.06 -9.36
CA ALA C 151 -18.12 -21.11 -8.46
C ALA C 151 -19.55 -21.35 -8.93
N ALA C 152 -19.85 -22.61 -9.28
CA ALA C 152 -21.17 -22.97 -9.81
C ALA C 152 -22.24 -22.89 -8.77
N SER C 153 -23.44 -23.30 -9.15
CA SER C 153 -24.58 -23.31 -8.25
C SER C 153 -25.61 -24.28 -8.83
N VAL C 154 -25.62 -24.36 -10.16
CA VAL C 154 -26.53 -25.25 -10.89
C VAL C 154 -25.72 -26.02 -11.91
N PRO C 155 -24.85 -26.94 -11.44
CA PRO C 155 -24.02 -27.75 -12.33
C PRO C 155 -24.82 -28.43 -13.44
N GLY C 156 -24.22 -28.55 -14.62
CA GLY C 156 -24.89 -29.15 -15.77
C GLY C 156 -25.62 -28.09 -16.59
N MET C 157 -26.40 -27.27 -15.89
CA MET C 157 -27.17 -26.18 -16.50
C MET C 157 -26.24 -24.99 -16.79
N PHE C 158 -25.60 -24.45 -15.76
CA PHE C 158 -24.67 -23.33 -15.93
C PHE C 158 -23.38 -23.70 -15.18
N ASP C 159 -22.29 -23.90 -15.92
CA ASP C 159 -21.03 -24.30 -15.27
C ASP C 159 -20.06 -23.18 -15.00
N ALA C 160 -19.18 -23.41 -14.02
CA ALA C 160 -18.18 -22.44 -13.68
C ALA C 160 -17.06 -22.55 -14.72
N VAL C 161 -16.30 -21.48 -14.90
CA VAL C 161 -15.19 -21.51 -15.85
C VAL C 161 -13.86 -21.57 -15.08
N SER C 162 -12.82 -22.07 -15.72
CA SER C 162 -11.53 -22.12 -15.06
C SER C 162 -10.87 -20.77 -15.32
N ASP C 163 -9.73 -20.51 -14.68
CA ASP C 163 -9.07 -19.23 -14.90
C ASP C 163 -8.74 -18.99 -16.38
N GLY C 164 -8.35 -20.04 -17.09
CA GLY C 164 -8.04 -19.91 -18.50
C GLY C 164 -9.27 -19.56 -19.31
N GLU C 165 -10.37 -20.25 -19.05
CA GLU C 165 -11.60 -19.97 -19.79
C GLU C 165 -12.08 -18.57 -19.44
N LEU C 166 -12.01 -18.24 -18.15
CA LEU C 166 -12.42 -16.93 -17.69
C LEU C 166 -11.55 -15.87 -18.36
N PHE C 167 -10.25 -16.13 -18.47
CA PHE C 167 -9.36 -15.18 -19.12
C PHE C 167 -9.71 -14.98 -20.59
N GLU C 168 -10.03 -16.06 -21.28
CA GLU C 168 -10.38 -15.95 -22.70
C GLU C 168 -11.67 -15.17 -22.87
N ILE C 169 -12.59 -15.34 -21.93
CA ILE C 169 -13.85 -14.63 -21.96
C ILE C 169 -13.59 -13.16 -21.76
N PHE C 170 -12.70 -12.82 -20.82
CA PHE C 170 -12.35 -11.43 -20.56
C PHE C 170 -11.82 -10.79 -21.83
N GLN C 171 -10.95 -11.49 -22.55
CA GLN C 171 -10.43 -10.94 -23.79
C GLN C 171 -11.53 -10.72 -24.82
N GLU C 172 -12.44 -11.68 -24.99
CA GLU C 172 -13.50 -11.45 -25.97
C GLU C 172 -14.33 -10.23 -25.57
N ILE C 173 -14.72 -10.17 -24.30
CA ILE C 173 -15.52 -9.06 -23.78
C ILE C 173 -14.85 -7.72 -24.04
N ALA C 174 -13.54 -7.66 -23.85
CA ALA C 174 -12.81 -6.42 -24.07
C ALA C 174 -12.87 -6.03 -25.53
N ALA C 175 -12.70 -7.01 -26.40
CA ALA C 175 -12.72 -6.78 -27.83
C ALA C 175 -14.08 -6.35 -28.37
N CYS C 176 -15.15 -6.74 -27.69
CA CYS C 176 -16.51 -6.38 -28.10
C CYS C 176 -16.92 -5.07 -27.47
N GLY C 177 -16.20 -4.69 -26.42
CA GLY C 177 -16.51 -3.48 -25.69
C GLY C 177 -17.78 -3.68 -24.88
N SER C 178 -17.96 -4.90 -24.41
CA SER C 178 -19.14 -5.24 -23.63
C SER C 178 -18.80 -5.15 -22.15
N VAL C 179 -19.59 -5.83 -21.33
CA VAL C 179 -19.38 -5.85 -19.88
C VAL C 179 -19.42 -7.30 -19.44
N ILE C 180 -18.59 -7.68 -18.49
CA ILE C 180 -18.61 -9.03 -17.95
C ILE C 180 -18.82 -8.91 -16.45
N VAL C 181 -19.76 -9.66 -15.90
CA VAL C 181 -19.99 -9.63 -14.47
C VAL C 181 -19.68 -11.04 -14.04
N VAL C 182 -19.17 -11.24 -12.84
CA VAL C 182 -18.86 -12.59 -12.39
C VAL C 182 -19.32 -12.81 -10.97
N HIS C 183 -19.50 -14.08 -10.63
CA HIS C 183 -19.87 -14.48 -9.28
C HIS C 183 -18.50 -14.93 -8.77
N ALA C 184 -17.92 -14.16 -7.85
CA ALA C 184 -16.59 -14.53 -7.39
C ALA C 184 -16.46 -15.27 -6.08
N GLU C 185 -16.25 -16.58 -6.18
CA GLU C 185 -16.00 -17.42 -5.01
C GLU C 185 -15.06 -18.51 -5.48
N ASN C 186 -14.42 -19.20 -4.53
CA ASN C 186 -13.52 -20.26 -4.92
C ASN C 186 -14.23 -21.60 -4.79
N GLU C 187 -14.64 -22.15 -5.93
CA GLU C 187 -15.37 -23.41 -5.97
C GLU C 187 -14.73 -24.55 -5.19
N THR C 188 -13.47 -24.78 -5.49
CA THR C 188 -12.69 -25.84 -4.89
C THR C 188 -12.49 -25.78 -3.38
N ILE C 189 -12.34 -24.56 -2.85
CA ILE C 189 -12.15 -24.39 -1.41
C ILE C 189 -13.47 -24.60 -0.71
N ILE C 190 -14.54 -24.12 -1.33
CA ILE C 190 -15.86 -24.29 -0.75
C ILE C 190 -16.13 -25.79 -0.60
N GLN C 191 -15.81 -26.57 -1.62
CA GLN C 191 -16.04 -28.01 -1.55
C GLN C 191 -15.25 -28.61 -0.39
N ALA C 192 -13.97 -28.27 -0.29
CA ALA C 192 -13.13 -28.81 0.78
C ALA C 192 -13.70 -28.44 2.14
N LEU C 193 -14.04 -27.18 2.33
CA LEU C 193 -14.59 -26.75 3.59
C LEU C 193 -15.94 -27.44 3.89
N GLN C 194 -16.76 -27.65 2.86
CA GLN C 194 -18.05 -28.30 3.08
C GLN C 194 -17.84 -29.67 3.68
N LYS C 195 -16.89 -30.41 3.12
CA LYS C 195 -16.60 -31.75 3.63
C LYS C 195 -16.12 -31.70 5.06
N GLN C 196 -15.18 -30.82 5.37
CA GLN C 196 -14.69 -30.74 6.73
C GLN C 196 -15.84 -30.40 7.68
N ILE C 197 -16.60 -29.36 7.35
CA ILE C 197 -17.72 -28.93 8.19
C ILE C 197 -18.84 -29.96 8.32
N LYS C 198 -19.20 -30.62 7.22
CA LYS C 198 -20.24 -31.64 7.28
C LYS C 198 -19.77 -32.77 8.18
N ALA C 199 -18.51 -33.17 8.01
CA ALA C 199 -17.95 -34.25 8.81
C ALA C 199 -18.04 -33.94 10.31
N ALA C 200 -17.81 -32.69 10.68
CA ALA C 200 -17.88 -32.30 12.07
C ALA C 200 -19.34 -32.18 12.49
N GLY C 201 -20.24 -32.61 11.61
CA GLY C 201 -21.66 -32.54 11.91
C GLY C 201 -22.32 -31.17 11.93
N GLY C 202 -21.87 -30.25 11.08
CA GLY C 202 -22.49 -28.94 11.04
C GLY C 202 -23.67 -28.95 10.10
N LYS C 203 -24.82 -28.45 10.55
CA LYS C 203 -26.01 -28.40 9.71
C LYS C 203 -26.70 -27.05 9.87
N ASP C 204 -26.01 -26.15 10.57
CA ASP C 204 -26.41 -24.76 10.87
C ASP C 204 -26.47 -23.85 9.67
N MET C 205 -26.88 -22.61 9.95
CA MET C 205 -26.86 -21.57 8.95
C MET C 205 -25.42 -21.09 9.20
N ALA C 206 -25.02 -21.17 10.46
CA ALA C 206 -23.68 -20.79 10.87
C ALA C 206 -22.69 -21.71 10.16
N ALA C 207 -23.01 -22.99 10.12
CA ALA C 207 -22.15 -23.95 9.45
C ALA C 207 -22.02 -23.60 7.96
N TYR C 208 -23.14 -23.15 7.38
CA TYR C 208 -23.15 -22.79 5.98
C TYR C 208 -22.17 -21.63 5.74
N GLU C 209 -22.39 -20.52 6.43
CA GLU C 209 -21.54 -19.34 6.29
C GLU C 209 -20.06 -19.71 6.37
N ALA C 210 -19.72 -20.58 7.32
CA ALA C 210 -18.34 -20.99 7.50
C ALA C 210 -17.79 -21.79 6.35
N SER C 211 -18.67 -22.46 5.60
CA SER C 211 -18.22 -23.26 4.46
C SER C 211 -17.85 -22.41 3.25
N GLN C 212 -18.26 -21.15 3.26
CA GLN C 212 -17.94 -20.22 2.18
C GLN C 212 -17.52 -18.92 2.84
N PRO C 213 -16.45 -18.96 3.64
CA PRO C 213 -15.89 -17.80 4.37
C PRO C 213 -15.46 -16.63 3.50
N VAL C 214 -15.21 -15.49 4.13
CA VAL C 214 -14.82 -14.31 3.37
C VAL C 214 -13.47 -14.48 2.70
N PHE C 215 -12.54 -15.18 3.35
CA PHE C 215 -11.21 -15.31 2.77
C PHE C 215 -11.26 -15.94 1.38
N GLN C 216 -12.19 -16.85 1.13
CA GLN C 216 -12.26 -17.45 -0.19
C GLN C 216 -13.02 -16.53 -1.15
N GLU C 217 -14.01 -15.78 -0.65
CA GLU C 217 -14.73 -14.87 -1.52
C GLU C 217 -13.74 -13.81 -1.97
N ASN C 218 -12.95 -13.32 -1.03
CA ASN C 218 -11.98 -12.29 -1.33
C ASN C 218 -10.84 -12.76 -2.21
N GLU C 219 -10.50 -14.04 -2.12
CA GLU C 219 -9.43 -14.56 -2.96
C GLU C 219 -9.92 -14.51 -4.41
N ALA C 220 -11.17 -14.92 -4.62
CA ALA C 220 -11.74 -14.92 -5.96
C ALA C 220 -11.80 -13.51 -6.51
N ILE C 221 -12.14 -12.55 -5.65
CA ILE C 221 -12.22 -11.18 -6.11
C ILE C 221 -10.81 -10.74 -6.56
N GLN C 222 -9.82 -11.08 -5.74
CA GLN C 222 -8.43 -10.74 -6.01
C GLN C 222 -7.99 -11.33 -7.35
N ARG C 223 -8.39 -12.58 -7.60
CA ARG C 223 -8.06 -13.28 -8.83
C ARG C 223 -8.71 -12.64 -10.06
N ALA C 224 -10.00 -12.33 -9.96
CA ALA C 224 -10.70 -11.71 -11.07
C ALA C 224 -10.03 -10.38 -11.38
N LEU C 225 -9.71 -9.64 -10.32
CA LEU C 225 -9.05 -8.36 -10.44
C LEU C 225 -7.73 -8.47 -11.23
N LEU C 226 -6.88 -9.44 -10.88
CA LEU C 226 -5.61 -9.64 -11.55
C LEU C 226 -5.77 -9.97 -13.02
N LEU C 227 -6.82 -10.72 -13.35
CA LEU C 227 -7.06 -11.09 -14.73
C LEU C 227 -7.65 -9.94 -15.53
N GLN C 228 -8.46 -9.11 -14.91
CA GLN C 228 -9.03 -8.00 -15.69
C GLN C 228 -7.89 -7.01 -15.91
N LYS C 229 -7.05 -6.87 -14.89
CA LYS C 229 -5.90 -5.98 -14.95
C LYS C 229 -5.14 -6.23 -16.26
N GLU C 230 -5.12 -7.49 -16.67
CA GLU C 230 -4.42 -7.90 -17.89
C GLU C 230 -5.29 -7.85 -19.15
N ALA C 231 -6.58 -8.12 -19.01
CA ALA C 231 -7.48 -8.11 -20.17
C ALA C 231 -8.05 -6.75 -20.54
N GLY C 232 -8.32 -5.91 -19.54
CA GLY C 232 -8.85 -4.58 -19.78
C GLY C 232 -10.34 -4.42 -20.05
N CYS C 233 -11.11 -5.47 -19.80
CA CYS C 233 -12.55 -5.45 -20.03
C CYS C 233 -13.29 -4.83 -18.85
N ARG C 234 -14.44 -4.21 -19.10
CA ARG C 234 -15.21 -3.64 -18.00
C ARG C 234 -15.71 -4.83 -17.18
N LEU C 235 -15.42 -4.82 -15.89
CA LEU C 235 -15.79 -5.90 -15.00
C LEU C 235 -16.62 -5.44 -13.80
N ILE C 236 -17.69 -6.16 -13.49
CA ILE C 236 -18.47 -5.80 -12.32
C ILE C 236 -18.51 -7.02 -11.43
N VAL C 237 -18.01 -6.92 -10.20
CA VAL C 237 -18.09 -8.07 -9.32
C VAL C 237 -19.46 -8.02 -8.65
N LEU C 238 -20.27 -9.06 -8.91
CA LEU C 238 -21.63 -9.16 -8.39
C LEU C 238 -21.66 -9.45 -6.91
N HIS C 239 -22.81 -9.13 -6.31
CA HIS C 239 -23.06 -9.34 -4.88
C HIS C 239 -21.85 -9.56 -3.99
N VAL C 240 -21.14 -8.47 -3.67
CA VAL C 240 -20.00 -8.52 -2.77
C VAL C 240 -20.59 -8.43 -1.36
N SER C 241 -20.34 -9.45 -0.55
CA SER C 241 -20.92 -9.54 0.79
C SER C 241 -20.18 -8.92 1.95
N ASN C 242 -18.89 -8.60 1.79
CA ASN C 242 -18.12 -8.08 2.91
C ASN C 242 -17.31 -6.82 2.63
N PRO C 243 -17.06 -6.02 3.67
CA PRO C 243 -16.30 -4.77 3.61
C PRO C 243 -14.92 -4.87 2.96
N ASP C 244 -14.18 -5.91 3.33
CA ASP C 244 -12.84 -6.07 2.78
C ASP C 244 -12.83 -6.28 1.27
N GLY C 245 -13.84 -6.96 0.74
CA GLY C 245 -13.91 -7.20 -0.68
C GLY C 245 -14.22 -5.89 -1.38
N VAL C 246 -15.10 -5.11 -0.78
CA VAL C 246 -15.45 -3.82 -1.37
C VAL C 246 -14.18 -3.00 -1.48
N GLU C 247 -13.39 -2.98 -0.41
CA GLU C 247 -12.15 -2.21 -0.43
C GLU C 247 -11.18 -2.67 -1.52
N LEU C 248 -10.99 -3.99 -1.65
CA LEU C 248 -10.10 -4.53 -2.67
C LEU C 248 -10.45 -4.01 -4.05
N ILE C 249 -11.74 -4.03 -4.37
CA ILE C 249 -12.21 -3.56 -5.68
C ILE C 249 -12.03 -2.06 -5.79
N HIS C 250 -12.45 -1.35 -4.74
CA HIS C 250 -12.33 0.11 -4.75
C HIS C 250 -10.87 0.53 -4.98
N GLN C 251 -9.96 -0.09 -4.23
CA GLN C 251 -8.56 0.22 -4.37
C GLN C 251 -8.11 0.02 -5.81
N ALA C 252 -8.52 -1.09 -6.41
CA ALA C 252 -8.14 -1.37 -7.79
C ALA C 252 -8.74 -0.39 -8.78
N GLN C 253 -10.00 -0.01 -8.59
CA GLN C 253 -10.57 0.92 -9.57
C GLN C 253 -9.88 2.25 -9.38
N SER C 254 -9.59 2.53 -8.12
CA SER C 254 -8.90 3.74 -7.73
C SER C 254 -7.50 3.80 -8.37
N GLU C 255 -6.99 2.64 -8.80
CA GLU C 255 -5.68 2.60 -9.43
C GLU C 255 -5.77 2.62 -10.94
N GLY C 256 -6.97 2.85 -11.48
CA GLY C 256 -7.12 2.89 -12.92
C GLY C 256 -7.84 1.72 -13.58
N GLN C 257 -8.11 0.65 -12.83
CA GLN C 257 -8.80 -0.51 -13.40
C GLN C 257 -10.30 -0.27 -13.57
N ASP C 258 -10.83 -0.62 -14.75
CA ASP C 258 -12.25 -0.44 -15.06
C ASP C 258 -13.05 -1.55 -14.37
N VAL C 259 -13.00 -1.59 -13.05
CA VAL C 259 -13.69 -2.60 -12.29
C VAL C 259 -14.66 -1.93 -11.34
N HIS C 260 -15.78 -2.58 -11.03
CA HIS C 260 -16.79 -2.00 -10.15
C HIS C 260 -17.37 -2.96 -9.15
N CYS C 261 -17.92 -2.42 -8.08
CA CYS C 261 -18.46 -3.26 -7.05
C CYS C 261 -19.98 -3.21 -6.89
N GLU C 262 -20.59 -4.38 -6.87
CA GLU C 262 -22.03 -4.47 -6.69
C GLU C 262 -22.33 -5.17 -5.38
N SER C 263 -23.34 -4.68 -4.67
CA SER C 263 -23.78 -5.36 -3.47
C SER C 263 -25.29 -5.26 -3.55
N GLY C 264 -26.00 -5.70 -2.52
CA GLY C 264 -27.44 -5.64 -2.61
C GLY C 264 -28.13 -5.53 -1.28
N PRO C 265 -29.41 -5.17 -1.30
CA PRO C 265 -30.18 -5.03 -0.07
C PRO C 265 -30.17 -6.23 0.88
N GLN C 266 -29.90 -7.42 0.37
CA GLN C 266 -29.84 -8.61 1.24
C GLN C 266 -28.64 -8.56 2.17
N TYR C 267 -27.55 -7.98 1.67
CA TYR C 267 -26.33 -7.91 2.45
C TYR C 267 -26.31 -6.71 3.38
N LEU C 268 -27.07 -5.67 3.04
CA LEU C 268 -27.12 -4.47 3.87
C LEU C 268 -28.19 -4.54 4.96
N ASN C 269 -29.32 -5.18 4.65
CA ASN C 269 -30.43 -5.28 5.58
C ASN C 269 -30.59 -6.58 6.34
N ILE C 270 -29.62 -7.48 6.23
CA ILE C 270 -29.69 -8.74 6.96
C ILE C 270 -28.33 -9.05 7.55
N THR C 271 -28.32 -9.71 8.68
CA THR C 271 -27.08 -10.02 9.38
C THR C 271 -27.08 -11.46 9.80
N THR C 272 -25.91 -12.00 10.10
CA THR C 272 -25.86 -13.38 10.54
C THR C 272 -26.65 -13.57 11.82
N ASP C 273 -26.79 -12.55 12.68
CA ASP C 273 -27.57 -12.83 13.86
C ASP C 273 -29.08 -12.76 13.62
N ASP C 274 -29.48 -13.04 12.38
CA ASP C 274 -30.88 -13.09 11.98
C ASP C 274 -31.05 -14.52 11.46
N ALA C 275 -29.91 -15.21 11.35
CA ALA C 275 -29.88 -16.56 10.84
C ALA C 275 -30.85 -17.49 11.54
N GLU C 276 -30.90 -17.41 12.86
CA GLU C 276 -31.78 -18.28 13.60
C GLU C 276 -33.28 -18.12 13.35
N ARG C 277 -33.77 -16.89 13.25
CA ARG C 277 -35.19 -16.74 13.01
C ARG C 277 -35.60 -16.79 11.54
N ILE C 278 -34.69 -16.42 10.63
CA ILE C 278 -35.01 -16.43 9.19
C ILE C 278 -34.59 -17.74 8.53
N GLY C 279 -33.60 -18.39 9.12
CA GLY C 279 -33.14 -19.66 8.58
C GLY C 279 -32.79 -19.70 7.11
N PRO C 280 -33.19 -20.76 6.42
CA PRO C 280 -32.94 -20.98 4.99
C PRO C 280 -33.41 -19.89 4.04
N TYR C 281 -34.32 -19.05 4.49
CA TYR C 281 -34.84 -18.00 3.62
C TYR C 281 -33.85 -16.85 3.47
N MET C 282 -32.72 -17.02 4.13
CA MET C 282 -31.67 -16.03 4.14
C MET C 282 -30.43 -16.69 3.55
N LYS C 283 -30.54 -17.96 3.18
CA LYS C 283 -29.41 -18.67 2.60
C LYS C 283 -29.21 -18.20 1.18
N VAL C 284 -28.12 -17.47 0.97
CA VAL C 284 -27.82 -16.95 -0.34
C VAL C 284 -26.30 -17.11 -0.58
N ALA C 285 -25.83 -16.91 -1.82
CA ALA C 285 -24.39 -17.07 -2.07
C ALA C 285 -23.87 -15.91 -2.88
N PRO C 286 -22.83 -15.22 -2.37
CA PRO C 286 -22.11 -15.46 -1.12
C PRO C 286 -23.01 -15.29 0.10
N PRO C 287 -22.62 -15.89 1.24
CA PRO C 287 -23.38 -15.82 2.49
C PRO C 287 -23.50 -14.40 3.03
N VAL C 288 -24.57 -14.17 3.79
CA VAL C 288 -24.75 -12.87 4.43
C VAL C 288 -23.70 -12.91 5.53
N ARG C 289 -23.07 -11.77 5.78
CA ARG C 289 -22.00 -11.72 6.77
C ARG C 289 -22.39 -11.20 8.16
N SER C 290 -21.40 -11.02 9.02
CA SER C 290 -21.62 -10.57 10.39
C SER C 290 -22.11 -9.14 10.59
N ALA C 291 -22.69 -8.90 11.77
CA ALA C 291 -23.21 -7.59 12.14
C ALA C 291 -22.11 -6.54 12.10
N GLU C 292 -20.92 -6.91 12.54
CA GLU C 292 -19.79 -5.99 12.53
C GLU C 292 -19.46 -5.56 11.14
N MET C 293 -19.42 -6.52 10.20
CA MET C 293 -19.12 -6.19 8.82
C MET C 293 -20.23 -5.37 8.22
N ASN C 294 -21.45 -5.65 8.67
CA ASN C 294 -22.61 -4.93 8.19
C ASN C 294 -22.45 -3.40 8.40
N ILE C 295 -21.96 -3.00 9.57
CA ILE C 295 -21.76 -1.58 9.83
C ILE C 295 -20.85 -0.96 8.78
N ARG C 296 -19.70 -1.59 8.55
CA ARG C 296 -18.73 -1.12 7.57
C ARG C 296 -19.39 -0.96 6.21
N LEU C 297 -20.11 -1.99 5.79
CA LEU C 297 -20.80 -1.97 4.50
C LEU C 297 -21.63 -0.71 4.32
N TRP C 298 -22.41 -0.38 5.36
CA TRP C 298 -23.26 0.81 5.29
C TRP C 298 -22.47 2.10 5.14
N GLU C 299 -21.28 2.16 5.73
CA GLU C 299 -20.44 3.35 5.61
C GLU C 299 -19.92 3.43 4.19
N GLN C 300 -19.43 2.30 3.70
CA GLN C 300 -18.90 2.25 2.36
C GLN C 300 -19.95 2.66 1.33
N LEU C 301 -21.20 2.29 1.59
CA LEU C 301 -22.28 2.62 0.68
C LEU C 301 -22.45 4.13 0.57
N GLU C 302 -22.70 4.78 1.69
CA GLU C 302 -22.89 6.22 1.68
C GLU C 302 -21.64 6.95 1.23
N ASN C 303 -20.48 6.36 1.46
CA ASN C 303 -19.23 7.00 1.08
C ASN C 303 -18.77 6.81 -0.36
N GLY C 304 -19.51 6.03 -1.13
CA GLY C 304 -19.14 5.83 -2.51
C GLY C 304 -18.27 4.65 -2.90
N LEU C 305 -17.98 3.73 -1.98
CA LEU C 305 -17.17 2.56 -2.32
C LEU C 305 -17.98 1.45 -3.00
N ILE C 306 -19.29 1.53 -2.88
CA ILE C 306 -20.14 0.53 -3.50
C ILE C 306 -20.77 1.18 -4.73
N ASP C 307 -20.40 0.70 -5.90
CA ASP C 307 -20.87 1.27 -7.15
C ASP C 307 -22.32 1.05 -7.54
N THR C 308 -22.83 -0.16 -7.37
CA THR C 308 -24.22 -0.44 -7.72
C THR C 308 -24.89 -1.37 -6.73
N LEU C 309 -26.21 -1.36 -6.77
CA LEU C 309 -27.01 -2.21 -5.91
C LEU C 309 -27.89 -3.05 -6.85
N GLY C 310 -27.92 -4.35 -6.63
CA GLY C 310 -28.73 -5.24 -7.45
C GLY C 310 -29.45 -6.16 -6.50
N SER C 311 -30.69 -6.52 -6.80
CA SER C 311 -31.45 -7.37 -5.89
C SER C 311 -31.04 -8.83 -5.84
N ASP C 312 -30.69 -9.36 -7.00
CA ASP C 312 -30.35 -10.78 -7.14
C ASP C 312 -31.64 -11.57 -6.81
N HIS C 313 -32.76 -10.99 -7.24
CA HIS C 313 -34.09 -11.59 -7.11
C HIS C 313 -34.05 -12.95 -7.80
N GLY C 314 -34.44 -14.00 -7.08
CA GLY C 314 -34.43 -15.32 -7.67
C GLY C 314 -35.21 -16.28 -6.82
N GLY C 315 -36.24 -16.88 -7.42
CA GLY C 315 -37.08 -17.81 -6.70
C GLY C 315 -36.54 -19.23 -6.63
N HIS C 316 -37.14 -20.02 -5.78
CA HIS C 316 -36.79 -21.41 -5.59
C HIS C 316 -38.06 -22.02 -5.04
N PRO C 317 -38.46 -23.21 -5.54
CA PRO C 317 -39.69 -23.78 -5.00
C PRO C 317 -39.59 -23.86 -3.48
N VAL C 318 -40.61 -23.32 -2.80
CA VAL C 318 -40.65 -23.28 -1.34
C VAL C 318 -40.34 -24.61 -0.64
N GLU C 319 -40.50 -25.72 -1.37
CA GLU C 319 -40.22 -27.05 -0.82
C GLU C 319 -38.72 -27.38 -0.86
N ASP C 320 -37.94 -26.49 -1.46
CA ASP C 320 -36.49 -26.68 -1.54
C ASP C 320 -35.84 -25.72 -0.56
N LYS C 321 -36.67 -25.07 0.25
CA LYS C 321 -36.18 -24.13 1.24
C LYS C 321 -36.51 -24.65 2.62
N GLU C 322 -37.75 -25.06 2.81
CA GLU C 322 -38.23 -25.53 4.12
C GLU C 322 -37.39 -26.65 4.75
N PRO C 323 -36.89 -27.60 3.95
CA PRO C 323 -36.07 -28.64 4.58
C PRO C 323 -34.79 -28.09 5.18
N GLY C 324 -34.51 -26.82 4.88
CA GLY C 324 -33.31 -26.17 5.39
C GLY C 324 -33.32 -25.91 6.88
N TRP C 325 -34.52 -25.85 7.47
CA TRP C 325 -34.63 -25.60 8.90
C TRP C 325 -33.92 -26.66 9.73
N LYS C 326 -33.98 -27.90 9.29
CA LYS C 326 -33.36 -29.00 10.02
C LYS C 326 -31.97 -29.37 9.50
N ASP C 327 -31.80 -29.26 8.18
CA ASP C 327 -30.51 -29.56 7.56
C ASP C 327 -30.26 -28.52 6.48
N VAL C 328 -29.40 -27.55 6.79
CA VAL C 328 -29.06 -26.44 5.90
C VAL C 328 -28.61 -26.85 4.49
N TRP C 329 -27.81 -27.91 4.40
CA TRP C 329 -27.30 -28.37 3.13
C TRP C 329 -28.39 -28.83 2.17
N LYS C 330 -29.65 -28.85 2.59
CA LYS C 330 -30.72 -29.30 1.71
C LYS C 330 -31.64 -28.19 1.24
N ALA C 331 -31.24 -26.96 1.50
CA ALA C 331 -32.00 -25.80 1.08
C ALA C 331 -31.20 -25.14 -0.04
N GLY C 332 -31.89 -24.62 -1.05
CA GLY C 332 -31.19 -23.96 -2.15
C GLY C 332 -30.91 -22.50 -1.87
N ASN C 333 -29.98 -21.92 -2.62
CA ASN C 333 -29.63 -20.51 -2.45
C ASN C 333 -30.59 -19.58 -3.20
N GLY C 334 -30.80 -18.40 -2.65
CA GLY C 334 -31.66 -17.46 -3.33
C GLY C 334 -32.64 -16.74 -2.45
N ALA C 335 -33.11 -15.59 -2.91
CA ALA C 335 -34.08 -14.81 -2.18
C ALA C 335 -34.75 -13.88 -3.15
N LEU C 336 -36.06 -13.68 -3.00
CA LEU C 336 -36.79 -12.76 -3.86
C LEU C 336 -36.39 -11.37 -3.38
N GLY C 337 -36.49 -10.37 -4.25
CA GLY C 337 -36.10 -9.02 -3.84
C GLY C 337 -36.64 -7.91 -4.72
N LEU C 338 -37.27 -8.30 -5.81
CA LEU C 338 -37.80 -7.33 -6.75
C LEU C 338 -38.85 -6.40 -6.14
N GLU C 339 -39.59 -6.90 -5.17
CA GLU C 339 -40.64 -6.11 -4.56
C GLU C 339 -40.21 -5.39 -3.28
N THR C 340 -39.09 -5.81 -2.72
CA THR C 340 -38.59 -5.23 -1.46
C THR C 340 -37.29 -4.43 -1.54
N SER C 341 -36.64 -4.41 -2.70
CA SER C 341 -35.38 -3.72 -2.83
C SER C 341 -35.40 -2.21 -2.52
N LEU C 342 -36.22 -1.45 -3.24
CA LEU C 342 -36.27 -0.01 -2.99
C LEU C 342 -36.81 0.31 -1.61
N PRO C 343 -38.00 -0.22 -1.27
CA PRO C 343 -38.51 0.09 0.07
C PRO C 343 -37.56 -0.27 1.22
N MET C 344 -36.79 -1.33 1.05
CA MET C 344 -35.87 -1.69 2.10
C MET C 344 -34.77 -0.65 2.23
N MET C 345 -34.24 -0.17 1.10
CA MET C 345 -33.18 0.85 1.11
C MET C 345 -33.73 2.19 1.60
N LEU C 346 -34.93 2.53 1.13
CA LEU C 346 -35.59 3.76 1.52
C LEU C 346 -35.85 3.74 3.03
N THR C 347 -36.37 2.61 3.51
CA THR C 347 -36.71 2.45 4.91
C THR C 347 -35.54 2.42 5.90
N ASN C 348 -34.59 1.52 5.70
CA ASN C 348 -33.46 1.40 6.62
C ASN C 348 -32.24 2.22 6.25
N GLY C 349 -32.30 2.86 5.09
CA GLY C 349 -31.19 3.68 4.63
C GLY C 349 -31.54 5.16 4.70
N VAL C 350 -32.38 5.61 3.78
CA VAL C 350 -32.77 7.01 3.73
C VAL C 350 -33.52 7.48 4.97
N ASN C 351 -34.65 6.85 5.28
CA ASN C 351 -35.46 7.23 6.44
C ASN C 351 -34.82 6.95 7.78
N LYS C 352 -33.63 6.38 7.79
CA LYS C 352 -32.99 6.07 9.03
C LYS C 352 -31.71 6.88 9.11
N GLY C 353 -31.57 7.78 8.15
CA GLY C 353 -30.44 8.68 8.08
C GLY C 353 -29.07 8.16 7.70
N ARG C 354 -28.93 6.89 7.35
CA ARG C 354 -27.59 6.43 6.97
C ARG C 354 -27.32 6.34 5.46
N LEU C 355 -28.20 6.92 4.66
CA LEU C 355 -28.05 6.94 3.22
C LEU C 355 -28.79 8.14 2.65
N SER C 356 -28.13 8.90 1.77
CA SER C 356 -28.80 10.06 1.20
C SER C 356 -29.55 9.66 -0.06
N LEU C 357 -30.63 10.39 -0.34
CA LEU C 357 -31.42 10.12 -1.53
C LEU C 357 -30.54 10.21 -2.76
N GLU C 358 -29.65 11.20 -2.77
CA GLU C 358 -28.78 11.41 -3.91
C GLU C 358 -27.91 10.21 -4.19
N ARG C 359 -27.36 9.62 -3.14
CA ARG C 359 -26.50 8.45 -3.33
C ARG C 359 -27.33 7.24 -3.78
N LEU C 360 -28.51 7.08 -3.18
CA LEU C 360 -29.40 5.98 -3.53
C LEU C 360 -29.69 6.01 -5.01
N VAL C 361 -30.00 7.18 -5.55
CA VAL C 361 -30.28 7.27 -6.97
C VAL C 361 -29.06 6.95 -7.82
N GLU C 362 -27.88 7.25 -7.28
CA GLU C 362 -26.64 7.00 -8.01
C GLU C 362 -26.37 5.51 -8.16
N VAL C 363 -26.49 4.77 -7.06
CA VAL C 363 -26.22 3.34 -7.08
C VAL C 363 -27.36 2.44 -7.58
N MET C 364 -28.59 2.95 -7.57
CA MET C 364 -29.73 2.17 -8.02
C MET C 364 -30.27 2.57 -9.36
N CYS C 365 -29.84 3.71 -9.90
CA CYS C 365 -30.31 4.16 -11.19
C CYS C 365 -29.22 4.55 -12.16
N GLU C 366 -28.45 5.56 -11.79
CA GLU C 366 -27.40 6.07 -12.66
C GLU C 366 -26.26 5.12 -13.04
N LYS C 367 -25.48 4.68 -12.06
CA LYS C 367 -24.35 3.80 -12.37
C LYS C 367 -24.73 2.53 -13.12
N PRO C 368 -25.74 1.78 -12.63
CA PRO C 368 -26.04 0.59 -13.42
C PRO C 368 -26.30 0.93 -14.90
N ALA C 369 -27.13 1.94 -15.17
CA ALA C 369 -27.41 2.32 -16.56
C ALA C 369 -26.12 2.71 -17.26
N LYS C 370 -25.33 3.55 -16.61
CA LYS C 370 -24.07 4.00 -17.18
C LYS C 370 -23.15 2.84 -17.51
N LEU C 371 -22.86 1.98 -16.54
CA LEU C 371 -21.96 0.86 -16.79
C LEU C 371 -22.35 -0.03 -17.96
N PHE C 372 -23.65 -0.20 -18.21
CA PHE C 372 -24.08 -1.04 -19.31
C PHE C 372 -24.34 -0.32 -20.62
N GLY C 373 -24.16 0.99 -20.59
CA GLY C 373 -24.36 1.77 -21.78
C GLY C 373 -25.79 2.03 -22.19
N ILE C 374 -26.72 2.01 -21.25
CA ILE C 374 -28.11 2.30 -21.60
C ILE C 374 -28.47 3.62 -20.95
N TYR C 375 -27.42 4.35 -20.55
CA TYR C 375 -27.56 5.58 -19.80
C TYR C 375 -28.55 6.66 -20.14
N PRO C 376 -28.13 7.71 -20.85
CA PRO C 376 -29.18 8.72 -21.07
C PRO C 376 -30.62 8.17 -21.17
N GLN C 377 -30.82 7.03 -21.84
CA GLN C 377 -32.17 6.45 -21.98
C GLN C 377 -32.81 6.07 -20.63
N LYS C 378 -32.10 5.27 -19.82
CA LYS C 378 -32.59 4.86 -18.50
C LYS C 378 -31.68 5.44 -17.43
N GLY C 379 -32.12 5.48 -16.19
CA GLY C 379 -31.21 5.97 -15.16
C GLY C 379 -31.24 7.43 -14.77
N THR C 380 -31.87 8.30 -15.57
CA THR C 380 -32.02 9.73 -15.22
C THR C 380 -33.20 10.32 -15.92
N LEU C 381 -33.56 11.52 -15.50
CA LEU C 381 -34.65 12.25 -16.08
C LEU C 381 -34.08 13.50 -16.75
N GLN C 382 -33.62 13.37 -17.98
CA GLN C 382 -33.10 14.52 -18.70
C GLN C 382 -33.87 14.63 -19.99
N VAL C 383 -33.74 15.73 -20.71
CA VAL C 383 -34.45 15.85 -21.96
C VAL C 383 -33.88 14.77 -22.86
N GLY C 384 -34.77 13.94 -23.41
CA GLY C 384 -34.35 12.85 -24.28
C GLY C 384 -34.44 11.44 -23.68
N SER C 385 -34.46 11.35 -22.35
CA SER C 385 -34.54 10.05 -21.67
C SER C 385 -35.96 9.50 -21.68
N ASP C 386 -36.11 8.19 -21.47
CA ASP C 386 -37.44 7.62 -21.38
C ASP C 386 -38.02 8.19 -20.08
N ALA C 387 -39.30 8.55 -20.11
CA ALA C 387 -39.93 9.09 -18.91
C ALA C 387 -40.20 7.96 -17.91
N ASP C 388 -39.17 7.55 -17.17
CA ASP C 388 -39.35 6.51 -16.17
C ASP C 388 -39.19 7.11 -14.78
N LEU C 389 -40.30 7.36 -14.09
CA LEU C 389 -40.21 7.94 -12.75
C LEU C 389 -40.92 7.15 -11.71
N LEU C 390 -40.69 7.59 -10.49
CA LEU C 390 -41.30 7.02 -9.31
C LEU C 390 -41.65 8.23 -8.45
N ILE C 391 -42.88 8.30 -7.97
CA ILE C 391 -43.24 9.37 -7.06
C ILE C 391 -43.08 8.63 -5.74
N LEU C 392 -42.26 9.15 -4.85
CA LEU C 392 -42.01 8.50 -3.58
C LEU C 392 -42.86 9.03 -2.44
N ASP C 393 -42.92 8.26 -1.36
CA ASP C 393 -43.64 8.67 -0.18
C ASP C 393 -42.77 8.15 0.96
N LEU C 394 -42.00 9.03 1.57
CA LEU C 394 -41.12 8.64 2.66
C LEU C 394 -41.80 8.70 4.02
N ASP C 395 -43.11 8.83 4.02
CA ASP C 395 -43.82 8.88 5.27
C ASP C 395 -44.94 7.85 5.32
N ILE C 396 -44.56 6.59 5.15
CA ILE C 396 -45.48 5.46 5.14
C ILE C 396 -45.25 4.64 6.39
N ASP C 397 -46.24 3.85 6.75
CA ASP C 397 -46.13 2.97 7.90
C ASP C 397 -46.84 1.69 7.50
N THR C 398 -46.07 0.62 7.34
CA THR C 398 -46.63 -0.65 6.93
C THR C 398 -45.57 -1.75 7.08
N LYS C 399 -45.94 -2.98 6.72
CA LYS C 399 -45.02 -4.11 6.83
C LYS C 399 -44.91 -4.80 5.47
N VAL C 400 -43.81 -5.50 5.23
CA VAL C 400 -43.70 -6.24 3.99
C VAL C 400 -44.46 -7.55 4.25
N ASP C 401 -45.38 -7.88 3.36
CA ASP C 401 -46.19 -9.10 3.50
C ASP C 401 -45.94 -10.00 2.29
N ALA C 402 -44.98 -10.92 2.43
CA ALA C 402 -44.60 -11.81 1.33
C ALA C 402 -45.74 -12.50 0.59
N SER C 403 -46.83 -12.78 1.28
CA SER C 403 -47.98 -13.46 0.67
C SER C 403 -48.70 -12.57 -0.33
N GLN C 404 -48.42 -11.27 -0.27
CA GLN C 404 -49.04 -10.31 -1.17
C GLN C 404 -48.20 -10.10 -2.43
N PHE C 405 -47.01 -10.72 -2.45
CA PHE C 405 -46.11 -10.60 -3.59
C PHE C 405 -46.81 -10.95 -4.88
N ARG C 406 -46.48 -10.22 -5.93
CA ARG C 406 -47.08 -10.46 -7.24
C ARG C 406 -46.32 -11.54 -8.01
N SER C 407 -45.13 -11.88 -7.53
CA SER C 407 -44.29 -12.88 -8.20
C SER C 407 -44.80 -14.30 -8.04
N LEU C 408 -44.18 -15.23 -8.75
CA LEU C 408 -44.57 -16.64 -8.67
C LEU C 408 -44.45 -17.14 -7.23
N HIS C 409 -43.32 -16.90 -6.60
CA HIS C 409 -43.15 -17.32 -5.23
C HIS C 409 -43.57 -16.26 -4.23
N LYS C 410 -44.01 -16.72 -3.05
CA LYS C 410 -44.50 -15.80 -2.03
C LYS C 410 -43.84 -15.87 -0.68
N TYR C 411 -42.52 -15.71 -0.63
CA TYR C 411 -41.82 -15.72 0.65
C TYR C 411 -40.65 -14.75 0.57
N SER C 412 -40.17 -14.29 1.72
CA SER C 412 -39.08 -13.32 1.70
C SER C 412 -38.39 -13.21 3.03
N PRO C 413 -37.07 -12.96 3.02
CA PRO C 413 -36.26 -12.82 4.24
C PRO C 413 -36.75 -11.60 5.02
N PHE C 414 -37.36 -10.66 4.31
CA PHE C 414 -37.85 -9.42 4.89
C PHE C 414 -39.30 -9.51 5.34
N ASP C 415 -39.91 -10.66 5.13
CA ASP C 415 -41.31 -10.83 5.51
C ASP C 415 -41.55 -10.32 6.93
N GLY C 416 -42.60 -9.51 7.08
CA GLY C 416 -42.94 -8.98 8.38
C GLY C 416 -42.24 -7.69 8.80
N MET C 417 -41.11 -7.39 8.17
CA MET C 417 -40.38 -6.17 8.51
C MET C 417 -41.11 -4.90 8.12
N PRO C 418 -40.89 -3.84 8.90
CA PRO C 418 -41.54 -2.55 8.62
C PRO C 418 -41.01 -1.84 7.39
N VAL C 419 -41.88 -1.06 6.78
CA VAL C 419 -41.58 -0.29 5.58
C VAL C 419 -42.07 1.13 5.83
N THR C 420 -41.16 2.10 5.78
CA THR C 420 -41.55 3.49 6.01
C THR C 420 -41.43 4.36 4.77
N GLY C 421 -40.98 3.79 3.66
CA GLY C 421 -40.86 4.56 2.45
C GLY C 421 -41.04 3.65 1.26
N ALA C 422 -41.67 4.14 0.20
CA ALA C 422 -41.87 3.29 -0.97
C ALA C 422 -42.40 4.07 -2.16
N PRO C 423 -42.19 3.53 -3.36
CA PRO C 423 -42.71 4.26 -4.53
C PRO C 423 -44.22 4.06 -4.49
N VAL C 424 -44.99 5.11 -4.77
CA VAL C 424 -46.45 5.03 -4.76
C VAL C 424 -47.04 5.19 -6.15
N LEU C 425 -46.17 5.40 -7.12
CA LEU C 425 -46.58 5.57 -8.52
C LEU C 425 -45.32 5.25 -9.29
N THR C 426 -45.45 4.43 -10.32
CA THR C 426 -44.28 4.12 -11.10
C THR C 426 -44.70 4.12 -12.54
N MET C 427 -43.97 4.85 -13.37
CA MET C 427 -44.28 4.89 -14.78
C MET C 427 -43.06 4.64 -15.64
N VAL C 428 -43.29 3.97 -16.76
CA VAL C 428 -42.20 3.73 -17.68
C VAL C 428 -42.65 4.25 -19.03
N ARG C 429 -41.74 4.98 -19.70
CA ARG C 429 -41.99 5.59 -20.99
C ARG C 429 -43.31 6.38 -21.04
N GLY C 430 -43.51 7.19 -20.00
CA GLY C 430 -44.70 8.02 -19.96
C GLY C 430 -46.02 7.38 -19.56
N THR C 431 -46.06 6.09 -19.24
CA THR C 431 -47.37 5.56 -18.87
C THR C 431 -47.34 4.93 -17.47
N VAL C 432 -48.38 5.19 -16.68
CA VAL C 432 -48.42 4.65 -15.33
C VAL C 432 -48.62 3.16 -15.36
N VAL C 433 -47.63 2.40 -14.90
CA VAL C 433 -47.73 0.94 -14.89
C VAL C 433 -48.15 0.44 -13.54
N ALA C 434 -47.93 1.23 -12.51
CA ALA C 434 -48.34 0.81 -11.18
C ALA C 434 -48.66 2.05 -10.40
N GLU C 435 -49.79 2.00 -9.71
CA GLU C 435 -50.21 3.11 -8.91
C GLU C 435 -50.75 2.53 -7.63
N LYS C 436 -50.20 2.99 -6.52
CA LYS C 436 -50.57 2.52 -5.18
C LYS C 436 -50.94 1.04 -5.14
N GLY C 437 -49.96 0.20 -5.46
CA GLY C 437 -50.13 -1.26 -5.41
C GLY C 437 -50.85 -1.98 -6.53
N GLU C 438 -51.31 -1.25 -7.53
CA GLU C 438 -52.03 -1.86 -8.64
C GLU C 438 -51.28 -1.82 -9.95
N VAL C 439 -51.09 -2.96 -10.59
CA VAL C 439 -50.43 -2.91 -11.87
C VAL C 439 -51.54 -2.58 -12.85
N LEU C 440 -51.31 -1.63 -13.73
CA LEU C 440 -52.33 -1.18 -14.69
C LEU C 440 -51.95 -1.47 -16.13
N VAL C 441 -50.97 -2.31 -16.36
CA VAL C 441 -50.57 -2.55 -17.73
C VAL C 441 -50.60 -4.04 -18.08
N GLU C 442 -50.90 -4.36 -19.35
CA GLU C 442 -50.96 -5.76 -19.76
C GLU C 442 -49.61 -6.38 -20.07
N GLN C 443 -49.54 -7.70 -20.01
CA GLN C 443 -48.29 -8.38 -20.29
C GLN C 443 -47.79 -8.08 -21.69
N GLY C 444 -46.49 -7.83 -21.82
CA GLY C 444 -45.94 -7.54 -23.13
C GLY C 444 -45.65 -6.06 -23.28
N PHE C 445 -46.16 -5.27 -22.35
CA PHE C 445 -45.94 -3.83 -22.38
C PHE C 445 -44.44 -3.49 -22.39
N GLY C 446 -43.64 -4.30 -21.69
CA GLY C 446 -42.21 -4.09 -21.61
C GLY C 446 -41.47 -4.16 -22.94
N GLN C 447 -40.53 -3.24 -23.13
CA GLN C 447 -39.74 -3.19 -24.35
C GLN C 447 -38.31 -3.64 -24.06
N PHE C 448 -37.67 -4.13 -25.10
CA PHE C 448 -36.29 -4.56 -25.04
C PHE C 448 -35.46 -3.28 -25.08
N VAL C 449 -34.44 -3.16 -24.23
CA VAL C 449 -33.60 -1.98 -24.29
C VAL C 449 -32.17 -2.44 -24.48
N THR C 450 -31.37 -1.64 -25.16
CA THR C 450 -30.01 -2.02 -25.44
C THR C 450 -29.04 -0.84 -25.66
N ARG C 451 -27.92 -1.15 -26.30
CA ARG C 451 -26.85 -0.22 -26.65
C ARG C 451 -25.68 -0.38 -25.68
N MET D 1 -43.52 35.92 -20.59
CA MET D 1 -42.71 35.15 -21.58
C MET D 1 -41.28 34.97 -21.08
N PHE D 2 -40.36 34.67 -21.99
CA PHE D 2 -38.97 34.45 -21.60
C PHE D 2 -38.03 35.57 -22.03
N ASP D 3 -37.04 35.86 -21.20
CA ASP D 3 -36.09 36.92 -21.50
C ASP D 3 -35.22 36.53 -22.68
N VAL D 4 -34.76 35.28 -22.69
CA VAL D 4 -33.92 34.83 -23.80
C VAL D 4 -33.98 33.31 -23.96
N ILE D 5 -33.81 32.87 -25.19
CA ILE D 5 -33.81 31.46 -25.52
C ILE D 5 -32.57 31.16 -26.35
N VAL D 6 -31.78 30.19 -25.90
CA VAL D 6 -30.59 29.81 -26.62
C VAL D 6 -31.02 28.47 -27.22
N LYS D 7 -31.15 28.41 -28.54
CA LYS D 7 -31.58 27.16 -29.12
C LYS D 7 -30.57 26.41 -29.96
N ASN D 8 -30.83 25.12 -30.10
CA ASN D 8 -29.98 24.19 -30.85
C ASN D 8 -28.66 24.08 -30.14
N CYS D 9 -28.73 23.80 -28.84
CA CYS D 9 -27.54 23.65 -28.04
C CYS D 9 -27.19 22.20 -27.95
N ARG D 10 -25.89 21.92 -27.94
CA ARG D 10 -25.43 20.56 -27.75
C ARG D 10 -24.82 20.79 -26.36
N LEU D 11 -25.70 20.76 -25.38
CA LEU D 11 -25.42 21.02 -23.98
C LEU D 11 -24.55 19.96 -23.30
N VAL D 12 -23.38 20.37 -22.78
CA VAL D 12 -22.50 19.40 -22.14
C VAL D 12 -22.40 19.51 -20.62
N SER D 13 -22.43 18.36 -19.96
CA SER D 13 -22.32 18.26 -18.52
C SER D 13 -21.26 17.20 -18.28
N SER D 14 -20.92 16.95 -17.02
CA SER D 14 -19.89 15.96 -16.76
C SER D 14 -20.28 14.57 -17.23
N ASP D 15 -21.57 14.28 -17.35
CA ASP D 15 -21.90 12.94 -17.78
C ASP D 15 -22.61 12.78 -19.13
N GLY D 16 -22.27 13.62 -20.11
CA GLY D 16 -22.90 13.47 -21.41
C GLY D 16 -23.39 14.72 -22.09
N ILE D 17 -23.62 14.62 -23.40
CA ILE D 17 -24.11 15.74 -24.18
C ILE D 17 -25.58 15.52 -24.46
N THR D 18 -26.44 16.50 -24.18
CA THR D 18 -27.84 16.33 -24.51
C THR D 18 -28.29 17.48 -25.41
N GLU D 19 -29.06 17.17 -26.44
CA GLU D 19 -29.52 18.17 -27.38
C GLU D 19 -30.82 18.84 -26.95
N ALA D 20 -30.74 20.14 -26.64
CA ALA D 20 -31.92 20.87 -26.22
C ALA D 20 -31.78 22.37 -26.33
N ASP D 21 -32.82 23.07 -25.89
CA ASP D 21 -32.83 24.53 -25.91
C ASP D 21 -32.94 25.00 -24.47
N ILE D 22 -32.33 26.14 -24.19
CA ILE D 22 -32.36 26.71 -22.85
C ILE D 22 -33.21 27.97 -22.82
N LEU D 23 -34.16 27.98 -21.90
CA LEU D 23 -35.08 29.10 -21.71
C LEU D 23 -34.64 29.77 -20.43
N VAL D 24 -34.29 31.05 -20.50
CA VAL D 24 -33.89 31.77 -19.32
C VAL D 24 -34.80 32.92 -18.99
N LYS D 25 -35.08 33.06 -17.70
CA LYS D 25 -35.92 34.13 -17.20
C LYS D 25 -35.40 34.61 -15.85
N ASP D 26 -35.36 35.92 -15.69
CA ASP D 26 -34.89 36.56 -14.47
C ASP D 26 -33.49 36.09 -14.09
N GLY D 27 -32.64 35.97 -15.11
CA GLY D 27 -31.25 35.58 -14.92
C GLY D 27 -30.94 34.13 -14.62
N LYS D 28 -31.95 33.28 -14.57
CA LYS D 28 -31.69 31.87 -14.30
C LYS D 28 -32.33 30.98 -15.33
N VAL D 29 -31.90 29.74 -15.37
CA VAL D 29 -32.47 28.78 -16.31
C VAL D 29 -33.89 28.51 -15.85
N ALA D 30 -34.86 28.81 -16.71
CA ALA D 30 -36.26 28.59 -16.36
C ALA D 30 -36.72 27.24 -16.90
N ALA D 31 -36.09 26.79 -17.97
CA ALA D 31 -36.45 25.52 -18.58
C ALA D 31 -35.43 25.01 -19.59
N ILE D 32 -35.46 23.70 -19.80
CA ILE D 32 -34.61 23.05 -20.78
C ILE D 32 -35.58 22.17 -21.54
N SER D 33 -35.67 22.36 -22.84
CA SER D 33 -36.62 21.55 -23.57
C SER D 33 -36.15 21.14 -24.96
N ALA D 34 -36.70 20.03 -25.43
CA ALA D 34 -36.33 19.48 -26.72
C ALA D 34 -36.72 20.38 -27.88
N ASP D 35 -37.83 21.10 -27.73
CA ASP D 35 -38.29 21.98 -28.80
C ASP D 35 -38.98 23.23 -28.25
N THR D 36 -38.60 24.39 -28.78
CA THR D 36 -39.18 25.66 -28.33
C THR D 36 -39.93 26.40 -29.45
N SER D 37 -40.23 25.69 -30.53
CA SER D 37 -40.95 26.24 -31.68
C SER D 37 -42.01 27.28 -31.38
N ASP D 38 -42.81 27.05 -30.35
CA ASP D 38 -43.85 28.01 -30.05
C ASP D 38 -43.83 28.71 -28.71
N VAL D 39 -42.70 29.33 -28.39
CA VAL D 39 -42.58 30.09 -27.15
C VAL D 39 -41.98 31.43 -27.53
N GLU D 40 -42.38 32.47 -26.83
CA GLU D 40 -41.86 33.79 -27.13
C GLU D 40 -40.80 34.24 -26.15
N ALA D 41 -39.75 34.85 -26.69
CA ALA D 41 -38.65 35.35 -25.88
C ALA D 41 -38.23 36.70 -26.43
N SER D 42 -37.86 37.62 -25.55
CA SER D 42 -37.44 38.96 -25.97
C SER D 42 -36.25 38.86 -26.91
N ARG D 43 -35.33 37.97 -26.59
CA ARG D 43 -34.12 37.80 -27.38
C ARG D 43 -33.93 36.32 -27.69
N THR D 44 -33.39 36.02 -28.87
CA THR D 44 -33.16 34.64 -29.25
C THR D 44 -31.74 34.43 -29.77
N ILE D 45 -31.07 33.43 -29.23
CA ILE D 45 -29.72 33.11 -29.64
C ILE D 45 -29.74 31.73 -30.27
N ASP D 46 -29.18 31.60 -31.46
CA ASP D 46 -29.14 30.29 -32.10
C ASP D 46 -27.72 29.78 -31.98
N ALA D 47 -27.54 28.68 -31.25
CA ALA D 47 -26.21 28.11 -31.07
C ALA D 47 -25.81 27.34 -32.34
N GLY D 48 -26.80 27.07 -33.19
CA GLY D 48 -26.55 26.36 -34.42
C GLY D 48 -25.93 24.99 -34.23
N GLY D 49 -26.21 24.37 -33.09
CA GLY D 49 -25.66 23.06 -32.83
C GLY D 49 -24.25 23.00 -32.27
N LYS D 50 -23.71 24.15 -31.86
CA LYS D 50 -22.36 24.14 -31.30
C LYS D 50 -22.48 23.67 -29.85
N PHE D 51 -21.36 23.30 -29.26
CA PHE D 51 -21.38 22.87 -27.87
C PHE D 51 -21.64 24.05 -26.94
N VAL D 52 -22.52 23.84 -25.97
CA VAL D 52 -22.81 24.87 -24.98
C VAL D 52 -22.44 24.27 -23.63
N MET D 53 -21.68 25.00 -22.82
CA MET D 53 -21.27 24.51 -21.51
C MET D 53 -21.49 25.58 -20.44
N PRO D 54 -21.47 25.19 -19.16
CA PRO D 54 -21.67 26.19 -18.11
C PRO D 54 -20.47 27.11 -18.05
N GLY D 55 -20.66 28.31 -17.52
CA GLY D 55 -19.55 29.22 -17.42
C GLY D 55 -18.48 28.58 -16.56
N VAL D 56 -17.22 28.83 -16.89
CA VAL D 56 -16.12 28.26 -16.11
C VAL D 56 -16.05 28.94 -14.75
N VAL D 57 -15.81 28.16 -13.71
CA VAL D 57 -15.69 28.68 -12.36
C VAL D 57 -14.24 28.50 -11.95
N ASP D 58 -13.49 29.60 -11.91
CA ASP D 58 -12.08 29.54 -11.55
C ASP D 58 -11.88 29.90 -10.07
N GLU D 59 -11.49 28.89 -9.29
CA GLU D 59 -11.27 29.02 -7.85
C GLU D 59 -9.91 29.59 -7.47
N HIS D 60 -9.06 29.83 -8.45
CA HIS D 60 -7.73 30.32 -8.15
C HIS D 60 -7.31 31.55 -8.94
N VAL D 61 -7.79 32.71 -8.50
CA VAL D 61 -7.50 33.95 -9.17
C VAL D 61 -6.82 34.98 -8.27
N HIS D 62 -5.79 35.62 -8.81
CA HIS D 62 -5.05 36.67 -8.11
C HIS D 62 -5.07 37.98 -8.92
N ILE D 63 -6.23 38.63 -8.99
CA ILE D 63 -6.29 39.89 -9.71
C ILE D 63 -5.56 40.87 -8.79
N ILE D 64 -5.60 40.59 -7.48
CA ILE D 64 -4.93 41.37 -6.45
C ILE D 64 -5.63 42.69 -6.14
N ASP D 65 -5.50 43.65 -7.07
CA ASP D 65 -6.12 44.97 -6.99
C ASP D 65 -5.76 45.69 -5.69
N MET D 66 -6.73 46.43 -5.15
CA MET D 66 -6.55 47.20 -3.92
C MET D 66 -5.38 48.19 -4.03
N ASP D 67 -4.66 48.41 -2.93
CA ASP D 67 -3.55 49.37 -2.95
C ASP D 67 -2.46 49.08 -3.97
N LEU D 68 -2.47 47.87 -4.53
CA LEU D 68 -1.47 47.52 -5.51
C LEU D 68 -2.05 47.40 -6.91
N LYS D 69 -3.24 47.95 -7.10
CA LYS D 69 -3.88 47.81 -8.40
C LYS D 69 -3.07 48.30 -9.60
N ASN D 70 -2.25 49.33 -9.45
CA ASN D 70 -1.50 49.78 -10.61
C ASN D 70 -0.25 48.98 -10.89
N ARG D 71 0.00 47.97 -10.07
CA ARG D 71 1.19 47.16 -10.25
C ARG D 71 0.93 45.71 -10.65
N TYR D 72 -0.18 45.13 -10.15
CA TYR D 72 -0.50 43.74 -10.42
C TYR D 72 -1.74 43.49 -11.29
N GLY D 73 -2.88 44.05 -10.90
CA GLY D 73 -4.10 43.87 -11.66
C GLY D 73 -5.25 44.74 -11.18
N ARG D 74 -6.17 45.07 -12.09
CA ARG D 74 -7.34 45.89 -11.77
C ARG D 74 -8.60 45.07 -12.01
N PHE D 75 -9.57 45.14 -11.09
CA PHE D 75 -10.80 44.40 -11.28
C PHE D 75 -11.46 44.66 -12.64
N GLU D 76 -11.58 45.92 -13.05
CA GLU D 76 -12.23 46.24 -14.33
C GLU D 76 -11.44 45.85 -15.55
N LEU D 77 -10.15 45.57 -15.39
CA LEU D 77 -9.38 45.18 -16.57
C LEU D 77 -9.29 43.67 -16.70
N ASP D 78 -8.72 43.02 -15.69
CA ASP D 78 -8.57 41.57 -15.70
C ASP D 78 -9.89 40.82 -15.77
N SER D 79 -10.95 41.36 -15.16
CA SER D 79 -12.22 40.65 -15.24
C SER D 79 -12.70 40.63 -16.70
N GLU D 80 -12.15 41.49 -17.54
CA GLU D 80 -12.57 41.45 -18.95
C GLU D 80 -11.88 40.26 -19.59
N SER D 81 -10.69 39.93 -19.12
CA SER D 81 -9.96 38.78 -19.64
C SER D 81 -10.77 37.53 -19.31
N ALA D 82 -11.33 37.50 -18.10
CA ALA D 82 -12.14 36.36 -17.69
C ALA D 82 -13.32 36.25 -18.65
N ALA D 83 -14.05 37.35 -18.80
CA ALA D 83 -15.21 37.36 -19.68
C ALA D 83 -14.92 36.80 -21.05
N VAL D 84 -13.86 37.26 -21.72
CA VAL D 84 -13.62 36.71 -23.05
C VAL D 84 -13.10 35.30 -22.96
N GLY D 85 -12.46 34.99 -21.84
CA GLY D 85 -11.93 33.66 -21.64
C GLY D 85 -12.98 32.63 -21.25
N GLY D 86 -14.22 33.06 -21.09
CA GLY D 86 -15.29 32.15 -20.72
C GLY D 86 -15.41 31.85 -19.23
N ILE D 87 -14.66 32.58 -18.40
CA ILE D 87 -14.71 32.38 -16.96
C ILE D 87 -15.75 33.34 -16.39
N THR D 88 -16.91 32.80 -16.05
CA THR D 88 -18.01 33.61 -15.54
C THR D 88 -18.02 33.90 -14.05
N THR D 89 -17.33 33.09 -13.25
CA THR D 89 -17.24 33.44 -11.83
C THR D 89 -15.85 33.07 -11.32
N ILE D 90 -15.27 34.01 -10.56
CA ILE D 90 -13.94 33.85 -10.01
C ILE D 90 -13.99 33.90 -8.50
N ILE D 91 -12.97 33.36 -7.86
CA ILE D 91 -12.87 33.43 -6.42
C ILE D 91 -11.51 34.05 -6.19
N GLU D 92 -11.48 35.33 -5.77
CA GLU D 92 -10.23 36.07 -5.52
C GLU D 92 -9.51 35.60 -4.29
N MET D 93 -8.21 35.30 -4.44
CA MET D 93 -7.41 34.88 -3.30
C MET D 93 -7.22 36.11 -2.41
N PRO D 94 -6.76 35.91 -1.17
CA PRO D 94 -6.60 37.07 -0.29
C PRO D 94 -5.19 37.63 -0.24
N ILE D 95 -4.38 37.34 -1.24
CA ILE D 95 -3.00 37.85 -1.26
C ILE D 95 -3.03 39.20 -1.95
N THR D 96 -2.99 40.25 -1.16
CA THR D 96 -3.00 41.61 -1.71
C THR D 96 -2.66 42.54 -0.57
N PHE D 97 -2.67 43.85 -0.83
CA PHE D 97 -2.41 44.78 0.25
C PHE D 97 -3.45 45.87 0.24
N PRO D 98 -4.12 46.06 1.39
CA PRO D 98 -3.89 45.25 2.59
C PRO D 98 -4.36 43.81 2.42
N PRO D 99 -3.76 42.88 3.17
CA PRO D 99 -4.10 41.45 3.11
C PRO D 99 -5.53 41.23 3.53
N THR D 100 -6.24 40.37 2.81
CA THR D 100 -7.62 40.10 3.18
C THR D 100 -7.64 39.11 4.35
N THR D 101 -7.11 39.53 5.49
CA THR D 101 -7.03 38.70 6.68
C THR D 101 -7.84 39.25 7.83
N THR D 102 -8.72 40.20 7.53
CA THR D 102 -9.56 40.85 8.52
C THR D 102 -10.96 41.08 8.04
N LEU D 103 -11.92 41.10 8.96
CA LEU D 103 -13.30 41.33 8.57
C LEU D 103 -13.40 42.64 7.80
N ASP D 104 -12.70 43.66 8.29
CA ASP D 104 -12.70 44.97 7.65
C ASP D 104 -12.12 44.89 6.26
N ALA D 105 -10.92 44.34 6.14
CA ALA D 105 -10.28 44.23 4.85
C ALA D 105 -11.19 43.50 3.87
N PHE D 106 -11.90 42.49 4.39
CA PHE D 106 -12.80 41.66 3.61
C PHE D 106 -13.98 42.48 3.11
N LEU D 107 -14.65 43.17 4.04
CA LEU D 107 -15.81 43.99 3.67
C LEU D 107 -15.45 45.06 2.65
N GLU D 108 -14.24 45.59 2.76
CA GLU D 108 -13.80 46.63 1.84
C GLU D 108 -13.56 46.05 0.45
N LYS D 109 -12.91 44.89 0.39
CA LYS D 109 -12.63 44.26 -0.90
C LYS D 109 -13.94 43.88 -1.59
N LYS D 110 -14.91 43.44 -0.82
CA LYS D 110 -16.21 43.05 -1.37
C LYS D 110 -16.92 44.24 -2.01
N LYS D 111 -16.82 45.38 -1.33
CA LYS D 111 -17.44 46.61 -1.79
C LYS D 111 -16.81 47.01 -3.11
N GLN D 112 -15.49 47.07 -3.11
CA GLN D 112 -14.73 47.43 -4.31
C GLN D 112 -14.99 46.48 -5.48
N ALA D 113 -14.74 45.19 -5.22
CA ALA D 113 -14.93 44.14 -6.23
C ALA D 113 -16.32 44.24 -6.85
N GLY D 114 -17.32 44.49 -6.02
CA GLY D 114 -18.67 44.60 -6.53
C GLY D 114 -18.91 45.79 -7.43
N GLN D 115 -18.11 46.84 -7.27
CA GLN D 115 -18.27 48.03 -8.07
C GLN D 115 -17.48 48.00 -9.36
N ARG D 116 -16.43 47.19 -9.42
CA ARG D 116 -15.63 47.19 -10.63
C ARG D 116 -15.50 45.91 -11.45
N LEU D 117 -15.84 44.77 -10.85
CA LEU D 117 -15.75 43.50 -11.57
C LEU D 117 -16.81 43.38 -12.65
N LYS D 118 -16.46 42.65 -13.71
CA LYS D 118 -17.40 42.47 -14.82
C LYS D 118 -17.98 41.04 -14.90
N VAL D 119 -17.43 40.11 -14.14
CA VAL D 119 -17.96 38.76 -14.08
C VAL D 119 -18.31 38.53 -12.61
N ASP D 120 -19.04 37.48 -12.28
CA ASP D 120 -19.40 37.28 -10.88
C ASP D 120 -18.22 36.81 -10.04
N PHE D 121 -18.32 36.96 -8.72
CA PHE D 121 -17.20 36.58 -7.88
C PHE D 121 -17.57 36.11 -6.47
N ALA D 122 -16.65 35.34 -5.89
CA ALA D 122 -16.76 34.83 -4.54
C ALA D 122 -15.43 35.24 -3.91
N LEU D 123 -15.35 35.29 -2.59
CA LEU D 123 -14.11 35.68 -1.96
C LEU D 123 -13.53 34.76 -0.91
N TYR D 124 -12.21 34.71 -0.89
CA TYR D 124 -11.44 33.93 0.06
C TYR D 124 -11.06 34.88 1.17
N GLY D 125 -10.79 34.32 2.33
CA GLY D 125 -10.32 35.09 3.45
C GLY D 125 -8.91 34.53 3.61
N GLY D 126 -8.07 35.18 4.38
CA GLY D 126 -6.73 34.65 4.56
C GLY D 126 -6.57 34.04 5.93
N GLY D 127 -5.76 33.00 5.99
CA GLY D 127 -5.49 32.34 7.25
C GLY D 127 -4.00 32.48 7.45
N VAL D 128 -3.60 33.49 8.21
CA VAL D 128 -2.19 33.75 8.49
C VAL D 128 -1.91 33.67 9.98
N PRO D 129 -0.63 33.65 10.37
CA PRO D 129 -0.37 33.56 11.81
C PRO D 129 -0.98 34.72 12.60
N GLY D 130 -1.68 34.35 13.67
CA GLY D 130 -2.28 35.32 14.55
C GLY D 130 -3.65 35.88 14.22
N ASN D 131 -4.29 35.46 13.13
CA ASN D 131 -5.60 36.03 12.83
C ASN D 131 -6.73 35.04 12.99
N LEU D 132 -6.45 33.98 13.72
CA LEU D 132 -7.43 32.91 13.93
C LEU D 132 -8.88 33.35 14.16
N PRO D 133 -9.12 34.30 15.06
CA PRO D 133 -10.49 34.74 15.31
C PRO D 133 -11.19 35.49 14.18
N GLU D 134 -10.42 35.99 13.21
CA GLU D 134 -11.01 36.71 12.10
C GLU D 134 -11.69 35.75 11.12
N ILE D 135 -11.23 34.51 11.11
CA ILE D 135 -11.78 33.49 10.21
C ILE D 135 -13.28 33.31 10.39
N ARG D 136 -13.72 33.14 11.63
CA ARG D 136 -15.12 32.98 11.92
C ARG D 136 -15.90 34.19 11.39
N LYS D 137 -15.31 35.38 11.57
CA LYS D 137 -15.92 36.63 11.13
C LYS D 137 -16.13 36.72 9.62
N MET D 138 -15.08 36.37 8.88
CA MET D 138 -15.16 36.43 7.41
C MET D 138 -16.13 35.37 6.90
N HIS D 139 -16.13 34.21 7.56
CA HIS D 139 -17.05 33.13 7.19
C HIS D 139 -18.46 33.67 7.24
N ASP D 140 -18.81 34.30 8.38
CA ASP D 140 -20.13 34.87 8.58
C ASP D 140 -20.45 36.01 7.62
N ALA D 141 -19.41 36.66 7.09
CA ALA D 141 -19.63 37.75 6.16
C ALA D 141 -19.74 37.24 4.72
N GLY D 142 -19.65 35.92 4.54
CA GLY D 142 -19.79 35.38 3.20
C GLY D 142 -18.60 34.75 2.50
N ALA D 143 -17.44 34.71 3.14
CA ALA D 143 -16.28 34.09 2.52
C ALA D 143 -16.61 32.63 2.20
N VAL D 144 -16.24 32.14 1.03
CA VAL D 144 -16.53 30.74 0.71
C VAL D 144 -15.46 29.82 1.25
N GLY D 145 -14.26 30.37 1.41
CA GLY D 145 -13.16 29.57 1.91
C GLY D 145 -11.98 30.42 2.34
N PHE D 146 -10.88 29.76 2.69
CA PHE D 146 -9.69 30.45 3.15
C PHE D 146 -8.42 29.84 2.60
N SER D 148 -4.09 29.44 3.18
CA SER D 148 -2.96 29.54 4.09
C SER D 148 -1.78 29.02 3.29
N MET D 149 -0.57 29.50 3.60
CA MET D 149 0.58 29.05 2.85
C MET D 149 1.56 28.32 3.76
N MET D 150 2.15 27.26 3.23
CA MET D 150 3.12 26.50 3.99
C MET D 150 4.51 26.97 3.60
N ALA D 151 4.56 27.75 2.53
CA ALA D 151 5.80 28.33 2.02
C ALA D 151 5.36 29.70 1.49
N ALA D 152 5.99 30.75 2.01
CA ALA D 152 5.61 32.12 1.64
C ALA D 152 5.99 32.45 0.23
N SER D 153 5.77 33.72 -0.13
CA SER D 153 6.11 34.19 -1.47
C SER D 153 6.23 35.71 -1.38
N VAL D 154 5.42 36.29 -0.49
CA VAL D 154 5.40 37.73 -0.27
C VAL D 154 5.49 37.98 1.24
N PRO D 155 6.65 37.69 1.84
CA PRO D 155 6.86 37.89 3.28
C PRO D 155 6.47 39.30 3.74
N GLY D 156 5.92 39.38 4.95
CA GLY D 156 5.48 40.65 5.50
C GLY D 156 4.02 40.91 5.16
N MET D 157 3.68 40.74 3.89
CA MET D 157 2.33 40.92 3.37
C MET D 157 1.47 39.69 3.71
N PHE D 158 1.88 38.51 3.24
CA PHE D 158 1.16 37.27 3.53
C PHE D 158 2.19 36.26 4.02
N ASP D 159 2.11 35.86 5.29
CA ASP D 159 3.09 34.92 5.84
C ASP D 159 2.67 33.47 5.87
N ALA D 160 3.66 32.59 5.87
CA ALA D 160 3.39 31.17 5.93
C ALA D 160 3.05 30.84 7.39
N VAL D 161 2.33 29.74 7.59
CA VAL D 161 1.99 29.32 8.95
C VAL D 161 2.82 28.10 9.32
N SER D 162 3.00 27.87 10.61
CA SER D 162 3.75 26.69 11.03
C SER D 162 2.74 25.55 11.11
N ASP D 163 3.21 24.33 11.34
CA ASP D 163 2.28 23.21 11.42
C ASP D 163 1.23 23.42 12.52
N GLY D 164 1.63 24.01 13.64
CA GLY D 164 0.69 24.26 14.72
C GLY D 164 -0.36 25.28 14.32
N GLU D 165 0.07 26.36 13.70
CA GLU D 165 -0.88 27.38 13.29
C GLU D 165 -1.78 26.81 12.21
N LEU D 166 -1.18 26.07 11.28
CA LEU D 166 -1.94 25.44 10.21
C LEU D 166 -2.96 24.47 10.80
N PHE D 167 -2.55 23.72 11.83
CA PHE D 167 -3.46 22.79 12.47
C PHE D 167 -4.63 23.50 13.13
N GLU D 168 -4.36 24.63 13.79
CA GLU D 168 -5.43 25.37 14.46
C GLU D 168 -6.40 25.94 13.43
N ILE D 169 -5.86 26.33 12.27
CA ILE D 169 -6.69 26.87 11.21
C ILE D 169 -7.59 25.75 10.69
N PHE D 170 -7.02 24.55 10.53
CA PHE D 170 -7.80 23.41 10.05
C PHE D 170 -8.97 23.15 10.98
N GLN D 171 -8.73 23.21 12.28
CA GLN D 171 -9.82 23.00 13.23
C GLN D 171 -10.88 24.08 13.11
N GLU D 172 -10.50 25.35 13.00
CA GLU D 172 -11.52 26.38 12.86
C GLU D 172 -12.33 26.13 11.59
N ILE D 173 -11.65 25.89 10.48
CA ILE D 173 -12.31 25.64 9.20
C ILE D 173 -13.32 24.49 9.30
N ALA D 174 -12.94 23.44 10.01
CA ALA D 174 -13.83 22.30 10.15
C ALA D 174 -15.07 22.68 10.92
N ALA D 175 -14.87 23.47 11.98
CA ALA D 175 -15.97 23.90 12.82
C ALA D 175 -16.93 24.86 12.12
N CYS D 176 -16.44 25.59 11.12
CA CYS D 176 -17.28 26.54 10.39
C CYS D 176 -17.92 25.85 9.20
N GLY D 177 -17.35 24.71 8.83
CA GLY D 177 -17.86 23.96 7.68
C GLY D 177 -17.46 24.67 6.41
N SER D 178 -16.31 25.32 6.45
CA SER D 178 -15.82 26.06 5.30
C SER D 178 -14.85 25.19 4.51
N VAL D 179 -14.01 25.82 3.71
CA VAL D 179 -13.02 25.11 2.90
C VAL D 179 -11.68 25.79 3.14
N ILE D 180 -10.61 25.02 3.20
CA ILE D 180 -9.27 25.59 3.35
C ILE D 180 -8.44 25.08 2.18
N VAL D 181 -7.75 25.98 1.49
CA VAL D 181 -6.91 25.57 0.39
C VAL D 181 -5.52 25.98 0.85
N VAL D 182 -4.49 25.24 0.46
CA VAL D 182 -3.14 25.60 0.88
C VAL D 182 -2.16 25.51 -0.26
N HIS D 183 -1.06 26.23 -0.13
CA HIS D 183 0.02 26.19 -1.10
C HIS D 183 0.98 25.24 -0.37
N ALA D 184 1.14 24.03 -0.89
CA ALA D 184 2.00 23.09 -0.19
C ALA D 184 3.42 22.91 -0.69
N GLU D 185 4.36 23.53 0.02
CA GLU D 185 5.79 23.37 -0.27
C GLU D 185 6.49 23.48 1.06
N ASN D 186 7.74 23.03 1.11
CA ASN D 186 8.47 23.13 2.37
C ASN D 186 9.38 24.35 2.32
N GLU D 187 8.96 25.40 3.02
CA GLU D 187 9.69 26.67 3.06
C GLU D 187 11.17 26.54 3.39
N THR D 188 11.43 25.86 4.48
CA THR D 188 12.77 25.66 5.00
C THR D 188 13.73 24.89 4.12
N ILE D 189 13.22 23.89 3.41
CA ILE D 189 14.06 23.08 2.52
C ILE D 189 14.37 23.89 1.28
N ILE D 190 13.38 24.64 0.81
CA ILE D 190 13.59 25.47 -0.36
C ILE D 190 14.72 26.45 -0.07
N GLN D 191 14.70 27.07 1.11
CA GLN D 191 15.76 28.01 1.47
C GLN D 191 17.12 27.33 1.44
N ALA D 192 17.22 26.17 2.08
CA ALA D 192 18.49 25.44 2.12
C ALA D 192 18.98 25.11 0.72
N LEU D 193 18.09 24.57 -0.11
CA LEU D 193 18.47 24.24 -1.47
C LEU D 193 18.87 25.50 -2.26
N GLN D 194 18.17 26.60 -2.05
CA GLN D 194 18.50 27.83 -2.78
C GLN D 194 19.94 28.22 -2.52
N LYS D 195 20.34 28.16 -1.26
CA LYS D 195 21.71 28.51 -0.88
C LYS D 195 22.70 27.57 -1.54
N GLN D 196 22.45 26.27 -1.46
CA GLN D 196 23.38 25.33 -2.07
C GLN D 196 23.50 25.61 -3.57
N ILE D 197 22.36 25.70 -4.25
CA ILE D 197 22.33 25.95 -5.68
C ILE D 197 22.92 27.29 -6.11
N LYS D 198 22.61 28.36 -5.36
CA LYS D 198 23.17 29.66 -5.70
C LYS D 198 24.68 29.60 -5.54
N ALA D 199 25.14 28.99 -4.45
CA ALA D 199 26.58 28.87 -4.21
C ALA D 199 27.29 28.18 -5.38
N ALA D 200 26.66 27.16 -5.95
CA ALA D 200 27.27 26.45 -7.07
C ALA D 200 27.12 27.28 -8.33
N GLY D 201 26.66 28.52 -8.17
CA GLY D 201 26.49 29.39 -9.32
C GLY D 201 25.36 29.09 -10.28
N GLY D 202 24.23 28.58 -9.78
CA GLY D 202 23.11 28.30 -10.65
C GLY D 202 22.25 29.55 -10.80
N LYS D 203 21.92 29.91 -12.03
CA LYS D 203 21.07 31.09 -12.27
C LYS D 203 20.03 30.76 -13.34
N ASP D 204 19.98 29.48 -13.70
CA ASP D 204 19.07 28.87 -14.69
C ASP D 204 17.62 28.87 -14.29
N MET D 205 16.80 28.36 -15.20
CA MET D 205 15.39 28.14 -14.93
C MET D 205 15.52 26.73 -14.34
N ALA D 206 16.49 25.99 -14.88
CA ALA D 206 16.77 24.64 -14.43
C ALA D 206 17.20 24.72 -12.96
N ALA D 207 18.04 25.69 -12.66
CA ALA D 207 18.51 25.87 -11.29
C ALA D 207 17.32 26.17 -10.37
N TYR D 208 16.37 26.94 -10.88
CA TYR D 208 15.20 27.29 -10.10
C TYR D 208 14.41 26.03 -9.74
N GLU D 209 14.00 25.28 -10.77
CA GLU D 209 13.23 24.06 -10.58
C GLU D 209 13.88 23.16 -9.53
N ALA D 210 15.21 23.04 -9.60
CA ALA D 210 15.93 22.18 -8.67
C ALA D 210 15.90 22.69 -7.24
N SER D 211 15.71 23.99 -7.06
CA SER D 211 15.68 24.57 -5.72
C SER D 211 14.34 24.30 -5.00
N GLN D 212 13.34 23.87 -5.76
CA GLN D 212 12.04 23.54 -5.19
C GLN D 212 11.60 22.25 -5.84
N PRO D 213 12.38 21.17 -5.67
CA PRO D 213 12.13 19.83 -6.23
C PRO D 213 10.81 19.20 -5.82
N VAL D 214 10.43 18.13 -6.51
CA VAL D 214 9.16 17.47 -6.21
C VAL D 214 9.15 16.85 -4.81
N PHE D 215 10.29 16.32 -4.38
CA PHE D 215 10.31 15.66 -3.08
C PHE D 215 9.87 16.58 -1.95
N GLN D 216 10.16 17.88 -2.06
CA GLN D 216 9.73 18.78 -1.01
C GLN D 216 8.28 19.19 -1.22
N GLU D 217 7.84 19.28 -2.47
CA GLU D 217 6.44 19.63 -2.72
C GLU D 217 5.60 18.49 -2.18
N ASN D 218 6.03 17.28 -2.48
CA ASN D 218 5.29 16.11 -2.04
C ASN D 218 5.33 15.89 -0.53
N GLU D 219 6.39 16.33 0.12
CA GLU D 219 6.46 16.17 1.56
C GLU D 219 5.39 17.07 2.17
N ALA D 220 5.28 18.29 1.65
CA ALA D 220 4.29 19.23 2.17
C ALA D 220 2.87 18.69 1.95
N ILE D 221 2.66 18.06 0.80
CA ILE D 221 1.34 17.52 0.53
C ILE D 221 1.05 16.44 1.58
N GLN D 222 2.05 15.57 1.80
CA GLN D 222 1.93 14.49 2.76
C GLN D 222 1.59 15.02 4.16
N ARG D 223 2.27 16.11 4.53
CA ARG D 223 2.07 16.76 5.82
C ARG D 223 0.65 17.35 5.96
N ALA D 224 0.20 18.07 4.94
CA ALA D 224 -1.13 18.66 4.98
C ALA D 224 -2.14 17.54 5.11
N LEU D 225 -1.93 16.48 4.34
CA LEU D 225 -2.81 15.33 4.37
C LEU D 225 -2.93 14.73 5.78
N LEU D 226 -1.81 14.53 6.46
CA LEU D 226 -1.81 13.98 7.81
C LEU D 226 -2.55 14.86 8.81
N LEU D 227 -2.45 16.17 8.63
CA LEU D 227 -3.12 17.10 9.52
C LEU D 227 -4.61 17.19 9.23
N GLN D 228 -5.01 17.07 7.96
CA GLN D 228 -6.43 17.16 7.69
C GLN D 228 -7.05 15.86 8.20
N LYS D 229 -6.32 14.77 8.02
CA LYS D 229 -6.76 13.46 8.47
C LYS D 229 -7.24 13.56 9.92
N GLU D 230 -6.57 14.41 10.69
CA GLU D 230 -6.90 14.61 12.09
C GLU D 230 -7.94 15.71 12.34
N ALA D 231 -7.95 16.74 11.52
CA ALA D 231 -8.90 17.84 11.69
C ALA D 231 -10.26 17.64 11.04
N GLY D 232 -10.29 16.96 9.89
CA GLY D 232 -11.54 16.70 9.19
C GLY D 232 -12.15 17.80 8.34
N CYS D 233 -11.40 18.86 8.09
CA CYS D 233 -11.88 19.99 7.29
C CYS D 233 -11.75 19.71 5.80
N ARG D 234 -12.61 20.30 4.97
CA ARG D 234 -12.50 20.10 3.53
C ARG D 234 -11.21 20.81 3.12
N LEU D 235 -10.32 20.09 2.46
CA LEU D 235 -9.04 20.62 2.04
C LEU D 235 -8.79 20.49 0.55
N ILE D 236 -8.30 21.55 -0.08
CA ILE D 236 -7.98 21.47 -1.50
C ILE D 236 -6.52 21.83 -1.64
N VAL D 237 -5.70 20.93 -2.16
CA VAL D 237 -4.30 21.29 -2.36
C VAL D 237 -4.21 22.00 -3.71
N LEU D 238 -3.80 23.27 -3.67
CA LEU D 238 -3.69 24.12 -4.85
C LEU D 238 -2.53 23.73 -5.74
N HIS D 239 -2.64 24.15 -7.00
CA HIS D 239 -1.61 23.89 -8.03
C HIS D 239 -0.62 22.78 -7.74
N VAL D 240 -1.04 21.53 -7.92
CA VAL D 240 -0.18 20.38 -7.73
C VAL D 240 0.53 20.20 -9.08
N SER D 241 1.86 20.27 -9.07
CA SER D 241 2.65 20.23 -10.29
C SER D 241 3.11 18.88 -10.81
N ASN D 242 3.06 17.84 -10.00
CA ASN D 242 3.57 16.55 -10.42
C ASN D 242 2.65 15.35 -10.18
N PRO D 243 2.79 14.30 -11.02
CA PRO D 243 2.00 13.07 -10.96
C PRO D 243 1.96 12.39 -9.61
N ASP D 244 3.13 12.29 -8.97
CA ASP D 244 3.18 11.62 -7.67
C ASP D 244 2.37 12.32 -6.59
N GLY D 245 2.31 13.65 -6.64
CA GLY D 245 1.55 14.38 -5.66
C GLY D 245 0.07 14.16 -5.90
N VAL D 246 -0.32 14.10 -7.16
CA VAL D 246 -1.70 13.87 -7.50
C VAL D 246 -2.10 12.53 -6.91
N GLU D 247 -1.25 11.52 -7.11
CA GLU D 247 -1.55 10.20 -6.58
C GLU D 247 -1.70 10.18 -5.06
N LEU D 248 -0.78 10.83 -4.35
CA LEU D 248 -0.84 10.89 -2.89
C LEU D 248 -2.19 11.39 -2.41
N ILE D 249 -2.67 12.47 -3.02
CA ILE D 249 -3.95 13.05 -2.66
C ILE D 249 -5.09 12.12 -3.04
N HIS D 250 -5.03 11.61 -4.27
CA HIS D 250 -6.07 10.70 -4.74
C HIS D 250 -6.20 9.50 -3.80
N GLN D 251 -5.07 8.89 -3.48
CA GLN D 251 -5.06 7.76 -2.58
C GLN D 251 -5.76 8.10 -1.27
N ALA D 252 -5.42 9.26 -0.71
CA ALA D 252 -6.01 9.67 0.54
C ALA D 252 -7.49 9.95 0.43
N GLN D 253 -7.95 10.58 -0.66
CA GLN D 253 -9.38 10.86 -0.73
C GLN D 253 -10.07 9.52 -0.92
N SER D 254 -9.41 8.66 -1.67
CA SER D 254 -9.89 7.32 -1.95
C SER D 254 -10.03 6.53 -0.63
N GLU D 255 -9.35 6.98 0.43
CA GLU D 255 -9.43 6.29 1.71
C GLU D 255 -10.44 6.94 2.64
N GLY D 256 -11.22 7.89 2.12
CA GLY D 256 -12.21 8.55 2.96
C GLY D 256 -11.93 9.98 3.37
N GLN D 257 -10.73 10.49 3.11
CA GLN D 257 -10.40 11.87 3.49
C GLN D 257 -11.03 12.89 2.53
N ASP D 258 -11.65 13.94 3.09
CA ASP D 258 -12.29 14.98 2.31
C ASP D 258 -11.21 15.93 1.75
N VAL D 259 -10.33 15.39 0.93
CA VAL D 259 -9.25 16.18 0.37
C VAL D 259 -9.34 16.13 -1.15
N HIS D 260 -8.91 17.19 -1.82
CA HIS D 260 -8.99 17.25 -3.27
C HIS D 260 -7.77 17.82 -3.94
N CYS D 261 -7.60 17.50 -5.21
CA CYS D 261 -6.44 17.97 -5.93
C CYS D 261 -6.71 18.97 -7.04
N GLU D 262 -5.98 20.08 -7.00
CA GLU D 262 -6.12 21.09 -8.02
C GLU D 262 -4.83 21.21 -8.81
N SER D 263 -4.96 21.38 -10.11
CA SER D 263 -3.78 21.62 -10.93
C SER D 263 -4.25 22.68 -11.91
N GLY D 264 -3.41 23.05 -12.87
CA GLY D 264 -3.85 24.10 -13.78
C GLY D 264 -3.22 24.01 -15.14
N PRO D 265 -3.78 24.76 -16.10
CA PRO D 265 -3.25 24.76 -17.46
C PRO D 265 -1.77 25.04 -17.61
N GLN D 266 -1.16 25.73 -16.65
CA GLN D 266 0.28 26.02 -16.73
C GLN D 266 1.10 24.75 -16.58
N TYR D 267 0.61 23.83 -15.76
CA TYR D 267 1.32 22.59 -15.52
C TYR D 267 1.05 21.55 -16.57
N LEU D 268 -0.09 21.64 -17.24
CA LEU D 268 -0.45 20.67 -18.27
C LEU D 268 0.07 21.07 -19.65
N ASN D 269 0.07 22.37 -19.94
CA ASN D 269 0.50 22.87 -21.24
C ASN D 269 1.91 23.42 -21.35
N ILE D 270 2.72 23.26 -20.31
CA ILE D 270 4.10 23.75 -20.34
C ILE D 270 4.98 22.69 -19.73
N THR D 271 6.21 22.62 -20.22
CA THR D 271 7.16 21.63 -19.75
C THR D 271 8.49 22.27 -19.49
N THR D 272 9.34 21.60 -18.72
CA THR D 272 10.64 22.18 -18.45
C THR D 272 11.43 22.36 -19.74
N ASP D 273 11.21 21.54 -20.77
CA ASP D 273 11.99 21.81 -21.96
C ASP D 273 11.46 22.96 -22.80
N ASP D 274 10.78 23.89 -22.14
CA ASP D 274 10.25 25.10 -22.77
C ASP D 274 10.92 26.23 -21.98
N ALA D 275 11.61 25.84 -20.91
CA ALA D 275 12.28 26.77 -20.03
C ALA D 275 13.19 27.73 -20.78
N GLU D 276 13.98 27.21 -21.71
CA GLU D 276 14.89 28.05 -22.44
C GLU D 276 14.28 29.15 -23.30
N ARG D 277 13.20 28.85 -24.03
CA ARG D 277 12.62 29.89 -24.86
C ARG D 277 11.62 30.78 -24.13
N ILE D 278 10.97 30.27 -23.09
CA ILE D 278 9.98 31.07 -22.34
C ILE D 278 10.60 31.76 -21.14
N GLY D 279 11.68 31.18 -20.63
CA GLY D 279 12.37 31.78 -19.50
C GLY D 279 11.52 32.12 -18.29
N PRO D 280 11.77 33.29 -17.68
CA PRO D 280 11.06 33.78 -16.50
C PRO D 280 9.55 33.88 -16.59
N TYR D 281 9.02 33.89 -17.80
CA TYR D 281 7.57 34.02 -17.96
C TYR D 281 6.86 32.71 -17.66
N MET D 282 7.66 31.72 -17.30
CA MET D 282 7.18 30.40 -16.99
C MET D 282 7.55 30.10 -15.54
N LYS D 283 8.22 31.05 -14.90
CA LYS D 283 8.62 30.84 -13.52
C LYS D 283 7.41 30.99 -12.62
N VAL D 284 6.98 29.87 -12.06
CA VAL D 284 5.82 29.87 -11.20
C VAL D 284 6.12 28.95 -10.00
N ALA D 285 5.28 28.97 -8.95
CA ALA D 285 5.56 28.12 -7.79
C ALA D 285 4.30 27.40 -7.37
N PRO D 286 4.36 26.06 -7.28
CA PRO D 286 5.50 25.17 -7.55
C PRO D 286 5.95 25.26 -9.00
N PRO D 287 7.20 24.87 -9.27
CA PRO D 287 7.79 24.90 -10.61
C PRO D 287 7.09 23.97 -11.59
N VAL D 288 7.16 24.32 -12.87
CA VAL D 288 6.59 23.47 -13.90
C VAL D 288 7.55 22.30 -13.92
N ARG D 289 7.02 21.10 -14.11
CA ARG D 289 7.86 19.91 -14.10
C ARG D 289 8.29 19.36 -15.46
N SER D 290 8.92 18.19 -15.44
CA SER D 290 9.43 17.56 -16.67
C SER D 290 8.40 17.03 -17.66
N ALA D 291 8.86 16.86 -18.91
CA ALA D 291 8.02 16.35 -19.99
C ALA D 291 7.46 14.98 -19.65
N GLU D 292 8.30 14.14 -19.02
CA GLU D 292 7.87 12.81 -18.63
C GLU D 292 6.72 12.88 -17.66
N MET D 293 6.83 13.76 -16.66
CA MET D 293 5.76 13.88 -15.67
C MET D 293 4.53 14.47 -16.32
N ASN D 294 4.76 15.33 -17.30
CA ASN D 294 3.66 15.96 -18.01
C ASN D 294 2.72 14.90 -18.63
N ILE D 295 3.28 13.86 -19.23
CA ILE D 295 2.46 12.81 -19.82
C ILE D 295 1.53 12.20 -18.77
N ARG D 296 2.10 11.81 -17.63
CA ARG D 296 1.34 11.24 -16.53
C ARG D 296 0.19 12.15 -16.13
N LEU D 297 0.51 13.42 -15.93
CA LEU D 297 -0.47 14.42 -15.53
C LEU D 297 -1.69 14.38 -16.43
N TRP D 298 -1.45 14.35 -17.75
CA TRP D 298 -2.55 14.33 -18.71
C TRP D 298 -3.42 13.08 -18.59
N GLU D 299 -2.82 11.96 -18.23
CA GLU D 299 -3.58 10.72 -18.06
C GLU D 299 -4.43 10.86 -16.81
N GLN D 300 -3.82 11.33 -15.74
CA GLN D 300 -4.53 11.50 -14.49
C GLN D 300 -5.72 12.43 -14.66
N LEU D 301 -5.57 13.44 -15.50
CA LEU D 301 -6.63 14.40 -15.74
C LEU D 301 -7.85 13.72 -16.34
N GLU D 302 -7.66 13.09 -17.50
CA GLU D 302 -8.76 12.42 -18.16
C GLU D 302 -9.31 11.27 -17.33
N ASN D 303 -8.46 10.68 -16.50
CA ASN D 303 -8.90 9.56 -15.69
C ASN D 303 -9.58 9.90 -14.37
N GLY D 304 -9.67 11.18 -14.04
CA GLY D 304 -10.34 11.56 -12.81
C GLY D 304 -9.53 11.75 -11.54
N LEU D 305 -8.19 11.69 -11.61
CA LEU D 305 -7.39 11.90 -10.41
C LEU D 305 -7.18 13.37 -10.07
N ILE D 306 -7.46 14.24 -11.03
CA ILE D 306 -7.31 15.67 -10.80
C ILE D 306 -8.71 16.23 -10.65
N ASP D 307 -9.03 16.70 -9.44
CA ASP D 307 -10.36 17.21 -9.14
C ASP D 307 -10.78 18.53 -9.75
N THR D 308 -9.90 19.52 -9.74
CA THR D 308 -10.22 20.83 -10.30
C THR D 308 -9.06 21.45 -11.03
N LEU D 309 -9.38 22.42 -11.87
CA LEU D 309 -8.37 23.14 -12.63
C LEU D 309 -8.57 24.63 -12.26
N GLY D 310 -7.47 25.29 -11.92
CA GLY D 310 -7.53 26.70 -11.57
C GLY D 310 -6.41 27.38 -12.32
N SER D 311 -6.61 28.59 -12.79
CA SER D 311 -5.56 29.26 -13.57
C SER D 311 -4.38 29.78 -12.77
N ASP D 312 -4.66 30.28 -11.57
CA ASP D 312 -3.63 30.88 -10.73
C ASP D 312 -3.14 32.14 -11.48
N HIS D 313 -4.08 32.80 -12.14
CA HIS D 313 -3.86 34.05 -12.87
C HIS D 313 -3.29 35.07 -11.86
N GLY D 314 -2.15 35.66 -12.20
CA GLY D 314 -1.57 36.63 -11.30
C GLY D 314 -0.48 37.40 -11.99
N GLY D 315 -0.66 38.72 -12.04
CA GLY D 315 0.31 39.58 -12.70
C GLY D 315 1.51 39.95 -11.85
N HIS D 316 2.51 40.51 -12.51
CA HIS D 316 3.72 40.97 -11.87
C HIS D 316 4.23 42.02 -12.82
N PRO D 317 4.69 43.17 -12.30
CA PRO D 317 5.18 44.18 -13.24
C PRO D 317 6.24 43.55 -14.15
N VAL D 318 6.06 43.72 -15.46
CA VAL D 318 6.96 43.16 -16.47
C VAL D 318 8.46 43.40 -16.21
N GLU D 319 8.77 44.43 -15.42
CA GLU D 319 10.15 44.76 -15.08
C GLU D 319 10.71 43.89 -13.96
N ASP D 320 9.84 43.05 -13.41
CA ASP D 320 10.25 42.13 -12.34
C ASP D 320 10.32 40.73 -12.92
N LYS D 321 10.19 40.65 -14.24
CA LYS D 321 10.24 39.38 -14.94
C LYS D 321 11.43 39.37 -15.86
N GLU D 322 11.58 40.44 -16.64
CA GLU D 322 12.67 40.53 -17.63
C GLU D 322 14.08 40.30 -17.07
N PRO D 323 14.37 40.79 -15.86
CA PRO D 323 15.72 40.54 -15.34
C PRO D 323 15.98 39.06 -15.12
N GLY D 324 14.93 38.27 -15.22
CA GLY D 324 15.04 36.82 -15.02
C GLY D 324 15.81 36.10 -16.11
N TRP D 325 15.87 36.70 -17.30
CA TRP D 325 16.59 36.09 -18.41
C TRP D 325 18.06 35.84 -18.09
N LYS D 326 18.68 36.76 -17.36
CA LYS D 326 20.10 36.65 -17.02
C LYS D 326 20.33 36.05 -15.63
N ASP D 327 19.44 36.36 -14.70
CA ASP D 327 19.55 35.85 -13.34
C ASP D 327 18.13 35.51 -12.86
N VAL D 328 17.82 34.21 -12.87
CA VAL D 328 16.52 33.69 -12.49
C VAL D 328 16.01 34.13 -11.11
N TRP D 329 16.91 34.19 -10.13
CA TRP D 329 16.53 34.58 -8.79
C TRP D 329 16.00 36.01 -8.69
N LYS D 330 16.02 36.77 -9.79
CA LYS D 330 15.54 38.15 -9.73
C LYS D 330 14.23 38.37 -10.44
N ALA D 331 13.57 37.28 -10.82
CA ALA D 331 12.28 37.35 -11.47
C ALA D 331 11.27 36.83 -10.47
N GLY D 332 10.07 37.44 -10.46
CA GLY D 332 9.05 36.98 -9.54
C GLY D 332 8.21 35.84 -10.09
N ASN D 333 7.51 35.14 -9.21
CA ASN D 333 6.67 34.03 -9.64
C ASN D 333 5.29 34.48 -10.11
N GLY D 334 4.73 33.76 -11.07
CA GLY D 334 3.42 34.12 -11.53
C GLY D 334 3.25 34.08 -13.02
N ALA D 335 1.99 33.96 -13.46
CA ALA D 335 1.68 33.94 -14.87
C ALA D 335 0.23 34.28 -15.01
N LEU D 336 -0.12 35.05 -16.04
CA LEU D 336 -1.51 35.41 -16.31
C LEU D 336 -2.13 34.15 -16.89
N GLY D 337 -3.45 33.99 -16.77
CA GLY D 337 -4.07 32.79 -17.30
C GLY D 337 -5.57 32.89 -17.49
N LEU D 338 -6.14 34.00 -17.03
CA LEU D 338 -7.57 34.21 -17.14
C LEU D 338 -8.09 34.20 -18.57
N GLU D 339 -7.26 34.65 -19.50
CA GLU D 339 -7.68 34.72 -20.89
C GLU D 339 -7.29 33.51 -21.72
N THR D 340 -6.37 32.71 -21.20
CA THR D 340 -5.88 31.53 -21.93
C THR D 340 -6.22 30.16 -21.33
N SER D 341 -6.84 30.13 -20.15
CA SER D 341 -7.16 28.88 -19.52
C SER D 341 -8.06 27.93 -20.31
N LEU D 342 -9.26 28.37 -20.66
CA LEU D 342 -10.18 27.50 -21.40
C LEU D 342 -9.64 27.17 -22.78
N PRO D 343 -9.29 28.20 -23.57
CA PRO D 343 -8.77 27.87 -24.90
C PRO D 343 -7.56 26.94 -24.90
N MET D 344 -6.72 27.04 -23.88
CA MET D 344 -5.57 26.16 -23.85
C MET D 344 -6.01 24.72 -23.62
N MET D 345 -6.97 24.51 -22.71
CA MET D 345 -7.48 23.15 -22.42
C MET D 345 -8.27 22.61 -23.61
N LEU D 346 -9.08 23.48 -24.20
CA LEU D 346 -9.88 23.11 -25.37
C LEU D 346 -8.95 22.73 -26.52
N THR D 347 -7.93 23.55 -26.75
CA THR D 347 -6.98 23.34 -27.82
C THR D 347 -6.07 22.11 -27.70
N ASN D 348 -5.32 22.01 -26.61
CA ASN D 348 -4.40 20.90 -26.44
C ASN D 348 -4.96 19.70 -25.72
N GLY D 349 -6.19 19.83 -25.23
CA GLY D 349 -6.84 18.74 -24.53
C GLY D 349 -7.95 18.12 -25.36
N VAL D 350 -9.06 18.85 -25.47
CA VAL D 350 -10.21 18.36 -26.23
C VAL D 350 -9.91 18.16 -27.71
N ASN D 351 -9.52 19.21 -28.41
CA ASN D 351 -9.23 19.13 -29.84
C ASN D 351 -8.01 18.31 -30.20
N LYS D 352 -7.33 17.76 -29.21
CA LYS D 352 -6.15 16.97 -29.50
C LYS D 352 -6.41 15.56 -29.03
N GLY D 353 -7.66 15.33 -28.64
CA GLY D 353 -8.11 14.01 -28.22
C GLY D 353 -7.67 13.46 -26.88
N ARG D 354 -6.95 14.22 -26.07
CA ARG D 354 -6.54 13.66 -24.77
C ARG D 354 -7.39 14.10 -23.57
N LEU D 355 -8.54 14.72 -23.84
CA LEU D 355 -9.44 15.17 -22.79
C LEU D 355 -10.85 15.24 -23.36
N SER D 356 -11.82 14.69 -22.66
CA SER D 356 -13.19 14.74 -23.14
C SER D 356 -13.88 16.01 -22.65
N LEU D 357 -14.83 16.49 -23.45
CA LEU D 357 -15.57 17.68 -23.07
C LEU D 357 -16.23 17.47 -21.73
N GLU D 358 -16.77 16.27 -21.51
CA GLU D 358 -17.46 15.96 -20.29
C GLU D 358 -16.57 16.11 -19.08
N ARG D 359 -15.33 15.64 -19.18
CA ARG D 359 -14.41 15.76 -18.06
C ARG D 359 -13.99 17.21 -17.83
N LEU D 360 -13.77 17.93 -18.94
CA LEU D 360 -13.38 19.33 -18.87
C LEU D 360 -14.41 20.10 -18.08
N VAL D 361 -15.69 19.88 -18.38
CA VAL D 361 -16.74 20.59 -17.67
C VAL D 361 -16.78 20.21 -16.20
N GLU D 362 -16.40 18.97 -15.90
CA GLU D 362 -16.39 18.50 -14.52
C GLU D 362 -15.34 19.19 -13.68
N VAL D 363 -14.11 19.27 -14.20
CA VAL D 363 -13.02 19.89 -13.46
C VAL D 363 -12.94 21.43 -13.53
N MET D 364 -13.58 22.03 -14.53
CA MET D 364 -13.55 23.47 -14.69
C MET D 364 -14.83 24.18 -14.30
N CYS D 365 -15.91 23.42 -14.10
CA CYS D 365 -17.18 24.02 -13.73
C CYS D 365 -17.84 23.37 -12.53
N GLU D 366 -18.18 22.11 -12.66
CA GLU D 366 -18.88 21.40 -11.59
C GLU D 366 -18.18 21.25 -10.25
N LYS D 367 -17.04 20.55 -10.21
CA LYS D 367 -16.35 20.35 -8.94
C LYS D 367 -15.98 21.63 -8.21
N PRO D 368 -15.36 22.59 -8.91
CA PRO D 368 -15.05 23.79 -8.13
C PRO D 368 -16.31 24.37 -7.45
N ALA D 369 -17.41 24.51 -8.19
CA ALA D 369 -18.63 25.04 -7.61
C ALA D 369 -19.10 24.15 -6.45
N LYS D 370 -19.11 22.85 -6.69
CA LYS D 370 -19.52 21.91 -5.68
C LYS D 370 -18.69 22.02 -4.41
N LEU D 371 -17.37 21.92 -4.54
CA LEU D 371 -16.51 21.99 -3.36
C LEU D 371 -16.70 23.25 -2.51
N PHE D 372 -17.03 24.37 -3.11
CA PHE D 372 -17.21 25.60 -2.35
C PHE D 372 -18.63 25.88 -1.93
N GLY D 373 -19.54 25.01 -2.35
CA GLY D 373 -20.92 25.17 -1.98
C GLY D 373 -21.70 26.23 -2.74
N ILE D 374 -21.29 26.55 -3.96
CA ILE D 374 -22.02 27.54 -4.73
C ILE D 374 -22.65 26.79 -5.91
N TYR D 375 -22.70 25.46 -5.76
CA TYR D 375 -23.14 24.59 -6.82
C TYR D 375 -24.38 24.82 -7.65
N PRO D 376 -25.52 24.20 -7.31
CA PRO D 376 -26.63 24.48 -8.23
C PRO D 376 -26.60 25.88 -8.90
N GLN D 377 -26.25 26.93 -8.14
CA GLN D 377 -26.21 28.29 -8.71
C GLN D 377 -25.21 28.45 -9.86
N LYS D 378 -23.95 28.07 -9.63
CA LYS D 378 -22.91 28.14 -10.67
C LYS D 378 -22.43 26.73 -11.00
N GLY D 379 -21.76 26.54 -12.12
CA GLY D 379 -21.26 25.20 -12.39
C GLY D 379 -22.08 24.25 -13.22
N THR D 380 -23.37 24.53 -13.44
CA THR D 380 -24.23 23.69 -14.31
C THR D 380 -25.38 24.49 -14.85
N LEU D 381 -26.06 23.90 -15.81
CA LEU D 381 -27.22 24.51 -16.41
C LEU D 381 -28.44 23.66 -16.08
N GLN D 382 -29.03 23.88 -14.91
CA GLN D 382 -30.22 23.13 -14.55
C GLN D 382 -31.30 24.14 -14.23
N VAL D 383 -32.54 23.70 -14.10
CA VAL D 383 -33.59 24.63 -13.78
C VAL D 383 -33.26 25.19 -12.41
N GLY D 384 -33.19 26.52 -12.31
CA GLY D 384 -32.86 27.17 -11.05
C GLY D 384 -31.47 27.79 -10.97
N SER D 385 -30.55 27.34 -11.82
CA SER D 385 -29.18 27.86 -11.82
C SER D 385 -29.09 29.21 -12.53
N ASP D 386 -28.03 29.97 -12.27
CA ASP D 386 -27.85 31.23 -12.97
C ASP D 386 -27.57 30.84 -14.43
N ALA D 387 -28.12 31.56 -15.37
CA ALA D 387 -27.89 31.25 -16.77
C ALA D 387 -26.48 31.69 -17.18
N ASP D 388 -25.48 30.88 -16.85
CA ASP D 388 -24.11 31.22 -17.21
C ASP D 388 -23.62 30.21 -18.26
N LEU D 389 -23.61 30.61 -19.53
CA LEU D 389 -23.16 29.70 -20.57
C LEU D 389 -22.06 30.25 -21.41
N LEU D 390 -21.55 29.36 -22.23
CA LEU D 390 -20.50 29.65 -23.19
C LEU D 390 -20.92 28.89 -24.45
N ILE D 391 -20.94 29.56 -25.59
CA ILE D 391 -21.21 28.86 -26.83
C ILE D 391 -19.78 28.65 -27.31
N LEU D 392 -19.41 27.40 -27.55
CA LEU D 392 -18.06 27.09 -27.99
C LEU D 392 -17.90 26.96 -29.49
N ASP D 393 -16.66 27.03 -29.95
CA ASP D 393 -16.35 26.85 -31.34
C ASP D 393 -15.05 26.08 -31.33
N LEU D 394 -15.13 24.77 -31.58
CA LEU D 394 -13.94 23.93 -31.57
C LEU D 394 -13.26 23.86 -32.93
N ASP D 395 -13.65 24.74 -33.82
CA ASP D 395 -13.04 24.74 -35.13
C ASP D 395 -12.49 26.12 -35.50
N ILE D 396 -11.61 26.62 -34.65
CA ILE D 396 -10.98 27.92 -34.82
C ILE D 396 -9.53 27.72 -35.18
N ASP D 397 -8.94 28.76 -35.76
CA ASP D 397 -7.54 28.73 -36.11
C ASP D 397 -7.01 30.11 -35.82
N THR D 398 -6.16 30.22 -34.81
CA THR D 398 -5.61 31.50 -34.41
C THR D 398 -4.48 31.31 -33.42
N LYS D 399 -3.89 32.40 -32.95
CA LYS D 399 -2.80 32.34 -31.98
C LYS D 399 -3.14 33.17 -30.75
N VAL D 400 -2.53 32.86 -29.62
CA VAL D 400 -2.77 33.67 -28.44
C VAL D 400 -1.80 34.86 -28.62
N ASP D 401 -2.33 36.07 -28.51
CA ASP D 401 -1.53 37.30 -28.65
C ASP D 401 -1.59 38.10 -27.34
N ALA D 402 -0.63 37.87 -26.46
CA ALA D 402 -0.59 38.51 -25.15
C ALA D 402 -0.82 40.02 -25.15
N SER D 403 -0.41 40.71 -26.21
CA SER D 403 -0.56 42.16 -26.29
C SER D 403 -2.01 42.57 -26.44
N GLN D 404 -2.87 41.61 -26.79
CA GLN D 404 -4.30 41.88 -26.97
C GLN D 404 -5.06 41.63 -25.67
N PHE D 405 -4.37 41.13 -24.65
CA PHE D 405 -4.98 40.85 -23.36
C PHE D 405 -5.71 42.06 -22.83
N ARG D 406 -6.85 41.82 -22.21
CA ARG D 406 -7.65 42.91 -21.65
C ARG D 406 -7.19 43.26 -20.23
N SER D 407 -6.36 42.41 -19.64
CA SER D 407 -5.87 42.62 -18.28
C SER D 407 -4.84 43.74 -18.17
N LEU D 408 -4.48 44.09 -16.95
CA LEU D 408 -3.49 45.14 -16.72
C LEU D 408 -2.18 44.76 -17.40
N HIS D 409 -1.69 43.55 -17.16
CA HIS D 409 -0.45 43.13 -17.80
C HIS D 409 -0.68 42.46 -19.15
N LYS D 410 0.30 42.58 -20.02
CA LYS D 410 0.18 42.02 -21.36
C LYS D 410 1.26 41.04 -21.79
N TYR D 411 1.46 39.97 -21.03
CA TYR D 411 2.45 38.97 -21.42
C TYR D 411 1.94 37.60 -20.98
N SER D 412 2.45 36.54 -21.59
CA SER D 412 1.98 35.22 -21.24
C SER D 412 2.90 34.13 -21.71
N PRO D 413 3.01 33.03 -20.95
CA PRO D 413 3.87 31.88 -21.27
C PRO D 413 3.37 31.24 -22.58
N PHE D 414 2.09 31.44 -22.86
CA PHE D 414 1.44 30.87 -24.04
C PHE D 414 1.48 31.79 -25.23
N ASP D 415 2.05 32.98 -25.06
CA ASP D 415 2.10 33.94 -26.15
C ASP D 415 2.59 33.27 -27.43
N GLY D 416 1.87 33.52 -28.52
CA GLY D 416 2.24 32.95 -29.80
C GLY D 416 1.71 31.56 -30.12
N MET D 417 1.34 30.81 -29.08
CA MET D 417 0.83 29.46 -29.29
C MET D 417 -0.51 29.42 -29.99
N PRO D 418 -0.74 28.37 -30.77
CA PRO D 418 -2.00 28.21 -31.50
C PRO D 418 -3.20 27.91 -30.62
N VAL D 419 -4.37 28.35 -31.07
CA VAL D 419 -5.63 28.17 -30.38
C VAL D 419 -6.62 27.62 -31.40
N THR D 420 -7.16 26.43 -31.16
CA THR D 420 -8.11 25.83 -32.09
C THR D 420 -9.53 25.75 -31.53
N GLY D 421 -9.72 26.17 -30.29
CA GLY D 421 -11.04 26.12 -29.70
C GLY D 421 -11.17 27.24 -28.69
N ALA D 422 -12.36 27.83 -28.58
CA ALA D 422 -12.53 28.91 -27.63
C ALA D 422 -13.98 29.32 -27.48
N PRO D 423 -14.32 29.95 -26.35
CA PRO D 423 -15.71 30.37 -26.20
C PRO D 423 -15.89 31.57 -27.13
N VAL D 424 -17.00 31.65 -27.85
CA VAL D 424 -17.25 32.75 -28.77
C VAL D 424 -18.40 33.62 -28.29
N LEU D 425 -19.00 33.26 -27.17
CA LEU D 425 -20.11 34.00 -26.59
C LEU D 425 -20.08 33.57 -25.14
N THR D 426 -20.17 34.53 -24.23
CA THR D 426 -20.19 34.16 -22.85
C THR D 426 -21.21 35.03 -22.17
N MET D 427 -22.12 34.40 -21.42
CA MET D 427 -23.12 35.17 -20.72
C MET D 427 -23.22 34.76 -19.27
N VAL D 428 -23.51 35.74 -18.42
CA VAL D 428 -23.68 35.44 -17.01
C VAL D 428 -25.04 36.01 -16.61
N ARG D 429 -25.80 35.19 -15.87
CA ARG D 429 -27.13 35.54 -15.42
C ARG D 429 -28.02 36.07 -16.54
N GLY D 430 -28.00 35.35 -17.66
CA GLY D 430 -28.84 35.73 -18.78
C GLY D 430 -28.42 36.89 -19.65
N THR D 431 -27.28 37.53 -19.40
CA THR D 431 -26.94 38.63 -20.29
C THR D 431 -25.56 38.43 -20.94
N VAL D 432 -25.48 38.72 -22.24
CA VAL D 432 -24.23 38.53 -22.96
C VAL D 432 -23.20 39.54 -22.49
N VAL D 433 -22.12 39.05 -21.87
CA VAL D 433 -21.07 39.94 -21.37
C VAL D 433 -19.92 40.00 -22.35
N ALA D 434 -19.79 39.00 -23.19
CA ALA D 434 -18.72 39.01 -24.16
C ALA D 434 -19.19 38.25 -25.36
N GLU D 435 -18.97 38.82 -26.53
CA GLU D 435 -19.36 38.18 -27.75
C GLU D 435 -18.23 38.41 -28.72
N LYS D 436 -17.73 37.31 -29.28
CA LYS D 436 -16.61 37.32 -30.21
C LYS D 436 -15.57 38.41 -29.92
N GLY D 437 -14.95 38.29 -28.75
CA GLY D 437 -13.90 39.22 -28.35
C GLY D 437 -14.24 40.60 -27.80
N GLU D 438 -15.53 40.91 -27.71
CA GLU D 438 -15.96 42.21 -27.22
C GLU D 438 -16.66 42.14 -25.89
N VAL D 439 -16.19 42.90 -24.91
CA VAL D 439 -16.90 42.90 -23.65
C VAL D 439 -18.02 43.91 -23.85
N LEU D 440 -19.24 43.55 -23.48
CA LEU D 440 -20.40 44.41 -23.68
C LEU D 440 -21.05 44.86 -22.40
N VAL D 441 -20.35 44.70 -21.28
CA VAL D 441 -20.98 45.09 -20.03
C VAL D 441 -20.12 46.09 -19.24
N GLU D 442 -20.76 46.98 -18.48
CA GLU D 442 -20.02 47.98 -17.71
C GLU D 442 -19.46 47.47 -16.40
N GLN D 443 -18.44 48.15 -15.89
CA GLN D 443 -17.85 47.72 -14.65
C GLN D 443 -18.86 47.74 -13.51
N GLY D 444 -18.83 46.71 -12.67
CA GLY D 444 -19.76 46.65 -11.57
C GLY D 444 -20.88 45.66 -11.84
N PHE D 445 -20.97 45.22 -13.09
CA PHE D 445 -21.99 44.26 -13.47
C PHE D 445 -21.91 42.98 -12.62
N GLY D 446 -20.69 42.59 -12.25
CA GLY D 446 -20.48 41.40 -11.45
C GLY D 446 -21.12 41.42 -10.07
N GLN D 447 -21.71 40.29 -9.68
CA GLN D 447 -22.36 40.17 -8.39
C GLN D 447 -21.53 39.27 -7.49
N PHE D 448 -21.69 39.47 -6.19
CA PHE D 448 -21.03 38.70 -5.17
C PHE D 448 -21.81 37.38 -5.10
N VAL D 449 -21.12 36.26 -5.03
CA VAL D 449 -21.84 35.00 -4.91
C VAL D 449 -21.31 34.29 -3.67
N THR D 450 -22.17 33.52 -3.02
CA THR D 450 -21.75 32.86 -1.79
C THR D 450 -22.54 31.58 -1.48
N ARG D 451 -22.49 31.19 -0.20
CA ARG D 451 -23.14 30.02 0.37
C ARG D 451 -22.15 28.88 0.54
#